data_8WPW
#
_entry.id   8WPW
#
_cell.length_a   1.00
_cell.length_b   1.00
_cell.length_c   1.00
_cell.angle_alpha   90.00
_cell.angle_beta   90.00
_cell.angle_gamma   90.00
#
_symmetry.space_group_name_H-M   'P 1'
#
loop_
_entity.id
_entity.type
_entity.pdbx_description
1 polymer 'S309 fab heavy chain'
2 polymer 'S309 fab light chain'
3 polymer 'CB6 fab mutant heavy chain'
4 polymer 'CB6 fab mutant light chain'
5 polymer 'S304 fab heavy chain'
6 polymer 'S304 fab light chain'
7 polymer 'Spike protein S1'
8 branched 2-acetamido-2-deoxy-beta-D-glucopyranose-(1-4)-[alpha-L-fucopyranose-(1-6)]2-acetamido-2-deoxy-beta-D-glucopyranose
#
loop_
_entity_poly.entity_id
_entity_poly.type
_entity_poly.pdbx_seq_one_letter_code
_entity_poly.pdbx_strand_id
1 'polypeptide(L)'
;QVQLVQSGAEVKKPGASVKVSCKASGYPFTSYGISWVRQAPGQGLEWMGWISTYNGNTNYAQKFQGRVTMTTDTSTTTGY
MELRRLRSDDTAVYYCARDYTRGAWFGESLIGGFDNWGQGTLVTVSSASTKGPSVFPLAPSSKSTSGGTAALGCLVKDYF
PEPVTVSWNSGALTSGVHTFPAVLQSSGLYSLSSVVTVPSSSLGTQTYICNVNHKPSNTKVDKKVEPKSCDKTHHHHHH
;
A
2 'polypeptide(L)'
;EIVLTQSPGTLSLSPGERATLSCRASQTVSSTSLAWYQQKPGQAPRLLIYGASSRATGIPDRFSGSGSGTDFTLTISRLE
PEDFAVYYCQQHDTSLTFGGGTKVEIKRTVAAPSVFIFPPSDEQLKSGTASVVCLLNNFYPREAKVQWKVDNALQSGNSQ
ESVTEQDSKDSTYSLSSTLTLSKADYEKHKVYACEVTHQGLSSPVTKSFNRGECS
;
B
3 'polypeptide(L)'
;EVQLVESGGGLVQPGGSLRLSCAASEFIVSYNYMSWVRQAPGKGLEWVSVIYPGGSTFYADSVKGRFTISRDNSMNTLFL
QMNSLRAEDTAVYYCARVLPINGYYLDYWGQGTLVTVSSASTKGPSVFPLAPSSKSTSGGTAALGCLVKDYFPEPVTVSW
NSGALTSGVHTFPAVLQSSGLYSLSSVVTVPSSSLGTQTYICNVNHKPSNTKVDKRVEPKSCDKTHHHHHH
;
C
4 'polypeptide(L)'
;DIVMTQSPSSLSASVGDRVTITCRASQSIAYYLNWYQQKPGKAPKLLIYAASSLQSGVPSRFSGSGSGTDFTLTISSLQP
EDFATYYCQQSSDPPEYTFGQGTKLEIKRTVAAPSVFIFPPSDEQLKSGTASVVCLLNNFYPREAKVQWKVDNALQSGNS
QESVTEQDSKDSTYSLSSTLTLSKADYEKHKVYACEVTHQGLSSPVTKSFNRGECS
;
D
5 'polypeptide(L)'
;QVQLVESGGGLVQPGGSLRLSCAASGFTFSSYDMHWVRQTTGKGLEWVSTIGTAGDTYYPDSVKGRFTISREDAKNSLYL
QMNSLRAGDTAVYYCARGDSSGYYYYFDYWGQGTLLTVSSASTKGPSVFPLAPSSKSTSGGTAALGCLVKDYFPEPVTVS
WNSGALTSGVHTFPAVLQSSGLYSLSSVVTVPSSSLGTQTYICNVNHKPSNTKVDKRVEPKSCDKTHHHHHH
;
H
6 'polypeptide(L)'
;DIQMTQSPSSLSAAVGDRVTITCRASQSIGSYLNWYQQKPGKAPKLLIYAASSLQSGVPSRFSGSGSGTDFTLTISSLQP
EDFAIYYCQQSYVSPTYTFGPGTKVDIKRTVAAPSVFIFPPSDEQLKSGTASVVCLLNNFYPREAKVQWKVDNALQSGNS
QESVTEQDSKDSTYSLSSTLTLSKADYEKHKVYACEVTHQGLSSPVTKSFNRGECS
;
L
7 'polypeptide(L)'
;RVQPTESIVRFPNITNLCPFHEVFNATTFASVYAWNRKRISNCVADYSVIYNFAPFFAFKCYGVSPTKLNDLCFTNVYAD
SFVIRGNEVSQIAPGQTGNIADYNYKLPDDFTGCVIAWNSNKLDSKPSGNYNYLYRLFRKSKLKPFERDISTEIYQAGNK
PCNGVAGPNCYSPLQSYGFRPTYGVGHQPYRVVVLSFELLHAPATVCGPKKSTNLVKNKCVNFHHHHHH
;
R
#
loop_
_chem_comp.id
_chem_comp.type
_chem_comp.name
_chem_comp.formula
FUC L-saccharide, alpha linking alpha-L-fucopyranose 'C6 H12 O5'
NAG D-saccharide, beta linking 2-acetamido-2-deoxy-beta-D-glucopyranose 'C8 H15 N O6'
#
# COMPACT_ATOMS: atom_id res chain seq x y z
N GLN A 1 -17.78 14.18 -26.56
CA GLN A 1 -18.80 14.95 -27.25
C GLN A 1 -19.74 15.64 -26.26
N VAL A 2 -19.23 15.89 -25.06
CA VAL A 2 -20.01 16.57 -24.03
C VAL A 2 -20.06 18.05 -24.34
N GLN A 3 -21.26 18.62 -24.33
CA GLN A 3 -21.44 20.03 -24.65
C GLN A 3 -22.49 20.63 -23.72
N LEU A 4 -22.25 21.87 -23.30
CA LEU A 4 -23.20 22.63 -22.50
C LEU A 4 -23.42 23.98 -23.16
N VAL A 5 -24.69 24.32 -23.39
CA VAL A 5 -25.07 25.54 -24.09
C VAL A 5 -25.96 26.37 -23.18
N GLN A 6 -25.63 27.64 -23.02
CA GLN A 6 -26.34 28.54 -22.13
C GLN A 6 -27.17 29.55 -22.93
N SER A 7 -27.94 30.34 -22.20
CA SER A 7 -28.77 31.36 -22.80
C SER A 7 -27.94 32.59 -23.15
N GLY A 8 -28.59 33.56 -23.80
CA GLY A 8 -27.90 34.74 -24.28
C GLY A 8 -27.75 35.81 -23.22
N ALA A 9 -27.05 36.88 -23.62
CA ALA A 9 -26.78 37.98 -22.71
C ALA A 9 -28.06 38.73 -22.36
N GLU A 10 -28.11 39.22 -21.12
CA GLU A 10 -29.27 39.93 -20.61
C GLU A 10 -28.83 41.22 -19.94
N VAL A 11 -29.67 42.24 -20.03
CA VAL A 11 -29.45 43.52 -19.37
C VAL A 11 -30.65 43.79 -18.48
N LYS A 12 -30.40 43.93 -17.18
CA LYS A 12 -31.45 44.07 -16.18
C LYS A 12 -31.30 45.41 -15.46
N LYS A 13 -32.20 45.63 -14.50
CA LYS A 13 -32.24 46.82 -13.67
C LYS A 13 -32.20 46.43 -12.20
N PRO A 14 -31.72 47.33 -11.33
CA PRO A 14 -31.56 46.95 -9.92
C PRO A 14 -32.89 46.55 -9.28
N GLY A 15 -32.81 45.52 -8.42
CA GLY A 15 -33.97 45.01 -7.73
C GLY A 15 -34.73 43.92 -8.46
N ALA A 16 -34.40 43.64 -9.71
CA ALA A 16 -35.11 42.64 -10.48
C ALA A 16 -34.47 41.27 -10.29
N SER A 17 -34.88 40.29 -11.11
CA SER A 17 -34.34 38.95 -11.05
C SER A 17 -34.12 38.42 -12.47
N VAL A 18 -33.12 37.56 -12.62
CA VAL A 18 -32.76 36.99 -13.90
C VAL A 18 -32.63 35.48 -13.75
N LYS A 19 -33.07 34.74 -14.76
CA LYS A 19 -32.98 33.29 -14.78
C LYS A 19 -32.13 32.86 -15.96
N VAL A 20 -31.05 32.13 -15.69
CA VAL A 20 -30.09 31.69 -16.70
C VAL A 20 -30.25 30.19 -16.90
N SER A 21 -30.19 29.76 -18.15
CA SER A 21 -30.40 28.37 -18.53
C SER A 21 -29.08 27.71 -18.88
N CYS A 22 -29.10 26.38 -18.90
CA CYS A 22 -27.92 25.58 -19.24
C CYS A 22 -28.39 24.20 -19.68
N LYS A 23 -28.20 23.89 -20.96
CA LYS A 23 -28.66 22.63 -21.54
C LYS A 23 -27.46 21.74 -21.84
N ALA A 24 -27.53 20.48 -21.41
CA ALA A 24 -26.43 19.55 -21.53
C ALA A 24 -26.82 18.40 -22.45
N SER A 25 -25.85 17.92 -23.23
CA SER A 25 -26.06 16.82 -24.14
C SER A 25 -24.78 16.00 -24.25
N GLY A 26 -24.93 14.69 -24.38
CA GLY A 26 -23.81 13.81 -24.60
C GLY A 26 -23.37 12.95 -23.44
N TYR A 27 -24.14 12.89 -22.36
CA TYR A 27 -23.76 12.08 -21.20
C TYR A 27 -25.01 11.82 -20.37
N PRO A 28 -24.98 10.82 -19.49
CA PRO A 28 -26.13 10.59 -18.58
C PRO A 28 -26.31 11.76 -17.64
N PHE A 29 -27.49 12.39 -17.72
CA PHE A 29 -27.72 13.65 -17.03
C PHE A 29 -27.78 13.46 -15.52
N THR A 30 -28.38 12.37 -15.05
CA THR A 30 -28.61 12.20 -13.62
C THR A 30 -27.40 11.65 -12.87
N SER A 31 -26.32 11.31 -13.57
CA SER A 31 -25.13 10.78 -12.91
C SER A 31 -24.20 11.87 -12.39
N TYR A 32 -24.40 13.13 -12.78
CA TYR A 32 -23.52 14.20 -12.37
C TYR A 32 -24.36 15.41 -11.97
N GLY A 33 -23.80 16.20 -11.03
CA GLY A 33 -24.41 17.45 -10.64
C GLY A 33 -23.96 18.61 -11.53
N ILE A 34 -24.48 19.79 -11.21
CA ILE A 34 -24.16 21.02 -11.93
C ILE A 34 -23.74 22.08 -10.93
N SER A 35 -22.62 22.75 -11.22
CA SER A 35 -22.12 23.84 -10.39
C SER A 35 -22.11 25.14 -11.18
N TRP A 36 -22.30 26.24 -10.47
CA TRP A 36 -22.34 27.57 -11.08
C TRP A 36 -21.20 28.42 -10.55
N VAL A 37 -20.49 29.09 -11.46
CA VAL A 37 -19.37 29.96 -11.12
C VAL A 37 -19.50 31.23 -11.94
N ARG A 38 -19.23 32.37 -11.31
CA ARG A 38 -19.29 33.66 -11.99
C ARG A 38 -17.94 34.37 -11.90
N GLN A 39 -17.69 35.23 -12.87
CA GLN A 39 -16.43 35.96 -12.95
C GLN A 39 -16.72 37.42 -13.27
N ALA A 40 -16.48 38.31 -12.32
CA ALA A 40 -16.68 39.73 -12.56
C ALA A 40 -15.66 40.24 -13.57
N PRO A 41 -16.00 41.30 -14.31
CA PRO A 41 -15.08 41.79 -15.35
C PRO A 41 -13.76 42.24 -14.75
N GLY A 42 -12.68 41.61 -15.22
CA GLY A 42 -11.35 41.87 -14.69
C GLY A 42 -11.17 41.40 -13.26
N GLN A 43 -11.74 40.25 -12.91
CA GLN A 43 -11.62 39.70 -11.57
C GLN A 43 -11.40 38.20 -11.68
N GLY A 44 -11.52 37.50 -10.55
CA GLY A 44 -11.30 36.07 -10.50
C GLY A 44 -12.59 35.30 -10.30
N LEU A 45 -12.45 33.98 -10.43
CA LEU A 45 -13.59 33.08 -10.30
C LEU A 45 -14.08 33.03 -8.86
N GLU A 46 -15.41 33.01 -8.70
CA GLU A 46 -16.02 32.78 -7.39
C GLU A 46 -17.16 31.79 -7.54
N TRP A 47 -17.30 30.93 -6.54
CA TRP A 47 -18.27 29.83 -6.55
C TRP A 47 -19.62 30.32 -6.05
N MET A 48 -20.68 29.76 -6.64
CA MET A 48 -22.05 30.11 -6.28
C MET A 48 -22.80 28.97 -5.59
N GLY A 49 -22.81 27.78 -6.16
CA GLY A 49 -23.52 26.68 -5.54
C GLY A 49 -23.42 25.42 -6.36
N TRP A 50 -24.12 24.40 -5.89
CA TRP A 50 -24.11 23.08 -6.51
C TRP A 50 -25.50 22.46 -6.35
N ILE A 51 -25.94 21.72 -7.35
CA ILE A 51 -27.24 21.05 -7.33
C ILE A 51 -27.07 19.62 -7.83
N SER A 52 -27.84 18.71 -7.27
CA SER A 52 -27.86 17.31 -7.68
C SER A 52 -29.01 17.07 -8.64
N THR A 53 -28.71 16.46 -9.78
CA THR A 53 -29.71 16.17 -10.79
C THR A 53 -30.49 14.89 -10.52
N TYR A 54 -30.18 14.18 -9.44
CA TYR A 54 -30.82 12.92 -9.11
C TYR A 54 -31.91 13.06 -8.05
N ASN A 55 -31.72 13.93 -7.06
CA ASN A 55 -32.71 14.11 -6.00
C ASN A 55 -33.00 15.55 -5.65
N GLY A 56 -32.34 16.52 -6.29
CA GLY A 56 -32.64 17.92 -6.07
C GLY A 56 -31.98 18.56 -4.87
N ASN A 57 -31.06 17.87 -4.21
CA ASN A 57 -30.35 18.47 -3.08
C ASN A 57 -29.44 19.59 -3.58
N THR A 58 -29.36 20.66 -2.80
CA THR A 58 -28.61 21.85 -3.17
C THR A 58 -27.63 22.21 -2.07
N ASN A 59 -26.61 22.97 -2.45
CA ASN A 59 -25.58 23.42 -1.52
C ASN A 59 -25.05 24.75 -2.03
N TYR A 60 -25.43 25.84 -1.37
CA TYR A 60 -25.12 27.20 -1.81
C TYR A 60 -23.94 27.77 -1.04
N ALA A 61 -23.38 28.85 -1.57
CA ALA A 61 -22.36 29.61 -0.88
C ALA A 61 -22.99 30.58 0.10
N GLN A 62 -22.28 30.85 1.19
CA GLN A 62 -22.82 31.71 2.24
C GLN A 62 -23.09 33.12 1.74
N LYS A 63 -22.29 33.59 0.77
CA LYS A 63 -22.48 34.93 0.22
C LYS A 63 -23.80 35.07 -0.52
N PHE A 64 -24.36 33.98 -1.03
CA PHE A 64 -25.61 33.99 -1.79
C PHE A 64 -26.65 33.09 -1.13
N GLN A 65 -26.67 33.07 0.20
CA GLN A 65 -27.49 32.09 0.90
C GLN A 65 -28.98 32.28 0.64
N GLY A 66 -29.44 33.53 0.66
CA GLY A 66 -30.86 33.82 0.53
C GLY A 66 -31.33 34.43 -0.77
N ARG A 67 -30.50 34.46 -1.81
CA ARG A 67 -30.89 35.09 -3.06
C ARG A 67 -30.96 34.15 -4.25
N VAL A 68 -30.21 33.06 -4.25
CA VAL A 68 -30.08 32.20 -5.43
C VAL A 68 -30.86 30.91 -5.20
N THR A 69 -31.55 30.47 -6.25
CA THR A 69 -32.23 29.18 -6.26
C THR A 69 -31.87 28.45 -7.56
N MET A 70 -31.67 27.14 -7.45
CA MET A 70 -31.25 26.32 -8.57
C MET A 70 -32.23 25.17 -8.77
N THR A 71 -32.59 24.92 -10.03
CA THR A 71 -33.51 23.84 -10.39
C THR A 71 -32.97 23.12 -11.61
N THR A 72 -33.42 21.87 -11.77
CA THR A 72 -33.07 21.06 -12.92
C THR A 72 -34.33 20.41 -13.49
N ASP A 73 -34.32 20.20 -14.80
CA ASP A 73 -35.42 19.54 -15.51
C ASP A 73 -34.85 18.34 -16.25
N THR A 74 -35.24 17.14 -15.82
CA THR A 74 -34.69 15.93 -16.41
C THR A 74 -35.26 15.68 -17.81
N SER A 75 -36.47 16.14 -18.08
CA SER A 75 -37.09 15.91 -19.38
C SER A 75 -36.30 16.59 -20.49
N THR A 76 -35.90 17.83 -20.28
CA THR A 76 -35.17 18.60 -21.28
C THR A 76 -33.68 18.67 -21.02
N THR A 77 -33.20 18.02 -19.96
CA THR A 77 -31.79 18.03 -19.58
C THR A 77 -31.24 19.45 -19.50
N THR A 78 -31.90 20.26 -18.68
CA THR A 78 -31.59 21.68 -18.53
C THR A 78 -31.52 22.04 -17.06
N GLY A 79 -30.51 22.83 -16.69
CA GLY A 79 -30.38 23.39 -15.36
C GLY A 79 -30.65 24.87 -15.37
N TYR A 80 -31.18 25.38 -14.27
CA TYR A 80 -31.56 26.79 -14.16
C TYR A 80 -30.95 27.39 -12.90
N MET A 81 -30.68 28.69 -12.97
CA MET A 81 -30.24 29.48 -11.82
C MET A 81 -30.98 30.81 -11.85
N GLU A 82 -31.50 31.22 -10.71
CA GLU A 82 -32.19 32.49 -10.57
C GLU A 82 -31.55 33.31 -9.47
N LEU A 83 -31.25 34.58 -9.76
CA LEU A 83 -30.64 35.49 -8.80
C LEU A 83 -31.58 36.67 -8.60
N ARG A 84 -32.12 36.81 -7.40
CA ARG A 84 -33.06 37.87 -7.08
C ARG A 84 -32.33 39.04 -6.41
N ARG A 85 -33.03 40.17 -6.35
CA ARG A 85 -32.50 41.40 -5.75
C ARG A 85 -31.17 41.79 -6.42
N LEU A 86 -31.24 41.97 -7.73
CA LEU A 86 -30.05 42.27 -8.51
C LEU A 86 -29.46 43.60 -8.08
N ARG A 87 -28.13 43.61 -7.95
CA ARG A 87 -27.38 44.77 -7.47
C ARG A 87 -26.41 45.22 -8.56
N SER A 88 -25.89 46.43 -8.38
CA SER A 88 -24.98 46.98 -9.37
C SER A 88 -23.68 46.19 -9.48
N ASP A 89 -23.28 45.52 -8.40
CA ASP A 89 -22.03 44.76 -8.39
C ASP A 89 -22.23 43.29 -8.70
N ASP A 90 -23.35 42.92 -9.32
CA ASP A 90 -23.59 41.56 -9.77
C ASP A 90 -23.35 41.40 -11.27
N THR A 91 -22.78 42.41 -11.92
CA THR A 91 -22.44 42.32 -13.33
C THR A 91 -21.24 41.39 -13.50
N ALA A 92 -21.43 40.30 -14.22
CA ALA A 92 -20.39 39.29 -14.39
C ALA A 92 -20.81 38.35 -15.51
N VAL A 93 -19.91 37.42 -15.82
CA VAL A 93 -20.21 36.33 -16.74
C VAL A 93 -20.46 35.08 -15.92
N TYR A 94 -21.61 34.44 -16.10
CA TYR A 94 -22.03 33.31 -15.31
C TYR A 94 -21.80 32.02 -16.08
N TYR A 95 -21.10 31.07 -15.45
CA TYR A 95 -20.70 29.84 -16.09
C TYR A 95 -21.46 28.66 -15.52
N CYS A 96 -21.62 27.63 -16.34
CA CYS A 96 -22.29 26.39 -15.99
C CYS A 96 -21.33 25.25 -16.25
N ALA A 97 -21.13 24.39 -15.25
CA ALA A 97 -20.11 23.36 -15.36
C ALA A 97 -20.65 22.02 -14.86
N ARG A 98 -20.30 20.94 -15.56
CA ARG A 98 -20.53 19.61 -15.06
C ARG A 98 -19.58 19.34 -13.89
N ASP A 99 -20.10 18.69 -12.86
CA ASP A 99 -19.44 18.61 -11.57
C ASP A 99 -18.87 17.21 -11.32
N TYR A 100 -17.67 17.16 -10.78
CA TYR A 100 -17.04 15.93 -10.30
C TYR A 100 -16.44 16.17 -8.92
N THR A 101 -17.09 16.98 -8.11
CA THR A 101 -16.66 17.26 -6.75
C THR A 101 -17.58 16.67 -5.69
N ARG A 102 -18.88 16.66 -5.94
CA ARG A 102 -19.86 16.08 -5.02
C ARG A 102 -20.66 15.02 -5.77
N GLY A 103 -20.92 13.90 -5.08
CA GLY A 103 -21.70 12.84 -5.70
C GLY A 103 -23.18 13.22 -5.78
N ALA A 104 -23.81 12.82 -6.88
CA ALA A 104 -25.22 13.15 -7.09
C ALA A 104 -26.15 12.27 -6.26
N TRP A 105 -25.78 11.02 -6.02
CA TRP A 105 -26.65 10.11 -5.27
C TRP A 105 -26.51 10.30 -3.78
N PHE A 106 -25.28 10.23 -3.26
CA PHE A 106 -25.06 10.18 -1.82
C PHE A 106 -24.58 11.50 -1.24
N GLY A 107 -23.98 12.38 -2.04
CA GLY A 107 -23.61 13.68 -1.55
C GLY A 107 -22.30 13.74 -0.80
N GLU A 108 -21.26 13.10 -1.32
CA GLU A 108 -19.95 13.09 -0.69
C GLU A 108 -18.88 13.47 -1.70
N SER A 109 -17.72 13.88 -1.18
CA SER A 109 -16.66 14.41 -2.00
C SER A 109 -16.09 13.36 -2.95
N LEU A 110 -15.61 13.84 -4.10
CA LEU A 110 -14.98 13.00 -5.11
C LEU A 110 -13.63 13.59 -5.46
N ILE A 111 -12.83 12.79 -6.17
CA ILE A 111 -11.52 13.23 -6.65
C ILE A 111 -11.70 13.77 -8.07
N GLY A 112 -11.63 15.08 -8.21
CA GLY A 112 -11.79 15.69 -9.52
C GLY A 112 -12.02 17.19 -9.40
N GLY A 113 -12.62 17.76 -10.43
CA GLY A 113 -12.95 19.17 -10.45
C GLY A 113 -14.19 19.40 -11.30
N PHE A 114 -14.21 20.54 -11.99
CA PHE A 114 -15.27 20.85 -12.95
C PHE A 114 -14.75 20.47 -14.34
N ASP A 115 -15.19 19.31 -14.83
CA ASP A 115 -14.58 18.73 -16.02
C ASP A 115 -15.00 19.41 -17.31
N ASN A 116 -16.25 19.87 -17.40
CA ASN A 116 -16.75 20.50 -18.62
C ASN A 116 -17.42 21.82 -18.28
N TRP A 117 -17.24 22.81 -19.14
CA TRP A 117 -17.74 24.16 -18.90
C TRP A 117 -18.63 24.62 -20.05
N GLY A 118 -19.55 25.52 -19.74
CA GLY A 118 -20.32 26.21 -20.75
C GLY A 118 -19.55 27.37 -21.35
N GLN A 119 -20.26 28.16 -22.14
CA GLN A 119 -19.64 29.28 -22.84
C GLN A 119 -19.82 30.62 -22.14
N GLY A 120 -20.73 30.72 -21.18
CA GLY A 120 -20.86 31.93 -20.40
C GLY A 120 -22.01 32.83 -20.79
N THR A 121 -22.66 33.43 -19.81
CA THR A 121 -23.76 34.36 -20.02
C THR A 121 -23.47 35.65 -19.29
N LEU A 122 -23.45 36.76 -20.02
CA LEU A 122 -23.17 38.07 -19.44
C LEU A 122 -24.44 38.72 -18.97
N VAL A 123 -24.45 39.16 -17.71
CA VAL A 123 -25.57 39.87 -17.11
C VAL A 123 -25.11 41.25 -16.72
N THR A 124 -25.83 42.28 -17.17
CA THR A 124 -25.50 43.66 -16.90
C THR A 124 -26.59 44.29 -16.05
N VAL A 125 -26.22 44.85 -14.92
CA VAL A 125 -27.15 45.52 -14.01
C VAL A 125 -26.75 46.98 -13.93
N SER A 126 -27.60 47.86 -14.49
CA SER A 126 -27.33 49.29 -14.46
C SER A 126 -28.65 50.03 -14.63
N SER A 127 -28.69 51.26 -14.12
CA SER A 127 -29.86 52.11 -14.24
C SER A 127 -29.64 53.12 -15.36
N ALA A 128 -29.85 52.65 -16.59
CA ALA A 128 -29.71 53.49 -17.77
C ALA A 128 -30.49 52.87 -18.91
N SER A 129 -30.80 53.68 -19.90
CA SER A 129 -31.57 53.27 -21.06
C SER A 129 -30.66 53.14 -22.28
N THR A 130 -31.16 52.42 -23.28
CA THR A 130 -30.37 52.21 -24.50
C THR A 130 -30.10 53.54 -25.19
N LYS A 131 -28.84 53.74 -25.57
CA LYS A 131 -28.40 54.97 -26.20
C LYS A 131 -27.52 54.62 -27.40
N GLY A 132 -27.09 55.65 -28.13
CA GLY A 132 -26.26 55.46 -29.29
C GLY A 132 -24.95 56.22 -29.21
N PRO A 133 -23.94 55.74 -29.93
CA PRO A 133 -22.62 56.36 -29.84
C PRO A 133 -22.62 57.77 -30.42
N SER A 134 -21.95 58.67 -29.72
CA SER A 134 -21.70 60.04 -30.20
C SER A 134 -20.27 60.09 -30.71
N VAL A 135 -20.07 59.55 -31.91
CA VAL A 135 -18.72 59.38 -32.45
C VAL A 135 -18.11 60.73 -32.77
N PHE A 136 -16.84 60.90 -32.38
CA PHE A 136 -16.07 62.11 -32.64
C PHE A 136 -14.76 61.73 -33.31
N PRO A 137 -14.25 62.60 -34.19
CA PRO A 137 -12.98 62.32 -34.86
C PRO A 137 -11.78 62.93 -34.14
N LEU A 138 -10.67 62.21 -34.21
CA LEU A 138 -9.39 62.67 -33.70
C LEU A 138 -8.45 62.92 -34.87
N ALA A 139 -7.88 64.14 -34.93
CA ALA A 139 -7.12 64.46 -36.13
C ALA A 139 -5.63 64.42 -35.86
N PRO A 140 -4.84 64.04 -36.86
CA PRO A 140 -3.38 64.06 -36.71
C PRO A 140 -2.86 65.48 -36.59
N SER A 141 -1.70 65.61 -35.94
CA SER A 141 -1.09 66.91 -35.77
C SER A 141 -0.54 67.41 -37.11
N SER A 142 -0.29 68.72 -37.16
CA SER A 142 0.23 69.34 -38.38
C SER A 142 1.61 68.81 -38.72
N LYS A 143 2.46 68.60 -37.71
CA LYS A 143 3.83 68.15 -37.92
C LYS A 143 3.84 66.66 -38.26
N SER A 144 3.51 66.36 -39.51
CA SER A 144 3.57 65.00 -40.02
C SER A 144 5.03 64.67 -40.32
N THR A 145 5.77 64.24 -39.31
CA THR A 145 7.21 64.04 -39.44
C THR A 145 7.72 63.06 -38.40
N SER A 146 9.05 63.01 -38.21
CA SER A 146 9.69 62.10 -37.26
C SER A 146 9.39 60.64 -37.60
N GLY A 147 9.89 60.21 -38.75
CA GLY A 147 9.68 58.86 -39.23
C GLY A 147 8.61 58.70 -40.28
N GLY A 148 7.91 59.78 -40.64
CA GLY A 148 6.88 59.70 -41.65
C GLY A 148 5.73 58.80 -41.29
N THR A 149 5.34 58.76 -40.02
CA THR A 149 4.23 57.94 -39.55
C THR A 149 3.52 58.67 -38.43
N ALA A 150 2.19 58.76 -38.53
CA ALA A 150 1.36 59.41 -37.53
C ALA A 150 0.20 58.50 -37.17
N ALA A 151 -0.43 58.80 -36.03
CA ALA A 151 -1.53 58.00 -35.51
C ALA A 151 -2.80 58.83 -35.48
N LEU A 152 -3.90 58.27 -35.99
CA LEU A 152 -5.19 58.93 -35.99
C LEU A 152 -6.26 57.93 -35.61
N GLY A 153 -7.37 58.43 -35.08
CA GLY A 153 -8.43 57.54 -34.62
C GLY A 153 -9.74 58.27 -34.44
N CYS A 154 -10.74 57.50 -34.03
CA CYS A 154 -12.08 58.00 -33.76
C CYS A 154 -12.47 57.66 -32.32
N LEU A 155 -13.20 58.57 -31.69
CA LEU A 155 -13.61 58.43 -30.30
C LEU A 155 -15.09 58.09 -30.22
N VAL A 156 -15.42 57.04 -29.47
CA VAL A 156 -16.80 56.63 -29.23
C VAL A 156 -17.14 56.98 -27.78
N LYS A 157 -18.23 57.71 -27.58
CA LYS A 157 -18.55 58.24 -26.27
C LYS A 157 -20.04 58.07 -25.98
N ASP A 158 -20.36 57.77 -24.72
CA ASP A 158 -21.72 57.82 -24.19
C ASP A 158 -22.66 56.86 -24.95
N TYR A 159 -22.36 55.57 -24.81
CA TYR A 159 -23.22 54.53 -25.37
C TYR A 159 -23.51 53.48 -24.29
N PHE A 160 -24.67 52.85 -24.43
CA PHE A 160 -25.10 51.79 -23.52
C PHE A 160 -25.32 50.52 -24.35
N PRO A 161 -25.75 49.39 -23.75
CA PRO A 161 -25.19 48.08 -24.12
C PRO A 161 -23.71 48.05 -24.53
N GLU A 162 -23.05 46.95 -24.19
CA GLU A 162 -21.60 46.89 -24.29
C GLU A 162 -21.11 46.79 -25.73
N PRO A 163 -21.55 45.85 -26.56
CA PRO A 163 -20.83 45.56 -27.82
C PRO A 163 -20.90 46.73 -28.79
N VAL A 164 -19.72 47.23 -29.17
CA VAL A 164 -19.58 48.19 -30.27
C VAL A 164 -18.42 47.72 -31.14
N THR A 165 -18.64 47.70 -32.45
CA THR A 165 -17.64 47.24 -33.41
C THR A 165 -17.12 48.43 -34.20
N VAL A 166 -15.80 48.60 -34.20
CA VAL A 166 -15.14 49.70 -34.89
C VAL A 166 -14.24 49.12 -35.96
N SER A 167 -14.46 49.52 -37.21
CA SER A 167 -13.64 49.10 -38.33
C SER A 167 -13.25 50.33 -39.16
N TRP A 168 -12.07 50.25 -39.77
CA TRP A 168 -11.54 51.35 -40.57
C TRP A 168 -11.62 50.98 -42.05
N ASN A 169 -12.36 51.78 -42.81
CA ASN A 169 -12.48 51.61 -44.26
C ASN A 169 -12.98 50.23 -44.64
N SER A 170 -13.83 49.65 -43.80
CA SER A 170 -14.47 48.36 -44.07
C SER A 170 -13.44 47.28 -44.39
N GLY A 171 -12.34 47.29 -43.66
CA GLY A 171 -11.32 46.26 -43.79
C GLY A 171 -10.10 46.63 -44.62
N ALA A 172 -10.04 47.85 -45.15
CA ALA A 172 -8.86 48.25 -45.90
C ALA A 172 -7.64 48.34 -44.99
N LEU A 173 -7.81 48.87 -43.79
CA LEU A 173 -6.73 48.98 -42.81
C LEU A 173 -6.98 47.96 -41.71
N THR A 174 -6.33 46.79 -41.81
CA THR A 174 -6.40 45.78 -40.77
C THR A 174 -5.12 45.67 -39.96
N SER A 175 -3.99 46.12 -40.50
CA SER A 175 -2.73 46.12 -39.77
C SER A 175 -2.48 47.47 -39.12
N GLY A 176 -1.82 47.43 -37.96
CA GLY A 176 -1.59 48.65 -37.21
C GLY A 176 -2.85 49.29 -36.67
N VAL A 177 -3.77 48.48 -36.14
CA VAL A 177 -5.03 48.96 -35.59
C VAL A 177 -5.10 48.54 -34.13
N HIS A 178 -5.39 49.50 -33.26
CA HIS A 178 -5.51 49.25 -31.83
C HIS A 178 -6.85 49.79 -31.35
N THR A 179 -7.70 48.89 -30.85
CA THR A 179 -8.99 49.26 -30.30
C THR A 179 -8.98 48.92 -28.81
N PHE A 180 -9.15 49.94 -27.98
CA PHE A 180 -9.03 49.78 -26.54
C PHE A 180 -10.32 49.23 -25.95
N PRO A 181 -10.22 48.51 -24.83
CA PRO A 181 -11.43 48.03 -24.15
C PRO A 181 -12.26 49.19 -23.60
N ALA A 182 -13.56 48.96 -23.50
CA ALA A 182 -14.48 49.98 -23.02
C ALA A 182 -14.25 50.27 -21.54
N VAL A 183 -14.57 51.49 -21.14
CA VAL A 183 -14.45 51.92 -19.75
C VAL A 183 -15.77 52.53 -19.31
N LEU A 184 -16.24 52.12 -18.13
CA LEU A 184 -17.50 52.61 -17.61
C LEU A 184 -17.29 53.96 -16.93
N GLN A 185 -17.99 54.98 -17.40
CA GLN A 185 -17.84 56.32 -16.85
C GLN A 185 -18.66 56.47 -15.57
N SER A 186 -18.69 57.69 -15.04
CA SER A 186 -19.48 57.98 -13.85
C SER A 186 -20.92 58.32 -14.18
N SER A 187 -21.26 58.49 -15.46
CA SER A 187 -22.63 58.76 -15.88
C SER A 187 -23.41 57.50 -16.24
N GLY A 188 -22.78 56.32 -16.14
CA GLY A 188 -23.44 55.08 -16.44
C GLY A 188 -23.29 54.59 -17.87
N LEU A 189 -22.70 55.39 -18.75
CA LEU A 189 -22.51 55.01 -20.14
C LEU A 189 -21.05 54.67 -20.40
N TYR A 190 -20.82 53.78 -21.37
CA TYR A 190 -19.48 53.33 -21.70
C TYR A 190 -18.82 54.27 -22.70
N SER A 191 -17.53 54.04 -22.93
CA SER A 191 -16.76 54.82 -23.87
C SER A 191 -15.64 53.95 -24.44
N LEU A 192 -15.14 54.35 -25.60
CA LEU A 192 -14.16 53.54 -26.31
C LEU A 192 -13.39 54.44 -27.27
N SER A 193 -12.20 53.97 -27.66
CA SER A 193 -11.36 54.68 -28.61
C SER A 193 -10.59 53.65 -29.43
N SER A 194 -10.40 53.96 -30.71
CA SER A 194 -9.61 53.10 -31.60
C SER A 194 -8.67 53.99 -32.41
N VAL A 195 -7.39 53.63 -32.42
CA VAL A 195 -6.34 54.43 -33.05
C VAL A 195 -5.55 53.55 -33.99
N VAL A 196 -5.20 54.09 -35.16
CA VAL A 196 -4.38 53.41 -36.15
C VAL A 196 -3.23 54.32 -36.54
N THR A 197 -2.17 53.71 -37.07
CA THR A 197 -0.98 54.42 -37.50
C THR A 197 -0.82 54.26 -39.01
N VAL A 198 -0.66 55.39 -39.70
CA VAL A 198 -0.50 55.39 -41.15
C VAL A 198 0.71 56.25 -41.50
N PRO A 199 1.32 56.00 -42.66
CA PRO A 199 2.44 56.86 -43.10
C PRO A 199 1.99 58.31 -43.26
N SER A 200 2.91 59.23 -42.94
CA SER A 200 2.59 60.65 -43.01
C SER A 200 2.26 61.08 -44.43
N SER A 201 3.01 60.56 -45.41
CA SER A 201 2.76 60.93 -46.80
C SER A 201 1.44 60.34 -47.29
N SER A 202 0.97 59.26 -46.67
CA SER A 202 -0.26 58.61 -47.09
C SER A 202 -1.48 59.44 -46.75
N LEU A 203 -1.31 60.45 -45.89
CA LEU A 203 -2.44 61.26 -45.46
C LEU A 203 -3.06 61.99 -46.65
N GLY A 204 -2.23 62.59 -47.51
CA GLY A 204 -2.76 63.30 -48.65
C GLY A 204 -3.39 62.40 -49.70
N THR A 205 -2.78 61.24 -49.93
CA THR A 205 -3.16 60.37 -51.05
C THR A 205 -4.16 59.29 -50.66
N GLN A 206 -4.60 59.24 -49.41
CA GLN A 206 -5.55 58.23 -48.96
C GLN A 206 -6.64 58.87 -48.12
N THR A 207 -7.79 58.20 -48.09
CA THR A 207 -8.93 58.63 -47.28
C THR A 207 -9.29 57.50 -46.32
N TYR A 208 -9.46 57.86 -45.05
CA TYR A 208 -9.77 56.89 -44.00
C TYR A 208 -11.11 57.23 -43.38
N ILE A 209 -12.00 56.23 -43.30
CA ILE A 209 -13.30 56.39 -42.68
C ILE A 209 -13.38 55.46 -41.47
N CYS A 210 -14.18 55.85 -40.49
CA CYS A 210 -14.36 55.10 -39.25
C CYS A 210 -15.80 54.60 -39.21
N ASN A 211 -15.96 53.29 -39.05
CA ASN A 211 -17.26 52.63 -39.09
C ASN A 211 -17.62 52.14 -37.70
N VAL A 212 -18.83 52.50 -37.25
CA VAL A 212 -19.35 52.10 -35.95
C VAL A 212 -20.68 51.42 -36.16
N ASN A 213 -20.86 50.25 -35.56
CA ASN A 213 -22.08 49.45 -35.70
C ASN A 213 -22.59 49.08 -34.32
N HIS A 214 -23.42 49.93 -33.74
CA HIS A 214 -24.05 49.67 -32.44
C HIS A 214 -25.33 48.91 -32.71
N LYS A 215 -25.23 47.57 -32.66
CA LYS A 215 -26.36 46.72 -33.03
C LYS A 215 -27.59 46.92 -32.16
N PRO A 216 -27.50 46.98 -30.82
CA PRO A 216 -28.74 47.13 -30.02
C PRO A 216 -29.57 48.36 -30.38
N SER A 217 -28.92 49.48 -30.68
CA SER A 217 -29.65 50.67 -31.11
C SER A 217 -29.73 50.80 -32.63
N ASN A 218 -29.06 49.92 -33.38
CA ASN A 218 -29.04 49.94 -34.83
C ASN A 218 -28.59 51.29 -35.39
N THR A 219 -27.70 51.97 -34.65
CA THR A 219 -27.20 53.28 -35.07
C THR A 219 -25.85 53.12 -35.76
N LYS A 220 -25.89 52.55 -36.96
CA LYS A 220 -24.69 52.37 -37.76
C LYS A 220 -24.27 53.72 -38.32
N VAL A 221 -23.06 54.16 -37.96
CA VAL A 221 -22.55 55.46 -38.34
C VAL A 221 -21.20 55.28 -39.01
N ASP A 222 -21.02 55.88 -40.18
CA ASP A 222 -19.74 55.90 -40.87
C ASP A 222 -19.27 57.34 -40.99
N LYS A 223 -18.04 57.60 -40.54
CA LYS A 223 -17.48 58.94 -40.57
C LYS A 223 -16.01 58.84 -40.96
N LYS A 224 -15.50 59.92 -41.56
CA LYS A 224 -14.14 59.97 -42.06
C LYS A 224 -13.33 61.00 -41.27
N VAL A 225 -12.02 60.80 -41.27
CA VAL A 225 -11.09 61.66 -40.53
C VAL A 225 -10.10 62.27 -41.52
N GLU A 226 -9.94 63.58 -41.44
CA GLU A 226 -9.01 64.32 -42.29
C GLU A 226 -8.13 65.21 -41.42
N PRO A 227 -6.93 65.54 -41.88
CA PRO A 227 -6.05 66.40 -41.09
C PRO A 227 -6.67 67.77 -40.83
N LYS A 228 -6.41 68.31 -39.64
CA LYS A 228 -6.96 69.59 -39.24
C LYS A 228 -6.34 70.73 -40.05
N GLU B 1 -13.04 30.21 6.34
CA GLU B 1 -12.77 29.09 5.45
C GLU B 1 -11.33 29.12 4.94
N ILE B 2 -10.94 28.05 4.25
CA ILE B 2 -9.57 27.96 3.74
C ILE B 2 -9.37 29.00 2.65
N VAL B 3 -8.25 29.71 2.71
CA VAL B 3 -7.92 30.78 1.75
C VAL B 3 -6.66 30.37 1.00
N LEU B 4 -6.72 30.44 -0.33
CA LEU B 4 -5.61 30.06 -1.18
C LEU B 4 -4.92 31.32 -1.71
N THR B 5 -3.59 31.34 -1.64
CA THR B 5 -2.79 32.45 -2.12
C THR B 5 -1.87 31.95 -3.22
N GLN B 6 -1.90 32.62 -4.37
CA GLN B 6 -1.05 32.28 -5.50
C GLN B 6 0.01 33.36 -5.67
N SER B 7 1.26 32.94 -5.80
CA SER B 7 2.38 33.85 -5.99
C SER B 7 3.29 33.33 -7.10
N PRO B 8 3.77 34.22 -7.98
CA PRO B 8 3.43 35.65 -8.01
C PRO B 8 2.17 35.92 -8.81
N GLY B 9 1.70 37.17 -8.77
CA GLY B 9 0.54 37.54 -9.58
C GLY B 9 0.80 37.45 -11.08
N THR B 10 1.98 37.88 -11.50
CA THR B 10 2.39 37.80 -12.90
C THR B 10 3.75 37.10 -12.97
N LEU B 11 3.95 36.34 -14.05
CA LEU B 11 5.16 35.55 -14.23
C LEU B 11 5.60 35.70 -15.69
N SER B 12 6.47 36.68 -15.94
CA SER B 12 6.97 36.94 -17.29
C SER B 12 8.10 35.98 -17.61
N LEU B 13 7.88 35.11 -18.59
CA LEU B 13 8.87 34.12 -18.99
C LEU B 13 8.96 34.09 -20.51
N SER B 14 10.14 33.70 -21.00
CA SER B 14 10.35 33.56 -22.43
C SER B 14 9.83 32.21 -22.92
N PRO B 15 9.43 32.12 -24.19
CA PRO B 15 8.97 30.83 -24.72
C PRO B 15 10.07 29.77 -24.64
N GLY B 16 9.65 28.54 -24.37
CA GLY B 16 10.57 27.42 -24.27
C GLY B 16 11.12 27.18 -22.88
N GLU B 17 10.98 28.13 -21.96
CA GLU B 17 11.49 27.96 -20.62
C GLU B 17 10.51 27.12 -19.79
N ARG B 18 10.87 26.88 -18.54
CA ARG B 18 10.01 26.17 -17.60
C ARG B 18 9.34 27.16 -16.67
N ALA B 19 8.17 26.79 -16.17
CA ALA B 19 7.37 27.66 -15.31
C ALA B 19 7.03 26.94 -14.01
N THR B 20 7.11 27.67 -12.91
CA THR B 20 6.75 27.16 -11.60
C THR B 20 5.71 28.08 -10.98
N LEU B 21 4.56 27.52 -10.62
CA LEU B 21 3.48 28.27 -10.00
C LEU B 21 3.21 27.69 -8.61
N SER B 22 2.85 28.57 -7.67
CA SER B 22 2.71 28.20 -6.27
C SER B 22 1.30 28.47 -5.79
N CYS B 23 0.73 27.51 -5.07
CA CYS B 23 -0.57 27.65 -4.42
C CYS B 23 -0.42 27.21 -2.98
N ARG B 24 -0.69 28.13 -2.05
CA ARG B 24 -0.50 27.88 -0.62
C ARG B 24 -1.83 28.03 0.12
N ALA B 25 -2.04 27.19 1.13
CA ALA B 25 -3.27 27.17 1.89
C ALA B 25 -3.01 27.54 3.34
N SER B 26 -4.00 28.20 3.95
CA SER B 26 -3.87 28.59 5.35
C SER B 26 -3.96 27.40 6.28
N GLN B 27 -4.72 26.37 5.90
CA GLN B 27 -4.84 25.14 6.66
C GLN B 27 -4.30 23.99 5.81
N THR B 28 -4.50 22.77 6.30
CA THR B 28 -4.05 21.57 5.60
C THR B 28 -5.14 21.11 4.64
N VAL B 29 -4.75 20.87 3.39
CA VAL B 29 -5.66 20.42 2.35
C VAL B 29 -5.22 19.03 1.89
N SER B 30 -6.17 18.10 1.83
CA SER B 30 -5.87 16.76 1.36
C SER B 30 -5.46 16.79 -0.11
N SER B 31 -4.52 15.91 -0.47
CA SER B 31 -4.02 15.89 -1.84
C SER B 31 -5.08 15.50 -2.85
N THR B 32 -6.17 14.88 -2.40
CA THR B 32 -7.24 14.45 -3.28
C THR B 32 -8.29 15.53 -3.52
N SER B 33 -8.12 16.71 -2.95
CA SER B 33 -9.10 17.79 -3.07
C SER B 33 -8.46 19.07 -3.57
N LEU B 34 -7.53 18.96 -4.52
CA LEU B 34 -6.91 20.13 -5.13
C LEU B 34 -6.94 19.98 -6.64
N ALA B 35 -7.12 21.11 -7.33
CA ALA B 35 -7.23 21.11 -8.79
C ALA B 35 -6.63 22.39 -9.35
N TRP B 36 -6.34 22.35 -10.65
CA TRP B 36 -5.79 23.49 -11.37
C TRP B 36 -6.62 23.75 -12.62
N TYR B 37 -6.70 25.02 -13.03
CA TYR B 37 -7.51 25.43 -14.16
C TYR B 37 -6.71 26.39 -15.03
N GLN B 38 -7.06 26.41 -16.32
CA GLN B 38 -6.45 27.30 -17.29
C GLN B 38 -7.54 28.08 -18.00
N GLN B 39 -7.33 29.39 -18.19
CA GLN B 39 -8.30 30.24 -18.85
C GLN B 39 -7.58 31.14 -19.84
N LYS B 40 -7.74 30.86 -21.12
CA LYS B 40 -7.24 31.73 -22.17
C LYS B 40 -8.15 32.95 -22.30
N PRO B 41 -7.64 34.08 -22.80
CA PRO B 41 -8.45 35.29 -22.87
C PRO B 41 -9.70 35.09 -23.72
N GLY B 42 -10.82 35.62 -23.23
CA GLY B 42 -12.09 35.50 -23.93
C GLY B 42 -12.56 34.08 -24.12
N GLN B 43 -12.28 33.19 -23.16
CA GLN B 43 -12.69 31.80 -23.27
C GLN B 43 -13.03 31.29 -21.87
N ALA B 44 -13.79 30.20 -21.83
CA ALA B 44 -14.16 29.56 -20.58
C ALA B 44 -12.99 28.76 -20.02
N PRO B 45 -12.91 28.61 -18.70
CA PRO B 45 -11.82 27.84 -18.10
C PRO B 45 -11.90 26.36 -18.45
N ARG B 46 -10.75 25.70 -18.37
CA ARG B 46 -10.65 24.26 -18.60
C ARG B 46 -9.82 23.61 -17.50
N LEU B 47 -10.11 22.35 -17.22
CA LEU B 47 -9.43 21.62 -16.17
C LEU B 47 -8.10 21.06 -16.66
N LEU B 48 -7.07 21.19 -15.83
CA LEU B 48 -5.74 20.67 -16.13
C LEU B 48 -5.36 19.51 -15.23
N ILE B 49 -5.37 19.71 -13.92
CA ILE B 49 -4.88 18.75 -12.95
C ILE B 49 -5.95 18.52 -11.89
N TYR B 50 -6.22 17.26 -11.58
CA TYR B 50 -7.09 16.90 -10.47
C TYR B 50 -6.34 15.93 -9.57
N GLY B 51 -6.58 16.04 -8.26
CA GLY B 51 -5.84 15.25 -7.31
C GLY B 51 -4.41 15.67 -7.10
N ALA B 52 -4.03 16.84 -7.62
CA ALA B 52 -2.72 17.47 -7.44
C ALA B 52 -1.62 16.77 -8.22
N SER B 53 -1.91 15.63 -8.83
CA SER B 53 -0.89 14.92 -9.60
C SER B 53 -1.41 14.24 -10.86
N SER B 54 -2.68 14.38 -11.21
CA SER B 54 -3.27 13.64 -12.32
C SER B 54 -3.75 14.59 -13.40
N ARG B 55 -3.38 14.31 -14.64
CA ARG B 55 -3.81 15.11 -15.77
C ARG B 55 -5.21 14.70 -16.23
N ALA B 56 -5.92 15.65 -16.83
CA ALA B 56 -7.29 15.43 -17.28
C ALA B 56 -7.28 14.83 -18.68
N THR B 57 -8.44 14.77 -19.31
CA THR B 57 -8.56 14.19 -20.64
C THR B 57 -7.99 15.15 -21.68
N GLY B 58 -7.12 14.64 -22.54
CA GLY B 58 -6.54 15.43 -23.60
C GLY B 58 -5.63 16.56 -23.14
N ILE B 59 -4.79 16.30 -22.15
CA ILE B 59 -3.85 17.28 -21.63
C ILE B 59 -2.44 16.78 -21.92
N PRO B 60 -1.58 17.60 -22.54
CA PRO B 60 -0.24 17.12 -22.88
C PRO B 60 0.61 16.85 -21.65
N ASP B 61 1.76 16.22 -21.89
CA ASP B 61 2.67 15.83 -20.82
C ASP B 61 3.47 17.00 -20.26
N ARG B 62 3.36 18.19 -20.87
CA ARG B 62 4.10 19.34 -20.38
C ARG B 62 3.65 19.72 -18.97
N PHE B 63 2.35 19.64 -18.71
CA PHE B 63 1.81 20.04 -17.42
C PHE B 63 1.94 18.91 -16.41
N SER B 64 2.54 19.22 -15.26
CA SER B 64 2.67 18.27 -14.17
C SER B 64 2.42 18.99 -12.85
N GLY B 65 1.99 18.23 -11.86
CA GLY B 65 1.69 18.80 -10.55
C GLY B 65 2.24 17.93 -9.45
N SER B 66 2.62 18.58 -8.35
CA SER B 66 3.15 17.88 -7.18
C SER B 66 3.00 18.77 -5.97
N GLY B 67 2.82 18.15 -4.82
CA GLY B 67 2.70 18.88 -3.58
C GLY B 67 1.92 18.10 -2.55
N SER B 68 1.97 18.57 -1.31
CA SER B 68 1.26 17.94 -0.21
C SER B 68 1.10 18.95 0.90
N GLY B 69 0.17 18.65 1.82
CA GLY B 69 -0.06 19.51 2.97
C GLY B 69 -0.61 20.87 2.60
N THR B 70 0.22 21.90 2.74
CA THR B 70 -0.19 23.28 2.45
C THR B 70 0.70 23.94 1.40
N ASP B 71 1.37 23.15 0.56
CA ASP B 71 2.22 23.69 -0.49
C ASP B 71 2.05 22.85 -1.74
N PHE B 72 1.63 23.48 -2.83
CA PHE B 72 1.37 22.80 -4.08
C PHE B 72 2.02 23.57 -5.22
N THR B 73 2.40 22.84 -6.27
CA THR B 73 3.16 23.40 -7.37
C THR B 73 2.65 22.86 -8.70
N LEU B 74 2.58 23.73 -9.69
CA LEU B 74 2.27 23.34 -11.07
C LEU B 74 3.48 23.67 -11.94
N THR B 75 3.90 22.70 -12.75
CA THR B 75 5.11 22.83 -13.55
C THR B 75 4.78 22.68 -15.03
N ILE B 76 5.29 23.59 -15.84
CA ILE B 76 5.21 23.52 -17.30
C ILE B 76 6.63 23.37 -17.82
N SER B 77 6.93 22.23 -18.43
CA SER B 77 8.29 21.95 -18.86
C SER B 77 8.72 22.85 -20.01
N ARG B 78 7.89 22.96 -21.04
CA ARG B 78 8.16 23.82 -22.18
C ARG B 78 6.97 24.76 -22.39
N LEU B 79 7.27 26.01 -22.71
CA LEU B 79 6.25 27.05 -22.85
C LEU B 79 5.96 27.25 -24.33
N GLU B 80 4.91 26.59 -24.81
CA GLU B 80 4.39 26.84 -26.15
C GLU B 80 3.58 28.14 -26.17
N PRO B 81 3.39 28.74 -27.35
CA PRO B 81 2.69 30.03 -27.40
C PRO B 81 1.24 29.96 -26.93
N GLU B 82 0.61 28.79 -26.92
CA GLU B 82 -0.75 28.68 -26.44
C GLU B 82 -0.85 28.40 -24.95
N ASP B 83 0.28 28.39 -24.24
CA ASP B 83 0.32 28.17 -22.81
C ASP B 83 0.41 29.45 -22.01
N PHE B 84 0.24 30.60 -22.64
CA PHE B 84 0.28 31.89 -21.97
C PHE B 84 -1.15 32.31 -21.65
N ALA B 85 -1.56 32.09 -20.41
CA ALA B 85 -2.93 32.35 -19.97
C ALA B 85 -2.90 32.58 -18.46
N VAL B 86 -4.08 32.55 -17.85
CA VAL B 86 -4.24 32.73 -16.41
C VAL B 86 -4.58 31.38 -15.79
N TYR B 87 -3.91 31.04 -14.69
CA TYR B 87 -4.06 29.74 -14.04
C TYR B 87 -4.62 29.93 -12.63
N TYR B 88 -5.51 29.03 -12.24
CA TYR B 88 -6.18 29.08 -10.94
C TYR B 88 -6.02 27.74 -10.22
N CYS B 89 -5.99 27.80 -8.89
CA CYS B 89 -6.06 26.61 -8.06
C CYS B 89 -7.31 26.69 -7.19
N GLN B 90 -7.91 25.53 -6.93
CA GLN B 90 -9.11 25.47 -6.10
C GLN B 90 -9.08 24.20 -5.26
N GLN B 91 -9.82 24.24 -4.15
CA GLN B 91 -9.93 23.09 -3.26
C GLN B 91 -11.38 22.92 -2.84
N HIS B 92 -11.74 21.68 -2.50
CA HIS B 92 -13.04 21.39 -1.92
C HIS B 92 -12.91 20.49 -0.70
N ASP B 93 -11.79 20.61 0.01
CA ASP B 93 -11.62 19.91 1.28
C ASP B 93 -12.60 20.44 2.33
N THR B 94 -12.73 21.76 2.42
CA THR B 94 -13.67 22.41 3.31
C THR B 94 -14.39 23.50 2.52
N SER B 95 -15.68 23.30 2.27
CA SER B 95 -16.45 24.17 1.37
C SER B 95 -15.77 24.12 0.00
N LEU B 96 -15.84 25.21 -0.77
CA LEU B 96 -15.20 25.27 -2.08
C LEU B 96 -14.77 26.70 -2.35
N THR B 97 -13.47 26.89 -2.59
CA THR B 97 -12.90 28.21 -2.82
C THR B 97 -11.90 28.16 -3.96
N PHE B 98 -11.68 29.31 -4.58
CA PHE B 98 -10.74 29.48 -5.67
C PHE B 98 -9.58 30.37 -5.23
N GLY B 99 -8.47 30.25 -5.94
CA GLY B 99 -7.32 31.10 -5.70
C GLY B 99 -7.40 32.41 -6.46
N GLY B 100 -6.43 33.28 -6.19
CA GLY B 100 -6.42 34.58 -6.84
C GLY B 100 -6.17 34.51 -8.33
N GLY B 101 -5.23 33.68 -8.75
CA GLY B 101 -4.90 33.52 -10.16
C GLY B 101 -3.53 34.09 -10.50
N THR B 102 -2.80 33.36 -11.33
CA THR B 102 -1.46 33.74 -11.77
C THR B 102 -1.46 33.88 -13.29
N LYS B 103 -0.89 34.98 -13.78
CA LYS B 103 -0.84 35.27 -15.21
C LYS B 103 0.56 35.03 -15.74
N VAL B 104 0.66 34.33 -16.87
CA VAL B 104 1.92 34.02 -17.52
C VAL B 104 2.02 34.88 -18.78
N GLU B 105 3.06 35.69 -18.88
CA GLU B 105 3.24 36.64 -19.97
C GLU B 105 4.44 36.24 -20.83
N ILE B 106 4.63 36.98 -21.92
CA ILE B 106 5.73 36.78 -22.85
C ILE B 106 6.80 37.81 -22.57
N LYS B 107 8.05 37.37 -22.44
CA LYS B 107 9.18 38.24 -22.15
C LYS B 107 9.89 38.62 -23.44
N ARG B 108 10.15 39.91 -23.62
CA ARG B 108 10.90 40.40 -24.76
C ARG B 108 11.74 41.59 -24.31
N THR B 109 12.54 42.11 -25.24
CA THR B 109 13.44 43.21 -24.93
C THR B 109 12.66 44.49 -24.65
N VAL B 110 13.27 45.36 -23.85
CA VAL B 110 12.60 46.59 -23.44
C VAL B 110 12.42 47.51 -24.64
N ALA B 111 11.22 48.07 -24.76
CA ALA B 111 10.89 49.02 -25.82
C ALA B 111 10.40 50.31 -25.20
N ALA B 112 10.53 51.41 -25.95
CA ALA B 112 10.14 52.71 -25.46
C ALA B 112 8.83 53.15 -26.09
N PRO B 113 7.94 53.78 -25.32
CA PRO B 113 6.67 54.22 -25.87
C PRO B 113 6.84 55.40 -26.82
N SER B 114 5.86 55.54 -27.71
CA SER B 114 5.77 56.66 -28.63
C SER B 114 4.59 57.52 -28.18
N VAL B 115 4.89 58.60 -27.48
CA VAL B 115 3.85 59.42 -26.86
C VAL B 115 3.23 60.34 -27.89
N PHE B 116 1.90 60.46 -27.84
CA PHE B 116 1.17 61.33 -28.75
C PHE B 116 0.30 62.31 -27.97
N ILE B 117 -0.53 63.07 -28.68
CA ILE B 117 -1.51 63.97 -28.05
C ILE B 117 -2.54 64.33 -29.11
N PHE B 118 -3.78 64.53 -28.67
CA PHE B 118 -4.87 64.87 -29.59
C PHE B 118 -5.76 65.94 -28.99
N PRO B 119 -5.91 67.08 -29.65
CA PRO B 119 -6.79 68.13 -29.12
C PRO B 119 -8.24 67.71 -29.21
N PRO B 120 -9.11 68.28 -28.37
CA PRO B 120 -10.54 67.95 -28.47
C PRO B 120 -11.11 68.32 -29.82
N SER B 121 -12.01 67.49 -30.32
CA SER B 121 -12.66 67.76 -31.59
C SER B 121 -13.62 68.94 -31.47
N ASP B 122 -13.78 69.66 -32.58
CA ASP B 122 -14.66 70.84 -32.57
C ASP B 122 -16.11 70.44 -32.33
N GLU B 123 -16.54 69.32 -32.91
CA GLU B 123 -17.93 68.89 -32.75
C GLU B 123 -18.26 68.59 -31.30
N GLN B 124 -17.36 67.92 -30.59
CA GLN B 124 -17.61 67.59 -29.19
C GLN B 124 -17.70 68.84 -28.34
N LEU B 125 -16.83 69.83 -28.61
CA LEU B 125 -16.85 71.07 -27.82
C LEU B 125 -18.18 71.79 -27.93
N LYS B 126 -18.90 71.60 -29.04
CA LYS B 126 -20.22 72.20 -29.17
C LYS B 126 -21.19 71.64 -28.14
N SER B 127 -21.10 70.34 -27.86
CA SER B 127 -22.01 69.72 -26.91
C SER B 127 -21.81 70.30 -25.50
N GLY B 128 -20.56 70.48 -25.09
CA GLY B 128 -20.29 71.04 -23.77
C GLY B 128 -19.30 70.22 -22.96
N THR B 129 -18.63 69.28 -23.60
CA THR B 129 -17.65 68.41 -22.95
C THR B 129 -16.37 68.40 -23.75
N ALA B 130 -15.25 68.20 -23.05
CA ALA B 130 -13.93 68.16 -23.67
C ALA B 130 -13.24 66.85 -23.33
N SER B 131 -12.61 66.24 -24.35
CA SER B 131 -11.88 65.00 -24.19
C SER B 131 -10.48 65.16 -24.77
N VAL B 132 -9.47 64.82 -23.98
CA VAL B 132 -8.09 64.84 -24.41
C VAL B 132 -7.51 63.44 -24.21
N VAL B 133 -6.90 62.90 -25.25
CA VAL B 133 -6.38 61.53 -25.25
C VAL B 133 -4.88 61.57 -25.46
N CYS B 134 -4.13 60.87 -24.60
CA CYS B 134 -2.68 60.79 -24.66
C CYS B 134 -2.29 59.34 -24.91
N LEU B 135 -2.12 59.00 -26.18
CA LEU B 135 -1.83 57.63 -26.57
C LEU B 135 -0.37 57.27 -26.33
N LEU B 136 -0.14 56.05 -25.84
CA LEU B 136 1.19 55.49 -25.69
C LEU B 136 1.27 54.24 -26.55
N ASN B 137 2.09 54.28 -27.58
CA ASN B 137 2.14 53.20 -28.57
C ASN B 137 2.97 52.03 -28.04
N ASN B 138 3.35 51.13 -28.94
CA ASN B 138 3.90 49.83 -28.58
C ASN B 138 5.09 49.93 -27.64
N PHE B 139 4.93 49.39 -26.43
CA PHE B 139 6.02 49.19 -25.49
C PHE B 139 5.84 47.85 -24.81
N TYR B 140 6.95 47.24 -24.38
CA TYR B 140 6.84 45.97 -23.68
C TYR B 140 6.39 46.10 -22.23
N PRO B 141 7.12 46.84 -21.38
CA PRO B 141 6.80 46.79 -19.93
C PRO B 141 5.44 47.38 -19.64
N ARG B 142 4.60 46.60 -18.96
CA ARG B 142 3.25 47.05 -18.66
C ARG B 142 3.27 48.28 -17.76
N GLU B 143 4.14 48.29 -16.75
CA GLU B 143 4.19 49.38 -15.78
C GLU B 143 4.53 50.69 -16.44
N ALA B 144 3.56 51.60 -16.52
CA ALA B 144 3.76 52.92 -17.10
C ALA B 144 2.85 53.90 -16.38
N LYS B 145 3.34 55.11 -16.17
CA LYS B 145 2.62 56.15 -15.43
C LYS B 145 2.40 57.34 -16.34
N VAL B 146 1.18 57.86 -16.34
CA VAL B 146 0.81 59.02 -17.15
C VAL B 146 0.20 60.08 -16.24
N GLN B 147 0.73 61.29 -16.32
CA GLN B 147 0.25 62.42 -15.53
C GLN B 147 -0.10 63.58 -16.45
N TRP B 148 -1.21 64.26 -16.15
CA TRP B 148 -1.67 65.39 -16.94
C TRP B 148 -1.20 66.69 -16.31
N LYS B 149 -0.60 67.56 -17.13
CA LYS B 149 -0.15 68.87 -16.70
C LYS B 149 -1.01 69.92 -17.41
N VAL B 150 -1.79 70.66 -16.63
CA VAL B 150 -2.62 71.74 -17.15
C VAL B 150 -1.99 73.06 -16.75
N ASP B 151 -1.71 73.90 -17.73
CA ASP B 151 -0.94 75.13 -17.53
C ASP B 151 0.39 74.79 -16.85
N ASN B 152 0.45 74.97 -15.53
CA ASN B 152 1.61 74.58 -14.76
C ASN B 152 1.24 73.74 -13.54
N ALA B 153 -0.02 73.31 -13.44
CA ALA B 153 -0.51 72.57 -12.29
C ALA B 153 -1.02 71.20 -12.71
N LEU B 154 -0.72 70.19 -11.91
CA LEU B 154 -1.18 68.84 -12.18
C LEU B 154 -2.69 68.73 -11.93
N GLN B 155 -3.27 67.65 -12.44
CA GLN B 155 -4.68 67.33 -12.22
C GLN B 155 -4.81 65.89 -11.77
N SER B 156 -5.77 65.64 -10.88
CA SER B 156 -5.99 64.30 -10.34
C SER B 156 -7.48 64.06 -10.18
N GLY B 157 -7.87 62.80 -10.35
CA GLY B 157 -9.25 62.39 -10.12
C GLY B 157 -10.21 62.64 -11.26
N ASN B 158 -9.73 63.07 -12.42
CA ASN B 158 -10.59 63.37 -13.56
C ASN B 158 -10.08 62.70 -14.82
N SER B 159 -9.64 61.45 -14.70
CA SER B 159 -9.14 60.72 -15.86
C SER B 159 -9.32 59.23 -15.62
N GLN B 160 -9.33 58.48 -16.72
CA GLN B 160 -9.42 57.03 -16.69
C GLN B 160 -8.63 56.47 -17.86
N GLU B 161 -7.95 55.34 -17.63
CA GLU B 161 -7.04 54.79 -18.62
C GLU B 161 -7.38 53.34 -18.91
N SER B 162 -7.11 52.92 -20.14
CA SER B 162 -7.36 51.56 -20.60
C SER B 162 -6.11 51.02 -21.29
N VAL B 163 -5.92 49.71 -21.19
CA VAL B 163 -4.74 49.05 -21.73
C VAL B 163 -5.19 47.89 -22.61
N THR B 164 -4.36 47.56 -23.61
CA THR B 164 -4.64 46.45 -24.49
C THR B 164 -3.90 45.20 -24.02
N GLU B 165 -4.24 44.07 -24.63
CA GLU B 165 -3.51 42.84 -24.41
C GLU B 165 -2.26 42.81 -25.28
N GLN B 166 -1.42 41.80 -25.05
CA GLN B 166 -0.20 41.67 -25.83
C GLN B 166 -0.54 41.36 -27.29
N ASP B 167 0.11 42.09 -28.20
CA ASP B 167 -0.04 41.79 -29.62
C ASP B 167 0.65 40.46 -29.94
N SER B 168 0.06 39.71 -30.88
CA SER B 168 0.60 38.41 -31.22
C SER B 168 1.94 38.52 -31.93
N LYS B 169 2.14 39.59 -32.71
CA LYS B 169 3.37 39.71 -33.51
C LYS B 169 4.52 40.26 -32.68
N ASP B 170 4.38 41.50 -32.19
CA ASP B 170 5.48 42.19 -31.53
C ASP B 170 5.50 42.01 -30.02
N SER B 171 4.45 41.43 -29.44
CA SER B 171 4.37 41.18 -27.99
C SER B 171 4.58 42.46 -27.19
N THR B 172 3.90 43.53 -27.61
CA THR B 172 3.97 44.81 -26.94
C THR B 172 2.59 45.17 -26.38
N TYR B 173 2.49 46.37 -25.82
CA TYR B 173 1.25 46.87 -25.24
C TYR B 173 0.94 48.24 -25.83
N SER B 174 -0.26 48.72 -25.53
CA SER B 174 -0.67 50.07 -25.89
C SER B 174 -1.60 50.60 -24.81
N LEU B 175 -1.42 51.86 -24.43
CA LEU B 175 -2.17 52.46 -23.34
C LEU B 175 -2.76 53.78 -23.80
N SER B 176 -3.98 54.06 -23.31
CA SER B 176 -4.67 55.29 -23.61
C SER B 176 -5.22 55.88 -22.32
N SER B 177 -5.31 57.21 -22.30
CA SER B 177 -5.85 57.93 -21.15
C SER B 177 -6.70 59.09 -21.65
N THR B 178 -7.80 59.36 -20.95
CA THR B 178 -8.77 60.36 -21.38
C THR B 178 -8.98 61.37 -20.27
N LEU B 179 -8.90 62.65 -20.61
CA LEU B 179 -9.16 63.74 -19.68
C LEU B 179 -10.54 64.33 -19.96
N THR B 180 -11.38 64.37 -18.94
CA THR B 180 -12.77 64.80 -19.07
C THR B 180 -12.93 66.20 -18.48
N LEU B 181 -13.42 67.12 -19.30
CA LEU B 181 -13.66 68.49 -18.85
C LEU B 181 -14.86 69.06 -19.60
N SER B 182 -15.49 70.05 -18.99
CA SER B 182 -16.56 70.80 -19.63
C SER B 182 -15.98 72.06 -20.28
N LYS B 183 -16.79 72.69 -21.13
CA LYS B 183 -16.35 73.91 -21.80
C LYS B 183 -16.14 75.07 -20.83
N ALA B 184 -16.71 74.98 -19.62
CA ALA B 184 -16.54 76.06 -18.65
C ALA B 184 -15.08 76.23 -18.24
N ASP B 185 -14.40 75.11 -17.96
CA ASP B 185 -13.00 75.14 -17.56
C ASP B 185 -12.05 74.83 -18.72
N TYR B 186 -12.58 74.57 -19.92
CA TYR B 186 -11.71 74.33 -21.06
C TYR B 186 -11.03 75.62 -21.50
N GLU B 187 -11.79 76.70 -21.64
CA GLU B 187 -11.25 77.98 -22.06
C GLU B 187 -10.55 78.74 -20.94
N LYS B 188 -10.74 78.34 -19.69
CA LYS B 188 -10.13 79.04 -18.57
C LYS B 188 -8.61 78.92 -18.62
N HIS B 189 -8.10 77.75 -19.00
CA HIS B 189 -6.67 77.49 -19.05
C HIS B 189 -6.17 77.50 -20.49
N LYS B 190 -4.84 77.44 -20.64
CA LYS B 190 -4.23 77.63 -21.96
C LYS B 190 -3.28 76.50 -22.35
N VAL B 191 -2.53 75.94 -21.39
CA VAL B 191 -1.48 74.97 -21.69
C VAL B 191 -1.89 73.62 -21.14
N TYR B 192 -1.79 72.59 -21.99
CA TYR B 192 -2.11 71.22 -21.61
C TYR B 192 -0.92 70.33 -21.95
N ALA B 193 -0.58 69.42 -21.04
CA ALA B 193 0.57 68.54 -21.23
C ALA B 193 0.27 67.16 -20.66
N CYS B 194 0.99 66.17 -21.16
CA CYS B 194 0.84 64.77 -20.74
C CYS B 194 2.22 64.23 -20.36
N GLU B 195 2.44 64.01 -19.07
CA GLU B 195 3.73 63.55 -18.58
C GLU B 195 3.77 62.02 -18.61
N VAL B 196 4.87 61.47 -19.14
CA VAL B 196 5.04 60.04 -19.29
C VAL B 196 6.34 59.63 -18.60
N THR B 197 6.25 58.64 -17.73
CA THR B 197 7.41 58.07 -17.06
C THR B 197 7.43 56.57 -17.30
N HIS B 198 8.53 56.06 -17.86
CA HIS B 198 8.62 54.66 -18.20
C HIS B 198 10.05 54.17 -17.98
N GLN B 199 10.18 52.86 -17.79
CA GLN B 199 11.51 52.26 -17.60
C GLN B 199 12.37 52.43 -18.84
N GLY B 200 11.79 52.26 -20.02
CA GLY B 200 12.53 52.35 -21.26
C GLY B 200 12.83 53.75 -21.74
N LEU B 201 12.35 54.77 -21.03
CA LEU B 201 12.60 56.16 -21.38
C LEU B 201 13.75 56.69 -20.54
N SER B 202 14.74 57.31 -21.20
CA SER B 202 15.86 57.88 -20.49
C SER B 202 15.42 59.02 -19.56
N SER B 203 14.54 59.88 -20.04
CA SER B 203 14.02 61.00 -19.27
C SER B 203 12.52 61.09 -19.50
N PRO B 204 11.77 61.65 -18.55
CA PRO B 204 10.33 61.82 -18.75
C PRO B 204 10.04 62.67 -19.99
N VAL B 205 9.30 62.07 -20.93
CA VAL B 205 8.91 62.74 -22.16
C VAL B 205 7.50 63.29 -21.98
N THR B 206 7.31 64.57 -22.28
CA THR B 206 6.04 65.25 -22.04
C THR B 206 5.72 66.14 -23.24
N LYS B 207 4.99 65.59 -24.20
CA LYS B 207 4.46 66.41 -25.28
C LYS B 207 3.32 67.26 -24.76
N SER B 208 3.12 68.41 -25.41
CA SER B 208 2.14 69.38 -24.93
C SER B 208 1.56 70.14 -26.11
N PHE B 209 0.41 70.77 -25.86
CA PHE B 209 -0.24 71.60 -26.86
C PHE B 209 -1.03 72.69 -26.15
N ASN B 210 -1.32 73.76 -26.88
CA ASN B 210 -2.06 74.89 -26.35
C ASN B 210 -3.21 75.24 -27.28
N ARG B 211 -4.19 75.94 -26.73
CA ARG B 211 -5.38 76.31 -27.49
C ARG B 211 -4.99 77.19 -28.67
N GLY B 212 -5.64 76.97 -29.81
CA GLY B 212 -5.35 77.72 -31.02
C GLY B 212 -4.12 77.22 -31.75
N GLU C 1 0.05 -9.69 40.98
CA GLU C 1 1.17 -10.24 40.23
C GLU C 1 0.70 -11.31 39.24
N VAL C 2 1.12 -11.16 37.99
CA VAL C 2 0.75 -12.11 36.93
C VAL C 2 1.63 -13.35 37.07
N GLN C 3 1.00 -14.50 37.22
CA GLN C 3 1.69 -15.77 37.41
C GLN C 3 1.16 -16.81 36.45
N LEU C 4 2.08 -17.60 35.88
CA LEU C 4 1.74 -18.73 35.03
C LEU C 4 2.51 -19.93 35.54
N VAL C 5 1.81 -21.02 35.84
CA VAL C 5 2.41 -22.24 36.34
C VAL C 5 2.08 -23.37 35.38
N GLU C 6 3.10 -24.10 34.94
CA GLU C 6 2.96 -25.14 33.93
C GLU C 6 3.23 -26.52 34.53
N SER C 7 2.53 -27.52 34.01
CA SER C 7 2.71 -28.88 34.48
C SER C 7 2.29 -29.85 33.38
N GLY C 8 2.84 -31.05 33.44
CA GLY C 8 2.48 -32.08 32.48
C GLY C 8 3.65 -32.68 31.73
N GLY C 9 4.85 -32.17 31.97
CA GLY C 9 6.01 -32.68 31.27
C GLY C 9 6.35 -34.10 31.67
N GLY C 10 6.98 -34.81 30.77
CA GLY C 10 7.34 -36.19 31.05
C GLY C 10 8.07 -36.82 29.87
N LEU C 11 8.26 -38.13 29.97
CA LEU C 11 8.95 -38.92 28.95
C LEU C 11 7.95 -39.80 28.24
N VAL C 12 7.99 -39.79 26.91
CA VAL C 12 7.06 -40.57 26.10
C VAL C 12 7.83 -41.35 25.04
N GLN C 13 7.19 -42.41 24.57
CA GLN C 13 7.70 -43.20 23.45
C GLN C 13 7.41 -42.47 22.13
N PRO C 14 8.28 -42.62 21.14
CA PRO C 14 7.99 -42.05 19.82
C PRO C 14 6.69 -42.58 19.27
N GLY C 15 5.78 -41.67 18.94
CA GLY C 15 4.44 -42.02 18.51
C GLY C 15 3.37 -41.90 19.57
N GLY C 16 3.76 -41.67 20.81
CA GLY C 16 2.79 -41.58 21.90
C GLY C 16 2.00 -40.29 21.93
N SER C 17 1.58 -39.88 23.12
CA SER C 17 0.78 -38.68 23.27
C SER C 17 1.01 -38.09 24.66
N LEU C 18 0.73 -36.80 24.80
CA LEU C 18 0.96 -36.09 26.05
C LEU C 18 0.09 -34.85 26.07
N ARG C 19 -0.14 -34.32 27.27
CA ARG C 19 -0.98 -33.15 27.47
C ARG C 19 -0.36 -32.24 28.51
N LEU C 20 -0.17 -30.97 28.15
CA LEU C 20 0.43 -29.97 29.02
C LEU C 20 -0.64 -29.02 29.53
N SER C 21 -0.39 -28.44 30.71
CA SER C 21 -1.31 -27.52 31.34
C SER C 21 -0.54 -26.27 31.78
N CYS C 22 -1.28 -25.17 31.91
CA CYS C 22 -0.70 -23.89 32.31
C CYS C 22 -1.77 -23.09 33.02
N ALA C 23 -1.67 -22.99 34.35
CA ALA C 23 -2.66 -22.29 35.16
C ALA C 23 -2.24 -20.84 35.36
N ALA C 24 -3.22 -19.95 35.31
CA ALA C 24 -2.98 -18.52 35.38
C ALA C 24 -3.72 -17.91 36.56
N SER C 25 -3.13 -16.85 37.10
CA SER C 25 -3.74 -16.05 38.16
C SER C 25 -3.59 -14.58 37.81
N GLU C 26 -4.49 -13.77 38.38
CA GLU C 26 -4.50 -12.31 38.24
C GLU C 26 -4.95 -11.88 36.84
N PHE C 27 -5.13 -12.83 35.93
CA PHE C 27 -5.75 -12.56 34.64
C PHE C 27 -6.40 -13.84 34.12
N ILE C 28 -7.32 -13.67 33.19
CA ILE C 28 -8.17 -14.76 32.70
C ILE C 28 -7.70 -15.15 31.31
N VAL C 29 -7.53 -16.45 31.09
CA VAL C 29 -6.97 -16.93 29.84
C VAL C 29 -7.95 -16.74 28.68
N SER C 30 -9.24 -16.80 28.96
CA SER C 30 -10.24 -16.66 27.91
C SER C 30 -10.40 -15.23 27.42
N TYR C 31 -9.77 -14.26 28.09
CA TYR C 31 -9.84 -12.86 27.70
C TYR C 31 -8.54 -12.34 27.12
N ASN C 32 -7.53 -13.19 26.93
CA ASN C 32 -6.21 -12.76 26.51
C ASN C 32 -5.71 -13.63 25.37
N TYR C 33 -4.81 -13.07 24.57
CA TYR C 33 -4.03 -13.86 23.63
C TYR C 33 -3.07 -14.75 24.40
N MET C 34 -2.98 -16.02 24.00
CA MET C 34 -2.07 -16.97 24.64
C MET C 34 -1.28 -17.71 23.57
N SER C 35 -0.08 -18.14 23.94
CA SER C 35 0.80 -18.81 22.98
C SER C 35 1.65 -19.86 23.69
N TRP C 36 2.20 -20.78 22.89
CA TRP C 36 3.16 -21.76 23.34
C TRP C 36 4.45 -21.59 22.57
N VAL C 37 5.57 -21.58 23.29
CA VAL C 37 6.91 -21.42 22.70
C VAL C 37 7.78 -22.55 23.21
N ARG C 38 8.54 -23.18 22.31
CA ARG C 38 9.47 -24.23 22.70
C ARG C 38 10.89 -23.83 22.34
N GLN C 39 11.85 -24.40 23.06
CA GLN C 39 13.27 -24.11 22.88
C GLN C 39 14.04 -25.42 23.00
N ALA C 40 14.54 -25.92 21.88
CA ALA C 40 15.28 -27.17 21.87
C ALA C 40 16.56 -27.02 22.68
N PRO C 41 17.02 -28.10 23.32
CA PRO C 41 18.21 -28.00 24.18
C PRO C 41 19.44 -27.56 23.41
N GLY C 42 19.97 -26.40 23.78
CA GLY C 42 21.11 -25.83 23.10
C GLY C 42 20.80 -25.04 21.85
N LYS C 43 19.53 -24.83 21.54
CA LYS C 43 19.13 -24.12 20.33
C LYS C 43 18.35 -22.86 20.71
N GLY C 44 17.78 -22.20 19.71
CA GLY C 44 17.04 -20.98 19.91
C GLY C 44 15.55 -21.21 20.10
N LEU C 45 14.84 -20.11 20.27
CA LEU C 45 13.41 -20.15 20.54
C LEU C 45 12.62 -20.32 19.24
N GLU C 46 11.47 -20.99 19.36
CA GLU C 46 10.64 -21.29 18.20
C GLU C 46 9.17 -21.20 18.61
N TRP C 47 8.35 -20.70 17.69
CA TRP C 47 6.91 -20.54 17.93
C TRP C 47 6.17 -21.84 17.62
N VAL C 48 5.13 -22.11 18.40
CA VAL C 48 4.37 -23.35 18.26
C VAL C 48 2.92 -23.05 17.90
N SER C 49 2.20 -22.35 18.78
CA SER C 49 0.78 -22.11 18.56
C SER C 49 0.35 -20.85 19.29
N VAL C 50 -0.76 -20.28 18.86
CA VAL C 50 -1.34 -19.08 19.47
C VAL C 50 -2.85 -19.18 19.38
N ILE C 51 -3.54 -18.74 20.43
CA ILE C 51 -4.99 -18.77 20.50
C ILE C 51 -5.51 -17.36 20.80
N TYR C 52 -6.56 -16.96 20.11
CA TYR C 52 -7.16 -15.63 20.25
C TYR C 52 -8.31 -15.66 21.25
N PRO C 53 -8.70 -14.48 21.76
CA PRO C 53 -9.79 -14.46 22.75
C PRO C 53 -11.10 -15.08 22.26
N GLY C 54 -11.45 -14.90 20.99
CA GLY C 54 -12.70 -15.45 20.50
C GLY C 54 -12.70 -16.95 20.31
N GLY C 55 -11.53 -17.54 20.07
CA GLY C 55 -11.44 -18.99 19.90
C GLY C 55 -10.60 -19.42 18.72
N SER C 56 -10.00 -18.47 18.02
CA SER C 56 -9.20 -18.78 16.84
C SER C 56 -7.88 -19.43 17.24
N THR C 57 -7.44 -20.38 16.42
CA THR C 57 -6.22 -21.15 16.69
C THR C 57 -5.33 -21.14 15.46
N PHE C 58 -4.02 -20.99 15.70
CA PHE C 58 -3.02 -21.01 14.64
C PHE C 58 -1.86 -21.88 15.07
N TYR C 59 -1.24 -22.55 14.09
CA TYR C 59 -0.19 -23.51 14.36
C TYR C 59 0.97 -23.31 13.39
N ALA C 60 2.16 -23.68 13.83
CA ALA C 60 3.32 -23.70 12.96
C ALA C 60 3.28 -24.92 12.05
N ASP C 61 4.06 -24.86 10.97
CA ASP C 61 4.03 -25.93 9.98
C ASP C 61 4.60 -27.23 10.52
N SER C 62 5.61 -27.15 11.38
CA SER C 62 6.25 -28.36 11.90
C SER C 62 5.30 -29.18 12.77
N VAL C 63 4.30 -28.54 13.38
CA VAL C 63 3.41 -29.19 14.32
C VAL C 63 1.97 -29.18 13.84
N LYS C 64 1.71 -28.74 12.61
CA LYS C 64 0.36 -28.64 12.12
C LYS C 64 -0.24 -30.02 11.89
N GLY C 65 -1.44 -30.24 12.42
CA GLY C 65 -2.12 -31.51 12.30
C GLY C 65 -1.85 -32.49 13.42
N ARG C 66 -0.87 -32.21 14.28
CA ARG C 66 -0.53 -33.08 15.40
C ARG C 66 -0.80 -32.47 16.76
N PHE C 67 -0.66 -31.15 16.90
CA PHE C 67 -0.90 -30.48 18.16
C PHE C 67 -2.27 -29.80 18.16
N THR C 68 -2.79 -29.57 19.35
CA THR C 68 -4.09 -28.92 19.51
C THR C 68 -4.07 -28.08 20.79
N ILE C 69 -4.52 -26.83 20.67
CA ILE C 69 -4.51 -25.88 21.78
C ILE C 69 -5.94 -25.55 22.15
N SER C 70 -6.22 -25.53 23.45
CA SER C 70 -7.55 -25.23 23.96
C SER C 70 -7.40 -24.68 25.37
N ARG C 71 -8.54 -24.35 25.98
CA ARG C 71 -8.54 -23.80 27.33
C ARG C 71 -9.85 -24.15 28.02
N ASP C 72 -9.83 -24.08 29.35
CA ASP C 72 -10.99 -24.34 30.18
C ASP C 72 -11.29 -23.09 31.00
N ASN C 73 -12.51 -22.58 30.88
CA ASN C 73 -12.88 -21.35 31.57
C ASN C 73 -13.15 -21.58 33.05
N SER C 74 -13.68 -22.75 33.41
CA SER C 74 -13.98 -23.02 34.82
C SER C 74 -12.71 -23.08 35.65
N MET C 75 -11.67 -23.73 35.15
CA MET C 75 -10.41 -23.86 35.88
C MET C 75 -9.42 -22.74 35.59
N ASN C 76 -9.69 -21.92 34.58
CA ASN C 76 -8.77 -20.87 34.15
C ASN C 76 -7.40 -21.46 33.80
N THR C 77 -7.41 -22.38 32.84
CA THR C 77 -6.23 -23.14 32.47
C THR C 77 -6.15 -23.23 30.95
N LEU C 78 -4.92 -23.38 30.45
CA LEU C 78 -4.64 -23.52 29.04
C LEU C 78 -3.95 -24.86 28.78
N PHE C 79 -4.39 -25.56 27.74
CA PHE C 79 -3.91 -26.91 27.46
C PHE C 79 -3.22 -26.97 26.11
N LEU C 80 -2.29 -27.91 25.97
CA LEU C 80 -1.63 -28.23 24.71
C LEU C 80 -1.62 -29.74 24.56
N GLN C 81 -2.44 -30.26 23.64
CA GLN C 81 -2.53 -31.69 23.38
C GLN C 81 -1.54 -32.06 22.28
N MET C 82 -0.62 -32.97 22.59
CA MET C 82 0.42 -33.39 21.66
C MET C 82 0.17 -34.83 21.24
N ASN C 83 0.12 -35.06 19.93
CA ASN C 83 -0.10 -36.38 19.36
C ASN C 83 0.91 -36.64 18.27
N SER C 84 1.17 -37.92 18.00
CA SER C 84 2.14 -38.35 16.99
C SER C 84 3.51 -37.74 17.24
N LEU C 85 3.95 -37.78 18.49
CA LEU C 85 5.21 -37.14 18.87
C LEU C 85 6.39 -37.82 18.18
N ARG C 86 7.28 -36.99 17.64
CA ARG C 86 8.50 -37.44 16.99
C ARG C 86 9.70 -37.14 17.89
N ALA C 87 10.87 -37.63 17.47
CA ALA C 87 12.08 -37.39 18.24
C ALA C 87 12.53 -35.94 18.16
N GLU C 88 12.05 -35.18 17.18
CA GLU C 88 12.43 -33.78 17.03
C GLU C 88 11.61 -32.84 17.91
N ASP C 89 10.51 -33.31 18.49
CA ASP C 89 9.68 -32.49 19.36
C ASP C 89 10.09 -32.63 20.83
N THR C 90 11.38 -32.42 21.09
CA THR C 90 11.94 -32.49 22.43
C THR C 90 12.52 -31.12 22.77
N ALA C 91 11.94 -30.46 23.77
CA ALA C 91 12.34 -29.11 24.13
C ALA C 91 11.69 -28.74 25.45
N VAL C 92 11.93 -27.51 25.88
CA VAL C 92 11.25 -26.91 27.03
C VAL C 92 10.13 -26.03 26.51
N TYR C 93 8.91 -26.26 26.98
CA TYR C 93 7.73 -25.58 26.46
C TYR C 93 7.28 -24.49 27.43
N TYR C 94 6.97 -23.32 26.89
CA TYR C 94 6.54 -22.17 27.67
C TYR C 94 5.14 -21.74 27.27
N CYS C 95 4.37 -21.27 28.24
CA CYS C 95 3.12 -20.58 27.98
C CYS C 95 3.29 -19.10 28.31
N ALA C 96 2.90 -18.24 27.38
CA ALA C 96 3.11 -16.81 27.52
C ALA C 96 1.87 -16.05 27.09
N ARG C 97 1.71 -14.85 27.63
CA ARG C 97 0.63 -13.96 27.24
C ARG C 97 1.12 -12.97 26.20
N VAL C 98 0.31 -12.75 25.16
CA VAL C 98 0.65 -11.88 24.05
C VAL C 98 -0.18 -10.62 24.13
N LEU C 99 0.47 -9.46 24.14
CA LEU C 99 -0.20 -8.18 24.14
C LEU C 99 -0.06 -7.53 22.77
N PRO C 100 -1.15 -7.32 22.04
CA PRO C 100 -1.08 -6.67 20.73
C PRO C 100 -1.19 -5.14 20.76
N ILE C 101 -1.01 -4.50 21.92
CA ILE C 101 -1.32 -3.09 22.04
C ILE C 101 -0.44 -2.24 21.14
N ASN C 102 0.87 -2.44 21.22
CA ASN C 102 1.83 -1.74 20.36
C ASN C 102 2.75 -2.80 19.76
N GLY C 103 2.31 -3.38 18.65
CA GLY C 103 2.98 -4.55 18.11
C GLY C 103 2.61 -5.78 18.90
N TYR C 104 3.10 -6.95 18.49
CA TYR C 104 2.89 -8.19 19.22
C TYR C 104 4.14 -8.50 20.02
N TYR C 105 4.00 -8.56 21.35
CA TYR C 105 5.11 -8.90 22.21
C TYR C 105 4.62 -9.77 23.36
N LEU C 106 5.56 -10.55 23.91
CA LEU C 106 5.28 -11.47 24.99
C LEU C 106 5.79 -10.86 26.29
N ASP C 107 4.90 -10.61 27.24
CA ASP C 107 5.24 -9.87 28.44
C ASP C 107 5.38 -10.74 29.68
N TYR C 108 4.62 -11.83 29.79
CA TYR C 108 4.70 -12.72 30.94
C TYR C 108 4.92 -14.14 30.46
N TRP C 109 5.91 -14.81 31.05
CA TRP C 109 6.25 -16.18 30.71
C TRP C 109 6.10 -17.07 31.94
N GLY C 110 5.86 -18.36 31.71
CA GLY C 110 5.90 -19.34 32.76
C GLY C 110 7.31 -19.89 32.95
N GLN C 111 7.45 -20.74 33.97
CA GLN C 111 8.75 -21.33 34.25
C GLN C 111 9.16 -22.33 33.18
N GLY C 112 8.21 -23.06 32.62
CA GLY C 112 8.49 -24.01 31.56
C GLY C 112 8.56 -25.44 32.05
N THR C 113 8.26 -26.37 31.16
CA THR C 113 8.34 -27.80 31.44
C THR C 113 9.05 -28.49 30.29
N LEU C 114 9.72 -29.60 30.62
CA LEU C 114 10.56 -30.33 29.67
C LEU C 114 9.82 -31.57 29.18
N VAL C 115 9.83 -31.78 27.86
CA VAL C 115 9.21 -32.93 27.23
C VAL C 115 10.30 -33.70 26.47
N THR C 116 10.50 -34.95 26.84
CA THR C 116 11.52 -35.79 26.22
C THR C 116 10.85 -36.93 25.46
N VAL C 117 11.18 -37.06 24.18
CA VAL C 117 10.64 -38.10 23.32
C VAL C 117 11.80 -38.99 22.88
N SER C 118 11.87 -40.19 23.44
CA SER C 118 12.96 -41.11 23.13
C SER C 118 12.49 -42.54 23.35
N SER C 119 13.22 -43.48 22.74
CA SER C 119 12.87 -44.88 22.78
C SER C 119 13.57 -45.66 23.88
N ALA C 120 14.49 -45.04 24.61
CA ALA C 120 15.31 -45.75 25.58
C ALA C 120 14.52 -46.00 26.85
N SER C 121 15.19 -46.51 27.88
CA SER C 121 14.57 -46.84 29.15
C SER C 121 15.48 -46.38 30.28
N THR C 122 14.93 -46.37 31.50
CA THR C 122 15.62 -45.83 32.66
C THR C 122 16.71 -46.80 33.11
N LYS C 123 17.89 -46.67 32.49
CA LYS C 123 19.06 -47.46 32.86
C LYS C 123 19.73 -46.84 34.08
N GLY C 124 20.94 -47.30 34.39
CA GLY C 124 21.67 -46.80 35.53
C GLY C 124 23.08 -46.41 35.18
N PRO C 125 23.69 -45.58 36.02
CA PRO C 125 25.06 -45.12 35.75
C PRO C 125 26.08 -46.24 35.87
N SER C 126 27.18 -46.09 35.14
CA SER C 126 28.36 -46.92 35.27
C SER C 126 29.56 -46.01 35.41
N VAL C 127 30.38 -46.25 36.44
CA VAL C 127 31.46 -45.34 36.80
C VAL C 127 32.79 -46.05 36.55
N PHE C 128 33.63 -45.43 35.73
CA PHE C 128 34.97 -45.92 35.46
C PHE C 128 35.97 -44.97 36.09
N PRO C 129 36.83 -45.44 36.99
CA PRO C 129 37.82 -44.52 37.60
C PRO C 129 38.76 -43.96 36.55
N LEU C 130 39.14 -42.70 36.73
CA LEU C 130 40.09 -42.02 35.85
C LEU C 130 41.46 -42.11 36.50
N ALA C 131 42.22 -43.14 36.14
CA ALA C 131 43.52 -43.36 36.76
C ALA C 131 44.50 -42.25 36.37
N PRO C 132 45.27 -41.74 37.33
CA PRO C 132 46.27 -40.72 37.00
C PRO C 132 47.42 -41.30 36.19
N SER C 133 48.41 -40.45 35.88
CA SER C 133 49.57 -40.91 35.12
C SER C 133 50.50 -41.79 35.94
N SER C 134 50.33 -41.79 37.27
CA SER C 134 51.18 -42.57 38.18
C SER C 134 52.66 -42.21 38.02
N LYS C 135 52.94 -40.94 37.71
CA LYS C 135 54.29 -40.45 37.52
C LYS C 135 54.46 -39.14 38.28
N SER C 136 55.70 -38.85 38.67
CA SER C 136 56.00 -37.62 39.38
C SER C 136 55.80 -36.42 38.48
N THR C 137 55.12 -35.40 38.98
CA THR C 137 54.85 -34.17 38.24
C THR C 137 55.34 -32.97 39.05
N SER C 138 55.96 -32.02 38.35
CA SER C 138 56.47 -30.82 39.02
C SER C 138 55.32 -30.01 39.62
N GLY C 139 54.24 -29.84 38.88
CA GLY C 139 53.08 -29.11 39.35
C GLY C 139 52.12 -29.99 40.12
N GLY C 140 50.96 -29.41 40.45
CA GLY C 140 49.93 -30.16 41.15
C GLY C 140 49.38 -31.28 40.28
N THR C 141 49.08 -32.40 40.93
CA THR C 141 48.57 -33.58 40.23
C THR C 141 47.06 -33.41 40.06
N ALA C 142 46.65 -33.02 38.86
CA ALA C 142 45.24 -32.82 38.53
C ALA C 142 44.83 -33.93 37.57
N ALA C 143 44.50 -35.09 38.11
CA ALA C 143 44.08 -36.22 37.29
C ALA C 143 42.85 -36.96 37.82
N LEU C 144 42.51 -36.84 39.09
CA LEU C 144 41.42 -37.63 39.65
C LEU C 144 40.08 -37.23 39.03
N GLY C 145 39.23 -38.22 38.81
CA GLY C 145 37.92 -37.98 38.23
C GLY C 145 37.19 -39.29 38.02
N CYS C 146 35.90 -39.16 37.71
CA CYS C 146 35.05 -40.32 37.46
C CYS C 146 34.24 -40.10 36.20
N LEU C 147 33.98 -41.20 35.49
CA LEU C 147 33.31 -41.18 34.19
C LEU C 147 31.99 -41.93 34.30
N VAL C 148 30.88 -41.22 34.16
CA VAL C 148 29.55 -41.79 34.17
C VAL C 148 29.09 -41.98 32.73
N LYS C 149 28.42 -43.10 32.46
CA LYS C 149 28.08 -43.46 31.09
C LYS C 149 26.82 -44.31 31.07
N ASP C 150 26.07 -44.18 29.96
CA ASP C 150 24.93 -45.03 29.63
C ASP C 150 23.84 -44.97 30.71
N TYR C 151 23.26 -43.79 30.84
CA TYR C 151 22.11 -43.56 31.72
C TYR C 151 21.16 -42.59 31.03
N PHE C 152 19.88 -42.97 30.92
CA PHE C 152 18.95 -42.14 30.15
C PHE C 152 18.57 -40.86 30.88
N PRO C 153 17.88 -40.89 32.03
CA PRO C 153 17.53 -39.64 32.68
C PRO C 153 18.75 -39.06 33.38
N GLU C 154 18.84 -37.72 33.37
CA GLU C 154 20.02 -37.03 33.90
C GLU C 154 19.65 -35.97 34.93
N PRO C 155 19.04 -36.37 36.07
CA PRO C 155 19.18 -35.59 37.32
C PRO C 155 20.29 -36.14 38.19
N VAL C 156 21.47 -36.32 37.61
CA VAL C 156 22.57 -36.98 38.30
C VAL C 156 23.39 -35.94 39.06
N THR C 157 23.85 -36.33 40.25
CA THR C 157 24.64 -35.45 41.11
C THR C 157 25.88 -36.21 41.55
N VAL C 158 27.03 -35.85 40.97
CA VAL C 158 28.30 -36.47 41.33
C VAL C 158 28.98 -35.58 42.37
N SER C 159 29.21 -36.12 43.55
CA SER C 159 29.83 -35.39 44.64
C SER C 159 31.03 -36.17 45.17
N TRP C 160 31.97 -35.45 45.77
CA TRP C 160 33.22 -36.03 46.24
C TRP C 160 33.30 -35.92 47.76
N ASN C 161 33.55 -37.04 48.41
CA ASN C 161 33.71 -37.12 49.86
C ASN C 161 32.52 -36.48 50.59
N SER C 162 31.32 -36.93 50.21
CA SER C 162 30.07 -36.48 50.84
C SER C 162 29.90 -34.97 50.78
N GLY C 163 30.42 -34.34 49.73
CA GLY C 163 30.28 -32.91 49.56
C GLY C 163 31.18 -32.06 50.44
N ALA C 164 32.12 -32.67 51.15
CA ALA C 164 33.00 -31.89 52.01
C ALA C 164 33.88 -30.94 51.21
N LEU C 165 34.42 -31.42 50.09
CA LEU C 165 35.26 -30.58 49.25
C LEU C 165 34.41 -29.59 48.48
N THR C 166 34.79 -28.31 48.49
CA THR C 166 34.05 -27.27 47.82
C THR C 166 34.85 -26.58 46.71
N SER C 167 36.08 -27.02 46.44
CA SER C 167 36.91 -26.41 45.41
C SER C 167 37.50 -27.50 44.53
N GLY C 168 37.67 -27.17 43.25
CA GLY C 168 38.25 -28.08 42.30
C GLY C 168 37.27 -29.06 41.67
N VAL C 169 36.00 -29.04 42.08
CA VAL C 169 35.01 -29.96 41.54
C VAL C 169 34.49 -29.36 40.24
N HIS C 170 34.92 -29.92 39.11
CA HIS C 170 34.48 -29.48 37.78
C HIS C 170 33.67 -30.62 37.16
N THR C 171 32.34 -30.50 37.23
CA THR C 171 31.44 -31.48 36.65
C THR C 171 30.93 -30.95 35.32
N PHE C 172 31.45 -31.51 34.23
CA PHE C 172 31.05 -31.07 32.91
C PHE C 172 29.59 -31.44 32.64
N PRO C 173 28.88 -30.64 31.85
CA PRO C 173 27.50 -30.99 31.50
C PRO C 173 27.44 -32.31 30.74
N ALA C 174 26.34 -33.03 30.94
CA ALA C 174 26.18 -34.33 30.30
C ALA C 174 26.08 -34.16 28.79
N VAL C 175 26.74 -35.07 28.06
CA VAL C 175 26.76 -35.05 26.60
C VAL C 175 26.08 -36.31 26.09
N LEU C 176 25.11 -36.13 25.20
CA LEU C 176 24.38 -37.26 24.64
C LEU C 176 25.25 -38.03 23.66
N GLN C 177 25.15 -39.34 23.70
CA GLN C 177 25.91 -40.22 22.83
C GLN C 177 25.05 -40.71 21.67
N SER C 178 25.72 -41.28 20.66
CA SER C 178 25.01 -41.80 19.50
C SER C 178 24.14 -42.99 19.86
N SER C 179 24.51 -43.73 20.91
CA SER C 179 23.73 -44.89 21.32
C SER C 179 22.37 -44.51 21.88
N GLY C 180 22.16 -43.25 22.23
CA GLY C 180 20.91 -42.80 22.82
C GLY C 180 20.90 -42.71 24.33
N LEU C 181 22.05 -42.85 24.98
CA LEU C 181 22.15 -42.78 26.43
C LEU C 181 23.16 -41.70 26.80
N TYR C 182 22.82 -40.94 27.84
CA TYR C 182 23.64 -39.80 28.24
C TYR C 182 24.96 -40.27 28.84
N SER C 183 25.95 -39.38 28.79
CA SER C 183 27.25 -39.61 29.40
C SER C 183 27.70 -38.34 30.10
N LEU C 184 28.53 -38.50 31.12
CA LEU C 184 28.96 -37.37 31.93
C LEU C 184 30.35 -37.66 32.47
N SER C 185 31.07 -36.61 32.85
CA SER C 185 32.41 -36.73 33.37
C SER C 185 32.61 -35.75 34.51
N SER C 186 33.66 -35.99 35.29
CA SER C 186 34.04 -35.11 36.39
C SER C 186 35.55 -35.17 36.55
N VAL C 187 36.10 -34.12 37.18
CA VAL C 187 37.54 -34.01 37.36
C VAL C 187 37.80 -33.11 38.56
N VAL C 188 39.00 -33.23 39.13
CA VAL C 188 39.38 -32.46 40.30
C VAL C 188 40.90 -32.34 40.31
N THR C 189 41.42 -31.35 41.03
CA THR C 189 42.85 -31.12 41.15
C THR C 189 43.26 -31.23 42.62
N VAL C 190 44.38 -31.91 42.86
CA VAL C 190 44.89 -32.08 44.22
C VAL C 190 46.39 -31.90 44.22
N PRO C 191 46.94 -31.47 45.35
CA PRO C 191 48.41 -31.36 45.47
C PRO C 191 49.07 -32.71 45.29
N SER C 192 50.26 -32.67 44.67
CA SER C 192 51.00 -33.90 44.41
C SER C 192 51.50 -34.56 45.68
N SER C 193 51.81 -33.77 46.71
CA SER C 193 52.36 -34.33 47.95
C SER C 193 51.33 -35.15 48.70
N SER C 194 50.06 -34.74 48.67
CA SER C 194 49.01 -35.35 49.46
C SER C 194 48.13 -36.30 48.63
N LEU C 195 48.71 -37.00 47.66
CA LEU C 195 47.93 -37.94 46.86
C LEU C 195 47.43 -39.11 47.71
N GLY C 196 48.31 -39.71 48.50
CA GLY C 196 47.92 -40.86 49.31
C GLY C 196 46.95 -40.50 50.43
N THR C 197 47.15 -39.34 51.05
CA THR C 197 46.40 -39.01 52.26
C THR C 197 44.94 -38.69 51.94
N GLN C 198 44.68 -37.97 50.84
CA GLN C 198 43.33 -37.50 50.56
C GLN C 198 42.37 -38.65 50.33
N THR C 199 42.72 -39.56 49.41
CA THR C 199 41.90 -40.73 49.08
C THR C 199 40.45 -40.33 48.80
N TYR C 200 40.28 -39.53 47.74
CA TYR C 200 38.96 -39.06 47.36
C TYR C 200 38.12 -40.18 46.76
N ILE C 201 36.80 -40.00 46.82
CA ILE C 201 35.85 -40.95 46.26
C ILE C 201 34.79 -40.17 45.49
N CYS C 202 34.03 -40.90 44.67
CA CYS C 202 32.96 -40.32 43.86
C CYS C 202 31.62 -40.85 44.35
N ASN C 203 30.69 -39.94 44.63
CA ASN C 203 29.33 -40.28 45.05
C ASN C 203 28.39 -39.98 43.89
N VAL C 204 27.89 -41.03 43.25
CA VAL C 204 27.02 -40.91 42.08
C VAL C 204 25.62 -41.33 42.48
N ASN C 205 24.67 -40.40 42.35
CA ASN C 205 23.28 -40.64 42.72
C ASN C 205 22.39 -40.47 41.50
N HIS C 206 21.54 -41.47 41.24
CA HIS C 206 20.60 -41.44 40.12
C HIS C 206 19.22 -41.77 40.69
N LYS C 207 18.46 -40.74 41.05
CA LYS C 207 17.16 -40.95 41.68
C LYS C 207 16.19 -41.76 40.82
N PRO C 208 16.04 -41.50 39.50
CA PRO C 208 15.17 -42.37 38.70
C PRO C 208 15.63 -43.81 38.62
N SER C 209 16.90 -44.09 38.92
CA SER C 209 17.42 -45.45 38.90
C SER C 209 17.81 -45.98 40.27
N ASN C 210 17.84 -45.14 41.30
CA ASN C 210 18.14 -45.55 42.67
C ASN C 210 19.49 -46.24 42.76
N THR C 211 20.54 -45.49 42.44
CA THR C 211 21.91 -45.99 42.46
C THR C 211 22.79 -45.02 43.23
N LYS C 212 23.68 -45.58 44.05
CA LYS C 212 24.61 -44.81 44.87
C LYS C 212 26.01 -45.41 44.78
N VAL C 213 26.45 -45.69 43.55
CA VAL C 213 27.71 -46.39 43.34
C VAL C 213 28.88 -45.47 43.64
N ASP C 214 29.94 -46.05 44.24
CA ASP C 214 31.18 -45.33 44.51
C ASP C 214 32.34 -46.24 44.13
N LYS C 215 33.12 -45.84 43.14
CA LYS C 215 34.23 -46.64 42.64
C LYS C 215 35.56 -46.29 43.31
N ARG C 216 35.57 -45.36 44.26
CA ARG C 216 36.71 -45.08 45.13
C ARG C 216 37.85 -44.40 44.38
N VAL C 217 37.73 -44.32 43.05
CA VAL C 217 38.70 -43.70 42.14
C VAL C 217 40.13 -43.82 42.68
N GLU C 218 40.51 -45.02 43.09
CA GLU C 218 41.84 -45.23 43.64
C GLU C 218 42.88 -45.10 42.53
N PRO C 219 43.89 -44.24 42.69
CA PRO C 219 44.92 -44.11 41.65
C PRO C 219 45.66 -45.43 41.44
N LYS C 220 45.57 -45.95 40.23
CA LYS C 220 46.19 -47.23 39.88
C LYS C 220 47.70 -47.05 39.83
N SER C 221 48.38 -47.47 40.90
CA SER C 221 49.82 -47.32 41.04
C SER C 221 50.25 -45.86 40.87
N ASP D 1 9.41 -17.22 6.27
CA ASP D 1 9.55 -16.04 5.42
C ASP D 1 10.68 -15.15 5.87
N ILE D 2 10.43 -14.31 6.87
CA ILE D 2 11.41 -13.34 7.35
C ILE D 2 12.45 -14.06 8.19
N VAL D 3 13.73 -13.78 7.92
CA VAL D 3 14.85 -14.35 8.64
C VAL D 3 15.60 -13.22 9.34
N MET D 4 15.77 -13.36 10.65
CA MET D 4 16.46 -12.37 11.46
C MET D 4 17.86 -12.84 11.76
N THR D 5 18.85 -12.00 11.47
CA THR D 5 20.26 -12.32 11.70
C THR D 5 20.84 -11.35 12.71
N GLN D 6 21.48 -11.89 13.75
CA GLN D 6 22.11 -11.09 14.77
C GLN D 6 23.62 -11.08 14.60
N SER D 7 24.25 -10.07 15.18
CA SER D 7 25.69 -9.93 15.14
C SER D 7 26.14 -9.11 16.33
N PRO D 8 27.20 -9.54 17.04
CA PRO D 8 27.88 -10.81 16.81
C PRO D 8 27.22 -11.95 17.58
N SER D 9 27.63 -13.19 17.31
CA SER D 9 27.10 -14.32 18.05
C SER D 9 27.65 -14.40 19.47
N SER D 10 28.77 -13.74 19.73
CA SER D 10 29.37 -13.72 21.06
C SER D 10 30.11 -12.40 21.25
N LEU D 11 29.98 -11.81 22.43
CA LEU D 11 30.60 -10.53 22.74
C LEU D 11 31.15 -10.57 24.14
N SER D 12 32.33 -9.96 24.32
CA SER D 12 32.99 -9.87 25.61
C SER D 12 33.18 -8.41 25.99
N ALA D 13 32.91 -8.10 27.26
CA ALA D 13 32.97 -6.73 27.72
C ALA D 13 33.23 -6.71 29.22
N SER D 14 33.66 -5.55 29.70
CA SER D 14 33.97 -5.34 31.11
C SER D 14 32.87 -4.52 31.79
N VAL D 15 32.88 -4.54 33.11
CA VAL D 15 31.87 -3.81 33.87
C VAL D 15 32.10 -2.31 33.70
N GLY D 16 31.05 -1.60 33.31
CA GLY D 16 31.12 -0.17 33.08
C GLY D 16 31.28 0.23 31.62
N ASP D 17 31.46 -0.73 30.73
CA ASP D 17 31.66 -0.43 29.32
C ASP D 17 30.33 -0.22 28.62
N ARG D 18 30.35 -0.14 27.30
CA ARG D 18 29.18 0.10 26.47
C ARG D 18 29.13 -0.94 25.36
N VAL D 19 27.94 -1.48 25.10
CA VAL D 19 27.78 -2.56 24.15
C VAL D 19 26.73 -2.20 23.11
N THR D 20 26.76 -2.92 22.00
CA THR D 20 25.82 -2.71 20.90
C THR D 20 25.58 -4.04 20.19
N ILE D 21 24.30 -4.38 20.02
CA ILE D 21 23.90 -5.62 19.36
C ILE D 21 23.00 -5.25 18.19
N THR D 22 23.28 -5.85 17.03
CA THR D 22 22.56 -5.55 15.80
C THR D 22 21.70 -6.74 15.39
N CYS D 23 20.52 -6.46 14.86
CA CYS D 23 19.56 -7.48 14.43
C CYS D 23 19.07 -7.10 13.04
N ARG D 24 19.69 -7.67 12.02
CA ARG D 24 19.30 -7.42 10.63
C ARG D 24 18.03 -8.19 10.29
N ALA D 25 17.34 -7.74 9.24
CA ALA D 25 16.12 -8.37 8.78
C ALA D 25 16.17 -8.57 7.27
N SER D 26 15.51 -9.63 6.80
CA SER D 26 15.50 -9.92 5.37
C SER D 26 14.64 -8.91 4.61
N GLN D 27 13.48 -8.57 5.16
CA GLN D 27 12.58 -7.57 4.59
C GLN D 27 12.46 -6.39 5.55
N SER D 28 11.75 -5.36 5.10
CA SER D 28 11.42 -4.25 5.98
C SER D 28 10.27 -4.64 6.89
N ILE D 29 10.45 -4.45 8.20
CA ILE D 29 9.47 -4.86 9.18
C ILE D 29 8.97 -3.68 10.00
N ALA D 30 9.16 -2.46 9.50
CA ALA D 30 8.72 -1.23 10.16
C ALA D 30 9.39 -1.17 11.53
N TYR D 31 8.64 -0.96 12.62
CA TYR D 31 9.21 -0.87 13.95
C TYR D 31 8.80 -2.03 14.85
N TYR D 32 8.32 -3.12 14.26
CA TYR D 32 7.82 -4.27 15.03
C TYR D 32 8.99 -5.20 15.36
N LEU D 33 9.79 -4.78 16.34
CA LEU D 33 10.92 -5.57 16.80
C LEU D 33 10.99 -5.51 18.33
N ASN D 34 11.28 -6.65 18.95
CA ASN D 34 11.30 -6.77 20.39
C ASN D 34 12.60 -7.43 20.83
N TRP D 35 13.06 -7.07 22.03
CA TRP D 35 14.28 -7.60 22.61
C TRP D 35 13.98 -8.34 23.90
N TYR D 36 14.58 -9.51 24.07
CA TYR D 36 14.37 -10.34 25.25
C TYR D 36 15.70 -10.66 25.90
N GLN D 37 15.65 -10.95 27.20
CA GLN D 37 16.81 -11.33 27.98
C GLN D 37 16.54 -12.68 28.64
N GLN D 38 17.41 -13.65 28.40
CA GLN D 38 17.28 -14.97 29.00
C GLN D 38 18.55 -15.33 29.75
N LYS D 39 18.40 -15.75 30.99
CA LYS D 39 19.48 -16.26 31.81
C LYS D 39 19.39 -17.79 31.89
N PRO D 40 20.51 -18.45 32.17
CA PRO D 40 20.52 -19.93 32.13
C PRO D 40 19.48 -20.54 33.06
N GLY D 41 18.61 -21.37 32.48
CA GLY D 41 17.62 -22.10 33.24
C GLY D 41 16.36 -21.35 33.57
N LYS D 42 16.16 -20.15 33.02
CA LYS D 42 14.99 -19.34 33.34
C LYS D 42 14.34 -18.83 32.06
N ALA D 43 13.08 -18.43 32.20
CA ALA D 43 12.31 -17.97 31.05
C ALA D 43 12.82 -16.61 30.58
N PRO D 44 12.70 -16.33 29.27
CA PRO D 44 13.13 -15.02 28.76
C PRO D 44 12.30 -13.89 29.34
N LYS D 45 12.94 -12.73 29.48
CA LYS D 45 12.30 -11.54 30.04
C LYS D 45 12.33 -10.43 29.00
N LEU D 46 11.17 -9.81 28.78
CA LEU D 46 11.06 -8.73 27.80
C LEU D 46 11.81 -7.49 28.29
N LEU D 47 12.51 -6.84 27.37
CA LEU D 47 13.20 -5.59 27.66
C LEU D 47 12.63 -4.42 26.85
N ILE D 48 12.60 -4.52 25.53
CA ILE D 48 12.20 -3.43 24.66
C ILE D 48 11.15 -3.95 23.68
N TYR D 49 10.07 -3.19 23.50
CA TYR D 49 9.08 -3.47 22.48
C TYR D 49 8.90 -2.25 21.59
N ALA D 50 8.45 -2.50 20.36
CA ALA D 50 8.31 -1.48 19.32
C ALA D 50 9.64 -0.81 19.00
N ALA D 51 10.75 -1.49 19.32
CA ALA D 51 12.12 -1.11 18.96
C ALA D 51 12.63 0.09 19.73
N SER D 52 11.75 0.78 20.47
CA SER D 52 12.21 1.88 21.32
C SER D 52 11.57 1.92 22.70
N SER D 53 10.39 1.34 22.90
CA SER D 53 9.68 1.49 24.16
C SER D 53 10.26 0.58 25.22
N LEU D 54 10.49 1.13 26.41
CA LEU D 54 11.11 0.40 27.50
C LEU D 54 10.03 -0.19 28.41
N GLN D 55 10.15 -1.48 28.70
CA GLN D 55 9.19 -2.15 29.56
C GLN D 55 9.29 -1.61 30.99
N SER D 56 8.14 -1.53 31.66
CA SER D 56 8.12 -1.08 33.04
C SER D 56 8.93 -2.01 33.93
N GLY D 57 9.78 -1.41 34.78
CA GLY D 57 10.65 -2.17 35.65
C GLY D 57 12.02 -2.45 35.10
N VAL D 58 12.28 -2.11 33.85
CA VAL D 58 13.59 -2.34 33.23
C VAL D 58 14.47 -1.12 33.50
N PRO D 59 15.72 -1.30 33.89
CA PRO D 59 16.58 -0.14 34.17
C PRO D 59 16.76 0.75 32.95
N SER D 60 16.96 2.05 33.22
CA SER D 60 17.04 3.04 32.17
C SER D 60 18.29 2.89 31.30
N ARG D 61 19.25 2.06 31.71
CA ARG D 61 20.46 1.88 30.91
C ARG D 61 20.22 1.10 29.62
N PHE D 62 19.05 0.48 29.47
CA PHE D 62 18.72 -0.22 28.23
C PHE D 62 18.00 0.72 27.27
N SER D 63 18.41 0.69 26.02
CA SER D 63 17.82 1.54 24.99
C SER D 63 17.91 0.84 23.65
N GLY D 64 16.96 1.16 22.77
CA GLY D 64 16.95 0.58 21.44
C GLY D 64 16.52 1.61 20.42
N SER D 65 16.98 1.41 19.19
CA SER D 65 16.64 2.32 18.10
C SER D 65 16.80 1.58 16.78
N GLY D 66 16.15 2.10 15.75
CA GLY D 66 16.24 1.55 14.42
C GLY D 66 14.88 1.43 13.76
N SER D 67 14.89 1.26 12.44
CA SER D 67 13.67 1.06 11.68
C SER D 67 14.03 0.49 10.31
N GLY D 68 13.10 -0.25 9.74
CA GLY D 68 13.31 -0.82 8.42
C GLY D 68 13.92 -2.20 8.46
N THR D 69 15.23 -2.28 8.24
CA THR D 69 15.95 -3.54 8.24
C THR D 69 17.12 -3.59 9.21
N ASP D 70 17.51 -2.47 9.83
CA ASP D 70 18.63 -2.43 10.75
C ASP D 70 18.13 -1.95 12.11
N PHE D 71 18.45 -2.72 13.15
CA PHE D 71 18.05 -2.39 14.51
C PHE D 71 19.24 -2.62 15.44
N THR D 72 19.24 -1.88 16.56
CA THR D 72 20.34 -1.96 17.51
C THR D 72 19.80 -1.93 18.93
N LEU D 73 20.56 -2.54 19.84
CA LEU D 73 20.28 -2.54 21.28
C LEU D 73 21.53 -2.09 22.02
N THR D 74 21.37 -1.14 22.93
CA THR D 74 22.50 -0.53 23.62
C THR D 74 22.32 -0.62 25.12
N ILE D 75 23.40 -0.92 25.83
CA ILE D 75 23.45 -0.87 27.29
C ILE D 75 24.45 0.22 27.65
N SER D 76 23.96 1.31 28.26
CA SER D 76 24.81 2.47 28.49
C SER D 76 25.92 2.17 29.47
N SER D 77 25.62 1.48 30.56
CA SER D 77 26.60 1.14 31.58
C SER D 77 26.43 -0.33 31.95
N LEU D 78 27.46 -1.13 31.70
CA LEU D 78 27.39 -2.56 31.94
C LEU D 78 27.54 -2.86 33.42
N GLN D 79 26.76 -3.83 33.89
CA GLN D 79 26.76 -4.25 35.29
C GLN D 79 26.75 -5.77 35.32
N PRO D 80 27.20 -6.37 36.44
CA PRO D 80 27.36 -7.83 36.46
C PRO D 80 26.09 -8.61 36.20
N GLU D 81 24.93 -8.03 36.47
CA GLU D 81 23.66 -8.72 36.28
C GLU D 81 23.18 -8.71 34.82
N ASP D 82 23.93 -8.09 33.91
CA ASP D 82 23.51 -7.92 32.54
C ASP D 82 24.15 -8.93 31.58
N PHE D 83 24.83 -9.95 32.12
CA PHE D 83 25.48 -10.97 31.30
C PHE D 83 24.48 -12.09 31.04
N ALA D 84 23.94 -12.13 29.82
CA ALA D 84 22.94 -13.12 29.45
C ALA D 84 22.88 -13.20 27.93
N THR D 85 22.02 -14.09 27.44
CA THR D 85 21.77 -14.22 26.01
C THR D 85 20.60 -13.31 25.63
N TYR D 86 20.71 -12.68 24.47
CA TYR D 86 19.75 -11.70 24.00
C TYR D 86 19.17 -12.12 22.67
N TYR D 87 17.84 -12.08 22.56
CA TYR D 87 17.12 -12.49 21.36
C TYR D 87 16.29 -11.33 20.83
N CYS D 88 16.27 -11.18 19.51
CA CYS D 88 15.38 -10.22 18.86
C CYS D 88 14.26 -10.97 18.15
N GLN D 89 13.04 -10.45 18.28
CA GLN D 89 11.85 -11.08 17.73
C GLN D 89 11.14 -10.10 16.82
N GLN D 90 10.61 -10.61 15.71
CA GLN D 90 9.90 -9.82 14.72
C GLN D 90 8.43 -10.20 14.70
N SER D 91 7.57 -9.18 14.65
CA SER D 91 6.12 -9.38 14.65
C SER D 91 5.48 -8.63 13.49
N SER D 92 6.15 -8.60 12.33
CA SER D 92 5.58 -7.93 11.18
C SER D 92 4.30 -8.62 10.71
N ASP D 93 4.30 -9.95 10.68
CA ASP D 93 3.08 -10.71 10.45
C ASP D 93 2.47 -11.06 11.81
N PRO D 94 1.22 -10.69 12.08
CA PRO D 94 0.65 -10.86 13.43
C PRO D 94 0.73 -12.30 13.93
N PRO D 95 0.19 -13.30 13.19
CA PRO D 95 0.11 -14.64 13.77
C PRO D 95 1.47 -15.28 14.03
N GLU D 96 2.32 -15.31 13.01
CA GLU D 96 3.59 -15.99 13.09
C GLU D 96 4.70 -15.01 13.44
N TYR D 97 5.53 -15.37 14.41
CA TYR D 97 6.68 -14.56 14.79
C TYR D 97 7.92 -15.43 14.85
N THR D 98 9.08 -14.82 14.60
CA THR D 98 10.34 -15.54 14.52
C THR D 98 11.39 -14.83 15.38
N PHE D 99 12.35 -15.61 15.86
CA PHE D 99 13.43 -15.11 16.70
C PHE D 99 14.76 -15.20 15.95
N GLY D 100 15.74 -14.44 16.44
CA GLY D 100 17.10 -14.58 16.00
C GLY D 100 17.82 -15.71 16.71
N GLN D 101 19.05 -15.96 16.28
CA GLN D 101 19.83 -17.05 16.87
C GLN D 101 20.33 -16.71 18.26
N GLY D 102 20.46 -15.44 18.59
CA GLY D 102 20.87 -15.02 19.92
C GLY D 102 22.25 -14.41 19.93
N THR D 103 22.54 -13.73 21.04
CA THR D 103 23.84 -13.10 21.27
C THR D 103 24.20 -13.28 22.73
N LYS D 104 25.18 -14.13 23.01
CA LYS D 104 25.59 -14.41 24.37
C LYS D 104 26.66 -13.41 24.80
N LEU D 105 26.41 -12.74 25.93
CA LEU D 105 27.30 -11.71 26.44
C LEU D 105 28.05 -12.25 27.64
N GLU D 106 29.37 -12.12 27.63
CA GLU D 106 30.23 -12.72 28.64
C GLU D 106 31.25 -11.70 29.14
N ILE D 107 31.83 -12.00 30.31
CA ILE D 107 32.75 -11.08 30.95
C ILE D 107 34.08 -11.05 30.21
N LYS D 108 34.83 -9.97 30.43
CA LYS D 108 36.15 -9.79 29.84
C LYS D 108 37.22 -10.21 30.84
N ARG D 109 38.23 -10.93 30.35
CA ARG D 109 39.31 -11.41 31.20
C ARG D 109 40.60 -11.42 30.40
N THR D 110 41.72 -11.31 31.11
CA THR D 110 43.03 -11.44 30.48
C THR D 110 43.24 -12.89 30.02
N VAL D 111 44.18 -13.05 29.08
CA VAL D 111 44.45 -14.37 28.53
C VAL D 111 45.15 -15.23 29.56
N ALA D 112 44.65 -16.45 29.74
CA ALA D 112 45.18 -17.39 30.71
C ALA D 112 45.74 -18.62 30.00
N ALA D 113 46.89 -19.09 30.47
CA ALA D 113 47.53 -20.25 29.85
C ALA D 113 46.79 -21.53 30.22
N PRO D 114 46.33 -22.31 29.23
CA PRO D 114 45.64 -23.56 29.55
C PRO D 114 46.57 -24.60 30.15
N SER D 115 45.97 -25.51 30.91
CA SER D 115 46.66 -26.68 31.44
C SER D 115 46.03 -27.93 30.85
N VAL D 116 46.88 -28.83 30.34
CA VAL D 116 46.42 -30.02 29.62
C VAL D 116 46.85 -31.26 30.38
N PHE D 117 45.93 -32.20 30.55
CA PHE D 117 46.22 -33.48 31.18
C PHE D 117 45.42 -34.57 30.47
N ILE D 118 45.89 -35.81 30.61
CA ILE D 118 45.25 -36.96 29.99
C ILE D 118 45.16 -38.09 31.02
N PHE D 119 44.21 -38.99 30.79
CA PHE D 119 43.96 -40.12 31.69
C PHE D 119 43.87 -41.39 30.88
N PRO D 120 44.68 -42.41 31.19
CA PRO D 120 44.56 -43.67 30.47
C PRO D 120 43.26 -44.39 30.83
N PRO D 121 42.72 -45.21 29.93
CA PRO D 121 41.53 -45.99 30.28
C PRO D 121 41.82 -46.95 31.43
N SER D 122 40.83 -47.11 32.29
CA SER D 122 40.97 -47.94 33.48
C SER D 122 40.72 -49.40 33.16
N ASP D 123 41.52 -50.28 33.78
CA ASP D 123 41.35 -51.71 33.62
C ASP D 123 40.17 -52.25 34.43
N GLU D 124 39.77 -51.55 35.50
CA GLU D 124 38.73 -52.06 36.39
C GLU D 124 37.41 -52.27 35.67
N GLN D 125 37.20 -51.64 34.53
CA GLN D 125 36.03 -51.89 33.70
C GLN D 125 36.42 -52.05 32.23
N LEU D 126 37.71 -52.30 31.95
CA LEU D 126 38.11 -52.64 30.59
C LEU D 126 37.53 -53.97 30.14
N LYS D 127 37.14 -54.83 31.09
CA LYS D 127 36.52 -56.10 30.74
C LYS D 127 35.19 -55.92 30.02
N SER D 128 34.57 -54.74 30.14
CA SER D 128 33.34 -54.47 29.41
C SER D 128 33.58 -54.51 27.91
N GLY D 129 34.70 -53.97 27.45
CA GLY D 129 35.04 -54.03 26.04
C GLY D 129 35.04 -52.68 25.34
N THR D 130 34.87 -51.60 26.12
CA THR D 130 34.87 -50.24 25.58
C THR D 130 35.96 -49.44 26.28
N ALA D 131 36.85 -48.85 25.49
CA ALA D 131 37.95 -48.05 26.00
C ALA D 131 37.72 -46.59 25.60
N SER D 132 37.77 -45.69 26.58
CA SER D 132 37.56 -44.26 26.36
C SER D 132 38.68 -43.48 27.02
N VAL D 133 39.52 -42.87 26.21
CA VAL D 133 40.61 -42.03 26.71
C VAL D 133 40.12 -40.59 26.77
N VAL D 134 40.35 -39.94 27.90
CA VAL D 134 39.85 -38.59 28.17
C VAL D 134 41.02 -37.62 28.19
N CYS D 135 40.90 -36.54 27.43
CA CYS D 135 41.87 -35.46 27.41
C CYS D 135 41.26 -34.25 28.09
N LEU D 136 41.99 -33.64 29.02
CA LEU D 136 41.47 -32.59 29.88
C LEU D 136 42.15 -31.26 29.57
N LEU D 137 41.34 -30.20 29.48
CA LEU D 137 41.81 -28.83 29.40
C LEU D 137 41.15 -28.05 30.52
N ASN D 138 41.94 -27.31 31.30
CA ASN D 138 41.45 -26.68 32.51
C ASN D 138 41.91 -25.22 32.58
N ASN D 139 40.98 -24.34 32.95
CA ASN D 139 41.25 -22.94 33.27
C ASN D 139 41.91 -22.21 32.10
N PHE D 140 41.14 -22.08 31.01
CA PHE D 140 41.62 -21.42 29.81
C PHE D 140 40.64 -20.34 29.38
N TYR D 141 41.19 -19.21 28.93
CA TYR D 141 40.43 -18.11 28.34
C TYR D 141 41.20 -17.63 27.11
N PRO D 142 40.52 -17.35 26.00
CA PRO D 142 39.07 -17.39 25.78
C PRO D 142 38.54 -18.78 25.41
N ARG D 143 37.28 -18.83 24.97
CA ARG D 143 36.62 -20.10 24.72
C ARG D 143 37.17 -20.80 23.48
N GLU D 144 37.51 -20.03 22.45
CA GLU D 144 37.95 -20.61 21.19
C GLU D 144 39.23 -21.42 21.38
N ALA D 145 39.16 -22.71 21.07
CA ALA D 145 40.32 -23.60 21.18
C ALA D 145 40.10 -24.79 20.27
N LYS D 146 41.12 -25.12 19.48
CA LYS D 146 41.05 -26.22 18.53
C LYS D 146 41.80 -27.42 19.11
N VAL D 147 41.11 -28.55 19.24
CA VAL D 147 41.69 -29.78 19.78
C VAL D 147 41.52 -30.87 18.74
N GLN D 148 42.62 -31.55 18.41
CA GLN D 148 42.64 -32.61 17.41
C GLN D 148 43.25 -33.86 18.03
N TRP D 149 42.58 -35.00 17.85
CA TRP D 149 43.10 -36.26 18.33
C TRP D 149 44.12 -36.83 17.36
N LYS D 150 45.19 -37.42 17.91
CA LYS D 150 46.22 -38.08 17.11
C LYS D 150 46.55 -39.41 17.76
N VAL D 151 46.21 -40.50 17.07
CA VAL D 151 46.50 -41.85 17.53
C VAL D 151 47.35 -42.53 16.45
N ASP D 152 48.39 -43.24 16.90
CA ASP D 152 49.38 -43.91 16.03
C ASP D 152 49.77 -43.02 14.86
N ASN D 153 50.10 -41.76 15.17
CA ASN D 153 50.54 -40.78 14.20
C ASN D 153 49.51 -40.61 13.07
N ALA D 154 48.24 -40.59 13.44
CA ALA D 154 47.17 -40.43 12.47
C ALA D 154 46.05 -39.61 13.10
N LEU D 155 45.32 -38.89 12.26
CA LEU D 155 44.20 -38.06 12.71
C LEU D 155 42.89 -38.81 12.50
N GLN D 156 42.08 -38.87 13.56
CA GLN D 156 40.79 -39.54 13.50
C GLN D 156 39.67 -38.51 13.38
N SER D 157 38.46 -39.02 13.14
CA SER D 157 37.31 -38.16 13.00
C SER D 157 36.04 -38.94 13.33
N GLY D 158 35.01 -38.21 13.73
CA GLY D 158 33.71 -38.82 14.01
C GLY D 158 33.73 -39.81 15.16
N ASN D 159 34.59 -39.61 16.15
CA ASN D 159 34.65 -40.52 17.28
C ASN D 159 34.91 -39.80 18.60
N SER D 160 34.75 -38.48 18.64
CA SER D 160 35.04 -37.71 19.85
C SER D 160 33.88 -36.77 20.16
N GLN D 161 33.65 -36.56 21.46
CA GLN D 161 32.65 -35.63 21.95
C GLN D 161 33.26 -34.75 23.03
N GLU D 162 32.96 -33.46 22.99
CA GLU D 162 33.55 -32.49 23.88
C GLU D 162 32.48 -31.79 24.71
N SER D 163 32.84 -31.44 25.95
CA SER D 163 31.95 -30.72 26.85
C SER D 163 32.69 -29.54 27.44
N VAL D 164 32.00 -28.39 27.52
CA VAL D 164 32.57 -27.16 28.04
C VAL D 164 31.66 -26.63 29.14
N THR D 165 32.26 -26.29 30.28
CA THR D 165 31.48 -25.77 31.40
C THR D 165 31.25 -24.26 31.25
N GLU D 166 30.29 -23.76 32.01
CA GLU D 166 30.04 -22.33 32.04
C GLU D 166 31.19 -21.59 32.71
N GLN D 167 31.27 -20.29 32.46
CA GLN D 167 32.36 -19.48 32.99
C GLN D 167 32.25 -19.38 34.51
N ASP D 168 33.34 -19.66 35.20
CA ASP D 168 33.34 -19.64 36.66
C ASP D 168 33.23 -18.21 37.18
N SER D 169 32.53 -18.06 38.31
CA SER D 169 32.32 -16.73 38.87
C SER D 169 33.61 -16.16 39.45
N LYS D 170 34.39 -16.98 40.14
CA LYS D 170 35.57 -16.47 40.84
C LYS D 170 36.69 -16.11 39.86
N ASP D 171 36.96 -16.99 38.90
CA ASP D 171 38.13 -16.84 38.04
C ASP D 171 37.79 -16.50 36.60
N SER D 172 36.54 -16.62 36.19
CA SER D 172 36.10 -16.29 34.83
C SER D 172 36.88 -17.10 33.78
N THR D 173 37.07 -18.38 34.05
CA THR D 173 37.77 -19.28 33.14
C THR D 173 36.90 -20.48 32.82
N TYR D 174 37.21 -21.13 31.70
CA TYR D 174 36.46 -22.27 31.21
C TYR D 174 37.19 -23.57 31.59
N SER D 175 36.65 -24.69 31.10
CA SER D 175 37.26 -26.01 31.26
C SER D 175 36.67 -26.92 30.21
N LEU D 176 37.53 -27.70 29.55
CA LEU D 176 37.12 -28.53 28.43
C LEU D 176 37.60 -29.96 28.64
N SER D 177 36.76 -30.91 28.27
CA SER D 177 37.09 -32.34 28.34
C SER D 177 36.67 -33.01 27.04
N SER D 178 37.58 -33.80 26.47
CA SER D 178 37.33 -34.52 25.23
C SER D 178 37.55 -36.00 25.46
N THR D 179 36.65 -36.82 24.91
CA THR D 179 36.70 -38.27 25.10
C THR D 179 36.69 -38.94 23.74
N LEU D 180 37.61 -39.87 23.53
CA LEU D 180 37.72 -40.64 22.29
C LEU D 180 37.06 -42.00 22.47
N THR D 181 36.21 -42.37 21.52
CA THR D 181 35.47 -43.62 21.58
C THR D 181 36.19 -44.69 20.78
N LEU D 182 36.38 -45.86 21.39
CA LEU D 182 37.08 -46.96 20.74
C LEU D 182 36.63 -48.26 21.40
N SER D 183 36.85 -49.37 20.68
CA SER D 183 36.49 -50.69 21.17
C SER D 183 37.69 -51.34 21.87
N LYS D 184 37.45 -52.51 22.46
CA LYS D 184 38.51 -53.23 23.15
C LYS D 184 39.57 -53.74 22.18
N ALA D 185 39.12 -54.35 21.07
CA ALA D 185 40.06 -54.94 20.12
C ALA D 185 40.98 -53.88 19.52
N ASP D 186 40.43 -52.72 19.19
CA ASP D 186 41.24 -51.64 18.62
C ASP D 186 42.11 -50.95 19.65
N TYR D 187 41.86 -51.15 20.95
CA TYR D 187 42.62 -50.46 21.98
C TYR D 187 44.06 -50.96 22.06
N GLU D 188 44.25 -52.28 22.10
CA GLU D 188 45.58 -52.84 22.24
C GLU D 188 46.39 -52.81 20.95
N LYS D 189 45.77 -52.43 19.83
CA LYS D 189 46.47 -52.46 18.54
C LYS D 189 47.68 -51.54 18.55
N HIS D 190 47.54 -50.35 19.12
CA HIS D 190 48.62 -49.38 19.14
C HIS D 190 48.83 -48.88 20.58
N LYS D 191 49.88 -48.09 20.77
CA LYS D 191 50.11 -47.43 22.04
C LYS D 191 50.62 -46.00 21.88
N VAL D 192 50.31 -45.35 20.76
CA VAL D 192 50.67 -43.95 20.53
C VAL D 192 49.40 -43.13 20.65
N TYR D 193 49.32 -42.28 21.69
CA TYR D 193 48.14 -41.48 21.99
C TYR D 193 48.56 -40.03 22.17
N ALA D 194 48.12 -39.16 21.28
CA ALA D 194 48.47 -37.74 21.33
C ALA D 194 47.19 -36.91 21.31
N CYS D 195 47.11 -35.93 22.21
CA CYS D 195 46.01 -34.99 22.27
C CYS D 195 46.55 -33.62 21.91
N GLU D 196 46.22 -33.14 20.71
CA GLU D 196 46.75 -31.87 20.20
C GLU D 196 45.77 -30.75 20.52
N VAL D 197 46.29 -29.65 21.04
CA VAL D 197 45.50 -28.50 21.44
C VAL D 197 46.06 -27.25 20.76
N THR D 198 45.20 -26.52 20.07
CA THR D 198 45.56 -25.24 19.46
C THR D 198 44.79 -24.14 20.19
N HIS D 199 45.51 -23.17 20.73
CA HIS D 199 44.89 -22.12 21.52
C HIS D 199 45.71 -20.84 21.40
N GLN D 200 45.06 -19.72 21.68
CA GLN D 200 45.73 -18.42 21.60
C GLN D 200 46.85 -18.30 22.63
N GLY D 201 46.65 -18.85 23.82
CA GLY D 201 47.65 -18.76 24.86
C GLY D 201 48.85 -19.67 24.67
N LEU D 202 48.81 -20.55 23.67
CA LEU D 202 49.91 -21.47 23.39
C LEU D 202 50.56 -21.09 22.07
N SER D 203 51.89 -20.87 22.11
CA SER D 203 52.61 -20.53 20.90
C SER D 203 52.58 -21.66 19.88
N SER D 204 52.75 -22.90 20.35
CA SER D 204 52.73 -24.08 19.50
C SER D 204 51.82 -25.13 20.15
N PRO D 205 51.19 -25.99 19.35
CA PRO D 205 50.33 -27.02 19.91
C PRO D 205 51.11 -27.94 20.85
N VAL D 206 50.46 -28.33 21.93
CA VAL D 206 51.07 -29.13 22.99
C VAL D 206 50.32 -30.44 23.10
N THR D 207 51.05 -31.55 23.12
CA THR D 207 50.47 -32.88 23.21
C THR D 207 51.06 -33.63 24.39
N LYS D 208 50.29 -34.55 24.94
CA LYS D 208 50.74 -35.42 26.03
C LYS D 208 50.34 -36.86 25.70
N SER D 209 51.18 -37.81 26.10
CA SER D 209 51.06 -39.18 25.67
C SER D 209 51.15 -40.14 26.85
N PHE D 210 50.70 -41.37 26.61
CA PHE D 210 50.81 -42.46 27.56
C PHE D 210 50.75 -43.77 26.78
N ASN D 211 51.20 -44.84 27.42
CA ASN D 211 51.18 -46.17 26.82
C ASN D 211 51.35 -47.26 27.87
N GLN E 1 -20.00 -29.29 -36.20
CA GLN E 1 -20.07 -29.30 -34.75
C GLN E 1 -19.07 -28.31 -34.15
N VAL E 2 -18.98 -28.28 -32.82
CA VAL E 2 -18.08 -27.37 -32.14
C VAL E 2 -16.69 -27.99 -32.12
N GLN E 3 -15.74 -27.36 -32.80
CA GLN E 3 -14.38 -27.85 -32.89
C GLN E 3 -13.40 -26.71 -32.62
N LEU E 4 -12.32 -27.03 -31.90
CA LEU E 4 -11.26 -26.08 -31.60
C LEU E 4 -9.93 -26.70 -32.00
N VAL E 5 -9.12 -25.97 -32.76
CA VAL E 5 -7.87 -26.48 -33.28
C VAL E 5 -6.75 -25.52 -32.87
N GLU E 6 -5.73 -26.05 -32.21
CA GLU E 6 -4.58 -25.28 -31.78
C GLU E 6 -3.44 -25.38 -32.80
N SER E 7 -2.47 -24.47 -32.66
CA SER E 7 -1.29 -24.45 -33.51
C SER E 7 -0.31 -23.44 -32.94
N GLY E 8 0.98 -23.76 -33.00
CA GLY E 8 2.00 -22.81 -32.61
C GLY E 8 2.96 -23.30 -31.55
N GLY E 9 3.03 -24.60 -31.33
CA GLY E 9 3.91 -25.18 -30.34
C GLY E 9 5.23 -25.64 -30.94
N GLY E 10 6.25 -25.67 -30.09
CA GLY E 10 7.56 -26.10 -30.52
C GLY E 10 8.60 -25.83 -29.45
N LEU E 11 9.86 -26.00 -29.83
CA LEU E 11 10.97 -25.76 -28.92
C LEU E 11 11.37 -24.29 -28.97
N VAL E 12 11.60 -23.73 -27.78
CA VAL E 12 12.03 -22.34 -27.65
C VAL E 12 13.05 -22.26 -26.52
N GLN E 13 14.07 -21.41 -26.71
CA GLN E 13 15.09 -21.26 -25.70
C GLN E 13 14.54 -20.53 -24.47
N PRO E 14 15.10 -20.79 -23.29
CA PRO E 14 14.67 -20.05 -22.10
C PRO E 14 14.85 -18.55 -22.28
N GLY E 15 13.87 -17.79 -21.77
CA GLY E 15 13.89 -16.35 -21.91
C GLY E 15 13.40 -15.82 -23.24
N GLY E 16 12.85 -16.67 -24.09
CA GLY E 16 12.39 -16.28 -25.40
C GLY E 16 10.95 -15.84 -25.43
N SER E 17 10.30 -16.04 -26.57
CA SER E 17 8.91 -15.67 -26.75
C SER E 17 8.28 -16.54 -27.83
N LEU E 18 7.02 -16.91 -27.63
CA LEU E 18 6.28 -17.71 -28.59
C LEU E 18 4.83 -17.27 -28.60
N ARG E 19 4.14 -17.55 -29.71
CA ARG E 19 2.74 -17.22 -29.89
C ARG E 19 1.96 -18.48 -30.19
N LEU E 20 0.80 -18.64 -29.54
CA LEU E 20 -0.09 -19.75 -29.76
C LEU E 20 -1.40 -19.25 -30.35
N SER E 21 -2.03 -20.09 -31.17
CA SER E 21 -3.27 -19.72 -31.83
C SER E 21 -4.27 -20.85 -31.70
N CYS E 22 -5.55 -20.51 -31.83
CA CYS E 22 -6.62 -21.49 -31.74
C CYS E 22 -7.82 -20.94 -32.50
N ALA E 23 -8.25 -21.67 -33.54
CA ALA E 23 -9.34 -21.24 -34.40
C ALA E 23 -10.60 -22.03 -34.08
N ALA E 24 -11.71 -21.32 -33.93
CA ALA E 24 -12.96 -21.93 -33.51
C ALA E 24 -13.90 -22.12 -34.70
N SER E 25 -14.81 -23.07 -34.57
CA SER E 25 -15.82 -23.33 -35.58
C SER E 25 -17.01 -24.00 -34.92
N GLY E 26 -18.19 -23.81 -35.54
CA GLY E 26 -19.41 -24.45 -35.10
C GLY E 26 -20.27 -23.64 -34.15
N PHE E 27 -19.81 -22.45 -33.73
CA PHE E 27 -20.57 -21.66 -32.77
C PHE E 27 -20.24 -20.19 -32.98
N THR E 28 -21.08 -19.34 -32.40
CA THR E 28 -20.89 -17.89 -32.45
C THR E 28 -19.76 -17.51 -31.49
N PHE E 29 -18.61 -17.13 -32.05
CA PHE E 29 -17.41 -16.93 -31.25
C PHE E 29 -17.55 -15.75 -30.29
N SER E 30 -18.16 -14.66 -30.76
CA SER E 30 -18.18 -13.43 -29.97
C SER E 30 -19.10 -13.52 -28.76
N SER E 31 -19.93 -14.55 -28.66
CA SER E 31 -20.88 -14.68 -27.56
C SER E 31 -20.37 -15.54 -26.41
N TYR E 32 -19.15 -16.04 -26.49
CA TYR E 32 -18.63 -16.97 -25.50
C TYR E 32 -17.27 -16.51 -24.98
N ASP E 33 -16.94 -16.97 -23.78
CA ASP E 33 -15.64 -16.75 -23.18
C ASP E 33 -14.68 -17.85 -23.62
N MET E 34 -13.38 -17.54 -23.55
CA MET E 34 -12.34 -18.48 -23.94
C MET E 34 -11.24 -18.50 -22.89
N HIS E 35 -10.65 -19.68 -22.68
CA HIS E 35 -9.65 -19.87 -21.65
C HIS E 35 -8.53 -20.75 -22.19
N TRP E 36 -7.37 -20.63 -21.57
CA TRP E 36 -6.23 -21.50 -21.81
C TRP E 36 -5.94 -22.29 -20.53
N VAL E 37 -5.74 -23.59 -20.66
CA VAL E 37 -5.43 -24.48 -19.54
C VAL E 37 -4.23 -25.33 -19.91
N ARG E 38 -3.26 -25.41 -19.02
CA ARG E 38 -2.06 -26.21 -19.23
C ARG E 38 -2.09 -27.47 -18.38
N GLN E 39 -1.41 -28.51 -18.86
CA GLN E 39 -1.34 -29.78 -18.14
C GLN E 39 0.10 -30.29 -18.18
N THR E 40 0.70 -30.46 -17.01
CA THR E 40 1.99 -31.09 -16.85
C THR E 40 1.88 -32.23 -15.85
N THR E 41 2.75 -33.23 -16.00
CA THR E 41 2.68 -34.40 -15.13
C THR E 41 2.95 -34.04 -13.67
N GLY E 42 3.76 -33.00 -13.43
CA GLY E 42 4.09 -32.64 -12.06
C GLY E 42 2.92 -32.12 -11.27
N LYS E 43 2.09 -31.26 -11.88
CA LYS E 43 1.01 -30.59 -11.17
C LYS E 43 -0.36 -30.78 -11.79
N GLY E 44 -0.49 -31.60 -12.83
CA GLY E 44 -1.79 -31.81 -13.42
C GLY E 44 -2.29 -30.58 -14.18
N LEU E 45 -3.61 -30.43 -14.21
CA LEU E 45 -4.25 -29.34 -14.93
C LEU E 45 -4.13 -28.03 -14.18
N GLU E 46 -3.82 -26.96 -14.90
CA GLU E 46 -3.70 -25.63 -14.32
C GLU E 46 -4.23 -24.60 -15.30
N TRP E 47 -5.03 -23.67 -14.79
CA TRP E 47 -5.57 -22.58 -15.60
C TRP E 47 -4.58 -21.43 -15.65
N VAL E 48 -4.42 -20.84 -16.83
CA VAL E 48 -3.40 -19.81 -17.03
C VAL E 48 -3.96 -18.50 -17.56
N SER E 49 -5.11 -18.48 -18.23
CA SER E 49 -5.61 -17.24 -18.79
C SER E 49 -7.10 -17.34 -19.05
N THR E 50 -7.74 -16.18 -19.20
CA THR E 50 -9.17 -16.10 -19.44
C THR E 50 -9.49 -14.74 -20.05
N ILE E 51 -10.30 -14.72 -21.09
CA ILE E 51 -10.74 -13.49 -21.73
C ILE E 51 -12.26 -13.51 -21.87
N GLY E 52 -12.89 -12.37 -21.62
CA GLY E 52 -14.33 -12.25 -21.66
C GLY E 52 -14.83 -11.65 -22.96
N THR E 53 -16.12 -11.31 -22.95
CA THR E 53 -16.79 -10.72 -24.11
C THR E 53 -16.85 -9.21 -24.05
N ALA E 54 -16.22 -8.58 -23.05
CA ALA E 54 -16.24 -7.14 -22.90
C ALA E 54 -14.83 -6.59 -22.70
N GLY E 55 -13.84 -7.22 -23.33
CA GLY E 55 -12.47 -6.76 -23.22
C GLY E 55 -11.89 -6.85 -21.82
N ASP E 56 -12.16 -7.95 -21.13
CA ASP E 56 -11.66 -8.17 -19.78
C ASP E 56 -10.74 -9.38 -19.77
N THR E 57 -9.58 -9.25 -19.14
CA THR E 57 -8.57 -10.30 -19.10
C THR E 57 -8.23 -10.63 -17.65
N TYR E 58 -8.00 -11.90 -17.38
CA TYR E 58 -7.69 -12.38 -16.04
C TYR E 58 -6.51 -13.33 -16.09
N TYR E 59 -5.63 -13.22 -15.10
CA TYR E 59 -4.43 -14.04 -15.00
C TYR E 59 -4.22 -14.46 -13.56
N PRO E 60 -3.55 -15.59 -13.32
CA PRO E 60 -3.24 -16.00 -11.95
C PRO E 60 -1.96 -15.33 -11.46
N ASP E 61 -1.74 -15.44 -10.15
CA ASP E 61 -0.54 -14.87 -9.56
C ASP E 61 0.63 -15.84 -9.68
N SER E 62 0.82 -16.38 -10.88
CA SER E 62 2.00 -17.18 -11.21
C SER E 62 2.61 -16.84 -12.56
N VAL E 63 1.84 -16.26 -13.49
CA VAL E 63 2.35 -15.87 -14.79
C VAL E 63 1.95 -14.46 -15.17
N LYS E 64 1.24 -13.75 -14.29
CA LYS E 64 0.80 -12.39 -14.60
C LYS E 64 1.99 -11.47 -14.84
N GLY E 65 1.85 -10.59 -15.82
CA GLY E 65 2.94 -9.73 -16.24
C GLY E 65 3.83 -10.34 -17.31
N ARG E 66 3.63 -11.61 -17.64
CA ARG E 66 4.40 -12.30 -18.67
C ARG E 66 3.56 -12.73 -19.86
N PHE E 67 2.34 -13.20 -19.62
CA PHE E 67 1.48 -13.69 -20.68
C PHE E 67 0.42 -12.66 -21.02
N THR E 68 -0.06 -12.70 -22.26
CA THR E 68 -1.11 -11.80 -22.72
C THR E 68 -2.06 -12.57 -23.62
N ILE E 69 -3.35 -12.41 -23.38
CA ILE E 69 -4.38 -13.08 -24.17
C ILE E 69 -5.10 -12.03 -25.01
N SER E 70 -5.54 -12.45 -26.20
CA SER E 70 -6.17 -11.54 -27.13
C SER E 70 -7.24 -12.27 -27.92
N ARG E 71 -8.14 -11.49 -28.51
CA ARG E 71 -9.27 -12.04 -29.24
C ARG E 71 -9.43 -11.29 -30.55
N GLU E 72 -9.67 -12.03 -31.63
CA GLU E 72 -9.96 -11.45 -32.95
C GLU E 72 -11.27 -12.06 -33.43
N ASP E 73 -12.38 -11.37 -33.18
CA ASP E 73 -13.69 -11.91 -33.49
C ASP E 73 -13.91 -12.09 -34.99
N ALA E 74 -13.29 -11.23 -35.80
CA ALA E 74 -13.51 -11.31 -37.25
C ALA E 74 -13.02 -12.63 -37.82
N LYS E 75 -11.84 -13.08 -37.41
CA LYS E 75 -11.23 -14.29 -37.95
C LYS E 75 -11.49 -15.52 -37.09
N ASN E 76 -12.25 -15.38 -35.99
CA ASN E 76 -12.55 -16.50 -35.08
C ASN E 76 -11.27 -17.15 -34.58
N SER E 77 -10.38 -16.35 -34.02
CA SER E 77 -9.10 -16.83 -33.54
C SER E 77 -8.83 -16.30 -32.14
N LEU E 78 -8.12 -17.11 -31.36
CA LEU E 78 -7.69 -16.75 -30.02
C LEU E 78 -6.18 -16.91 -29.94
N TYR E 79 -5.52 -15.96 -29.28
CA TYR E 79 -4.06 -15.94 -29.25
C TYR E 79 -3.57 -15.82 -27.81
N LEU E 80 -2.38 -16.37 -27.57
CA LEU E 80 -1.72 -16.27 -26.28
C LEU E 80 -0.26 -15.92 -26.51
N GLN E 81 0.12 -14.70 -26.16
CA GLN E 81 1.50 -14.24 -26.30
C GLN E 81 2.25 -14.51 -25.01
N MET E 82 3.35 -15.26 -25.10
CA MET E 82 4.13 -15.67 -23.94
C MET E 82 5.53 -15.07 -24.03
N ASN E 83 5.96 -14.44 -22.94
CA ASN E 83 7.28 -13.84 -22.85
C ASN E 83 7.94 -14.26 -21.54
N SER E 84 9.28 -14.21 -21.54
CA SER E 84 10.09 -14.59 -20.38
C SER E 84 9.79 -16.02 -19.95
N LEU E 85 10.05 -16.96 -20.85
CA LEU E 85 9.67 -18.35 -20.67
C LEU E 85 10.71 -19.04 -19.80
N ARG E 86 10.30 -19.43 -18.59
CA ARG E 86 11.16 -20.21 -17.70
C ARG E 86 11.12 -21.68 -18.11
N ALA E 87 11.78 -22.53 -17.32
CA ALA E 87 11.77 -23.95 -17.60
C ALA E 87 10.52 -24.65 -17.09
N GLY E 88 9.76 -23.99 -16.22
CA GLY E 88 8.53 -24.54 -15.69
C GLY E 88 7.30 -24.35 -16.56
N ASP E 89 7.47 -23.75 -17.74
CA ASP E 89 6.37 -23.52 -18.66
C ASP E 89 6.17 -24.66 -19.64
N THR E 90 6.93 -25.75 -19.50
CA THR E 90 6.83 -26.87 -20.43
C THR E 90 5.63 -27.73 -20.07
N ALA E 91 4.61 -27.71 -20.92
CA ALA E 91 3.38 -28.47 -20.68
C ALA E 91 2.60 -28.50 -21.99
N VAL E 92 1.39 -29.07 -21.92
CA VAL E 92 0.48 -29.15 -23.05
C VAL E 92 -0.64 -28.14 -22.85
N TYR E 93 -0.89 -27.32 -23.86
CA TYR E 93 -1.82 -26.20 -23.77
C TYR E 93 -3.08 -26.50 -24.56
N TYR E 94 -4.23 -26.27 -23.93
CA TYR E 94 -5.54 -26.42 -24.57
C TYR E 94 -6.24 -25.07 -24.60
N CYS E 95 -7.05 -24.86 -25.63
CA CYS E 95 -8.00 -23.76 -25.65
C CYS E 95 -9.38 -24.29 -25.33
N ALA E 96 -10.02 -23.70 -24.32
CA ALA E 96 -11.30 -24.18 -23.82
C ALA E 96 -12.34 -23.07 -23.90
N ARG E 97 -13.58 -23.48 -24.11
CA ARG E 97 -14.71 -22.57 -24.21
C ARG E 97 -15.47 -22.58 -22.88
N GLY E 98 -15.82 -21.40 -22.38
CA GLY E 98 -16.54 -21.26 -21.15
C GLY E 98 -18.03 -21.10 -21.36
N ASP E 99 -18.81 -21.62 -20.42
CA ASP E 99 -20.26 -21.49 -20.46
C ASP E 99 -20.79 -21.60 -19.04
N SER E 100 -22.02 -21.16 -18.84
CA SER E 100 -22.64 -21.17 -17.53
C SER E 100 -24.11 -21.55 -17.64
N SER E 101 -24.62 -22.18 -16.57
CA SER E 101 -26.03 -22.53 -16.44
C SER E 101 -26.49 -22.02 -15.09
N GLY E 102 -26.91 -20.76 -15.06
CA GLY E 102 -27.24 -20.10 -13.80
C GLY E 102 -26.03 -19.37 -13.27
N TYR E 103 -25.73 -19.59 -12.00
CA TYR E 103 -24.51 -19.05 -11.40
C TYR E 103 -23.35 -20.03 -11.46
N TYR E 104 -23.53 -21.18 -12.08
CA TYR E 104 -22.53 -22.24 -12.12
C TYR E 104 -21.77 -22.19 -13.43
N TYR E 105 -20.44 -22.27 -13.36
CA TYR E 105 -19.57 -22.12 -14.51
C TYR E 105 -18.81 -23.41 -14.77
N TYR E 106 -18.55 -23.69 -16.05
CA TYR E 106 -17.89 -24.92 -16.42
C TYR E 106 -17.26 -24.76 -17.81
N PHE E 107 -16.29 -25.62 -18.10
CA PHE E 107 -15.67 -25.71 -19.42
C PHE E 107 -16.29 -26.87 -20.17
N ASP E 108 -16.87 -26.58 -21.33
CA ASP E 108 -17.67 -27.58 -22.04
C ASP E 108 -16.99 -28.15 -23.28
N TYR E 109 -16.08 -27.41 -23.91
CA TYR E 109 -15.39 -27.91 -25.09
C TYR E 109 -13.91 -27.58 -25.01
N TRP E 110 -13.08 -28.54 -25.40
CA TRP E 110 -11.63 -28.44 -25.34
C TRP E 110 -11.05 -28.75 -26.70
N GLY E 111 -9.82 -28.28 -26.92
CA GLY E 111 -9.10 -28.59 -28.15
C GLY E 111 -8.21 -29.81 -28.02
N GLN E 112 -7.59 -30.17 -29.15
CA GLN E 112 -6.71 -31.34 -29.15
C GLN E 112 -5.48 -31.10 -28.29
N GLY E 113 -4.88 -29.91 -28.39
CA GLY E 113 -3.72 -29.59 -27.57
C GLY E 113 -2.45 -29.35 -28.37
N THR E 114 -1.60 -28.46 -27.88
CA THR E 114 -0.30 -28.18 -28.47
C THR E 114 0.76 -28.24 -27.39
N LEU E 115 1.94 -28.74 -27.75
CA LEU E 115 3.02 -28.97 -26.79
C LEU E 115 4.09 -27.90 -26.94
N LEU E 116 4.46 -27.29 -25.83
CA LEU E 116 5.53 -26.30 -25.77
C LEU E 116 6.68 -26.88 -24.94
N THR E 117 7.86 -26.94 -25.53
CA THR E 117 9.05 -27.46 -24.87
C THR E 117 10.05 -26.33 -24.70
N VAL E 118 10.29 -25.94 -23.45
CA VAL E 118 11.24 -24.88 -23.15
C VAL E 118 12.48 -25.48 -22.52
N SER E 119 13.48 -25.79 -23.34
CA SER E 119 14.73 -26.38 -22.86
C SER E 119 15.82 -26.23 -23.91
N ASP F 1 -5.47 -20.16 -1.97
CA ASP F 1 -6.31 -20.93 -2.87
C ASP F 1 -6.97 -22.10 -2.15
N ILE F 2 -7.80 -22.84 -2.86
CA ILE F 2 -8.49 -24.02 -2.32
C ILE F 2 -7.80 -25.27 -2.85
N GLN F 3 -7.45 -26.17 -1.94
CA GLN F 3 -6.80 -27.42 -2.29
C GLN F 3 -7.83 -28.52 -2.38
N MET F 4 -7.80 -29.28 -3.48
CA MET F 4 -8.74 -30.36 -3.72
C MET F 4 -8.01 -31.69 -3.63
N THR F 5 -8.60 -32.65 -2.92
CA THR F 5 -8.03 -33.97 -2.76
C THR F 5 -9.01 -35.02 -3.24
N GLN F 6 -8.47 -36.12 -3.78
CA GLN F 6 -9.28 -37.22 -4.29
C GLN F 6 -8.81 -38.53 -3.69
N SER F 7 -9.74 -39.48 -3.57
CA SER F 7 -9.45 -40.80 -3.05
C SER F 7 -10.43 -41.77 -3.66
N PRO F 8 -9.99 -42.98 -4.06
CA PRO F 8 -8.60 -43.45 -3.99
C PRO F 8 -7.72 -42.90 -5.12
N SER F 9 -6.40 -42.98 -4.94
CA SER F 9 -5.49 -42.54 -5.99
C SER F 9 -5.63 -43.42 -7.24
N SER F 10 -5.79 -44.73 -7.05
CA SER F 10 -5.98 -45.65 -8.16
C SER F 10 -7.03 -46.68 -7.78
N LEU F 11 -7.89 -47.01 -8.74
CA LEU F 11 -8.97 -47.96 -8.53
C LEU F 11 -8.96 -48.98 -9.65
N SER F 12 -9.07 -50.26 -9.28
CA SER F 12 -9.06 -51.36 -10.25
C SER F 12 -10.40 -52.07 -10.16
N ALA F 13 -11.12 -52.11 -11.28
CA ALA F 13 -12.46 -52.67 -11.31
C ALA F 13 -12.69 -53.42 -12.61
N ALA F 14 -13.67 -54.31 -12.60
CA ALA F 14 -14.02 -55.13 -13.74
C ALA F 14 -15.29 -54.60 -14.41
N VAL F 15 -15.60 -55.18 -15.56
CA VAL F 15 -16.74 -54.71 -16.34
C VAL F 15 -18.03 -55.09 -15.65
N GLY F 16 -18.94 -54.13 -15.52
CA GLY F 16 -20.23 -54.34 -14.89
C GLY F 16 -20.29 -53.99 -13.42
N ASP F 17 -19.14 -53.73 -12.79
CA ASP F 17 -19.12 -53.41 -11.37
C ASP F 17 -19.65 -52.00 -11.13
N ARG F 18 -19.70 -51.63 -9.86
CA ARG F 18 -20.10 -50.29 -9.43
C ARG F 18 -18.90 -49.64 -8.75
N VAL F 19 -18.48 -48.48 -9.24
CA VAL F 19 -17.29 -47.81 -8.73
C VAL F 19 -17.70 -46.45 -8.15
N THR F 20 -16.90 -45.98 -7.20
CA THR F 20 -17.16 -44.70 -6.54
C THR F 20 -15.86 -43.95 -6.34
N ILE F 21 -15.84 -42.70 -6.77
CA ILE F 21 -14.71 -41.80 -6.57
C ILE F 21 -15.15 -40.69 -5.63
N THR F 22 -14.20 -40.17 -4.86
CA THR F 22 -14.50 -39.13 -3.87
C THR F 22 -13.60 -37.93 -4.08
N CYS F 23 -14.12 -36.76 -3.74
CA CYS F 23 -13.41 -35.49 -3.83
C CYS F 23 -13.66 -34.71 -2.55
N ARG F 24 -12.61 -34.08 -2.03
CA ARG F 24 -12.70 -33.32 -0.79
C ARG F 24 -12.08 -31.95 -0.98
N ALA F 25 -12.74 -30.93 -0.43
CA ALA F 25 -12.27 -29.56 -0.50
C ALA F 25 -11.78 -29.10 0.88
N SER F 26 -10.89 -28.10 0.85
CA SER F 26 -10.37 -27.51 2.07
C SER F 26 -11.28 -26.46 2.67
N GLN F 27 -12.41 -26.18 2.03
CA GLN F 27 -13.33 -25.14 2.46
C GLN F 27 -14.69 -25.42 1.83
N SER F 28 -15.75 -25.09 2.55
CA SER F 28 -17.10 -25.30 2.04
C SER F 28 -17.30 -24.54 0.74
N ILE F 29 -17.81 -25.24 -0.27
CA ILE F 29 -18.02 -24.65 -1.60
C ILE F 29 -19.42 -24.88 -2.13
N GLY F 30 -20.32 -25.48 -1.34
CA GLY F 30 -21.67 -25.69 -1.82
C GLY F 30 -21.72 -26.75 -2.91
N SER F 31 -22.46 -26.46 -3.97
CA SER F 31 -22.61 -27.35 -5.10
C SER F 31 -21.70 -26.99 -6.27
N TYR F 32 -20.82 -26.02 -6.09
CA TYR F 32 -19.93 -25.56 -7.16
C TYR F 32 -18.81 -26.59 -7.36
N LEU F 33 -19.14 -27.64 -8.09
CA LEU F 33 -18.18 -28.70 -8.37
C LEU F 33 -18.46 -29.30 -9.75
N ASN F 34 -17.39 -29.61 -10.48
CA ASN F 34 -17.48 -30.18 -11.81
C ASN F 34 -16.63 -31.43 -11.90
N TRP F 35 -17.03 -32.35 -12.76
CA TRP F 35 -16.32 -33.61 -12.98
C TRP F 35 -15.91 -33.73 -14.44
N TYR F 36 -14.68 -34.20 -14.67
CA TYR F 36 -14.13 -34.35 -16.01
C TYR F 36 -13.57 -35.75 -16.20
N GLN F 37 -13.49 -36.16 -17.46
CA GLN F 37 -12.94 -37.46 -17.85
C GLN F 37 -11.90 -37.23 -18.94
N GLN F 38 -10.71 -37.78 -18.75
CA GLN F 38 -9.64 -37.65 -19.74
C GLN F 38 -9.09 -39.03 -20.07
N LYS F 39 -9.17 -39.41 -21.33
CA LYS F 39 -8.53 -40.62 -21.83
C LYS F 39 -7.09 -40.33 -22.23
N PRO F 40 -6.22 -41.33 -22.23
CA PRO F 40 -4.79 -41.08 -22.46
C PRO F 40 -4.55 -40.47 -23.84
N GLY F 41 -3.82 -39.35 -23.85
CA GLY F 41 -3.47 -38.69 -25.10
C GLY F 41 -4.61 -37.95 -25.77
N LYS F 42 -5.65 -37.59 -25.03
CA LYS F 42 -6.79 -36.87 -25.59
C LYS F 42 -7.19 -35.76 -24.64
N ALA F 43 -8.20 -34.99 -25.05
CA ALA F 43 -8.66 -33.83 -24.31
C ALA F 43 -9.63 -34.24 -23.21
N PRO F 44 -9.72 -33.45 -22.13
CA PRO F 44 -10.72 -33.73 -21.10
C PRO F 44 -12.13 -33.49 -21.61
N LYS F 45 -13.09 -34.16 -20.99
CA LYS F 45 -14.49 -34.08 -21.35
C LYS F 45 -15.34 -33.87 -20.11
N LEU F 46 -16.29 -32.95 -20.19
CA LEU F 46 -17.14 -32.61 -19.06
C LEU F 46 -18.21 -33.68 -18.86
N LEU F 47 -18.38 -34.12 -17.61
CA LEU F 47 -19.41 -35.10 -17.27
C LEU F 47 -20.51 -34.50 -16.41
N ILE F 48 -20.16 -33.90 -15.28
CA ILE F 48 -21.12 -33.39 -14.31
C ILE F 48 -20.76 -31.95 -13.97
N TYR F 49 -21.77 -31.08 -13.93
CA TYR F 49 -21.62 -29.73 -13.40
C TYR F 49 -22.68 -29.50 -12.33
N ALA F 50 -22.41 -28.53 -11.46
CA ALA F 50 -23.23 -28.24 -10.29
C ALA F 50 -23.35 -29.43 -9.35
N ALA F 51 -22.43 -30.39 -9.49
CA ALA F 51 -22.26 -31.54 -8.61
C ALA F 51 -23.37 -32.58 -8.75
N SER F 52 -24.43 -32.26 -9.49
CA SER F 52 -25.50 -33.23 -9.69
C SER F 52 -26.13 -33.22 -11.07
N SER F 53 -25.65 -32.40 -12.00
CA SER F 53 -26.31 -32.24 -13.29
C SER F 53 -25.51 -32.96 -14.38
N LEU F 54 -26.21 -33.78 -15.16
CA LEU F 54 -25.60 -34.57 -16.21
C LEU F 54 -25.51 -33.75 -17.49
N GLN F 55 -24.31 -33.67 -18.05
CA GLN F 55 -24.10 -32.95 -19.30
C GLN F 55 -24.79 -33.67 -20.45
N SER F 56 -25.29 -32.90 -21.40
CA SER F 56 -26.00 -33.46 -22.55
C SER F 56 -25.07 -34.37 -23.34
N GLY F 57 -25.54 -35.61 -23.58
CA GLY F 57 -24.79 -36.60 -24.30
C GLY F 57 -24.06 -37.60 -23.41
N VAL F 58 -23.87 -37.28 -22.15
CA VAL F 58 -23.20 -38.21 -21.23
C VAL F 58 -24.14 -39.36 -20.91
N PRO F 59 -23.67 -40.61 -20.88
CA PRO F 59 -24.56 -41.73 -20.55
C PRO F 59 -25.12 -41.62 -19.14
N SER F 60 -26.28 -42.24 -18.95
CA SER F 60 -26.99 -42.17 -17.68
C SER F 60 -26.31 -42.94 -16.56
N ARG F 61 -25.25 -43.70 -16.87
CA ARG F 61 -24.54 -44.43 -15.83
C ARG F 61 -23.93 -43.49 -14.80
N PHE F 62 -23.37 -42.37 -15.25
CA PHE F 62 -22.71 -41.44 -14.35
C PHE F 62 -23.71 -40.66 -13.52
N SER F 63 -23.46 -40.61 -12.21
CA SER F 63 -24.28 -39.82 -11.29
C SER F 63 -23.35 -39.10 -10.32
N GLY F 64 -23.82 -37.98 -9.80
CA GLY F 64 -23.04 -37.20 -8.86
C GLY F 64 -23.90 -36.75 -7.68
N SER F 65 -23.25 -36.68 -6.53
CA SER F 65 -23.95 -36.31 -5.30
C SER F 65 -22.97 -35.65 -4.34
N GLY F 66 -23.52 -34.91 -3.39
CA GLY F 66 -22.76 -34.30 -2.33
C GLY F 66 -22.97 -32.80 -2.26
N SER F 67 -22.47 -32.22 -1.18
CA SER F 67 -22.52 -30.79 -0.93
C SER F 67 -21.62 -30.47 0.25
N GLY F 68 -21.06 -29.27 0.23
CA GLY F 68 -20.18 -28.83 1.31
C GLY F 68 -18.72 -29.09 1.03
N THR F 69 -18.18 -30.16 1.61
CA THR F 69 -16.77 -30.50 1.42
C THR F 69 -16.54 -31.93 0.95
N ASP F 70 -17.60 -32.72 0.74
CA ASP F 70 -17.47 -34.11 0.31
C ASP F 70 -18.33 -34.34 -0.91
N PHE F 71 -17.75 -34.98 -1.94
CA PHE F 71 -18.43 -35.19 -3.20
C PHE F 71 -18.13 -36.60 -3.71
N THR F 72 -19.02 -37.11 -4.56
CA THR F 72 -18.96 -38.49 -5.00
C THR F 72 -19.37 -38.60 -6.46
N LEU F 73 -18.62 -39.40 -7.22
CA LEU F 73 -18.96 -39.76 -8.59
C LEU F 73 -19.16 -41.27 -8.65
N THR F 74 -20.28 -41.70 -9.24
CA THR F 74 -20.67 -43.10 -9.24
C THR F 74 -20.98 -43.56 -10.65
N ILE F 75 -20.44 -44.72 -11.03
CA ILE F 75 -20.73 -45.37 -12.30
C ILE F 75 -21.51 -46.64 -11.99
N SER F 76 -22.76 -46.71 -12.47
CA SER F 76 -23.61 -47.85 -12.15
C SER F 76 -23.11 -49.12 -12.81
N SER F 77 -22.79 -49.06 -14.09
CA SER F 77 -22.22 -50.18 -14.81
C SER F 77 -20.99 -49.69 -15.57
N LEU F 78 -19.91 -50.47 -15.52
CA LEU F 78 -18.61 -50.04 -16.04
C LEU F 78 -18.39 -50.69 -17.40
N GLN F 79 -18.82 -50.00 -18.45
CA GLN F 79 -18.56 -50.46 -19.81
C GLN F 79 -17.07 -50.24 -20.15
N PRO F 80 -16.56 -50.96 -21.16
CA PRO F 80 -15.11 -50.92 -21.42
C PRO F 80 -14.57 -49.56 -21.79
N GLU F 81 -15.42 -48.62 -22.21
CA GLU F 81 -14.97 -47.28 -22.59
C GLU F 81 -15.04 -46.29 -21.44
N ASP F 82 -14.88 -46.75 -20.19
CA ASP F 82 -14.91 -45.88 -19.02
C ASP F 82 -13.66 -46.03 -18.17
N PHE F 83 -12.55 -46.47 -18.77
CA PHE F 83 -11.26 -46.51 -18.10
C PHE F 83 -10.49 -45.25 -18.49
N ALA F 84 -10.34 -44.33 -17.55
CA ALA F 84 -9.71 -43.04 -17.81
C ALA F 84 -9.31 -42.42 -16.48
N ILE F 85 -8.95 -41.14 -16.52
CA ILE F 85 -8.62 -40.36 -15.34
C ILE F 85 -9.74 -39.35 -15.11
N TYR F 86 -10.17 -39.22 -13.87
CA TYR F 86 -11.30 -38.37 -13.50
C TYR F 86 -10.83 -37.25 -12.58
N TYR F 87 -11.19 -36.02 -12.92
CA TYR F 87 -10.80 -34.83 -12.18
C TYR F 87 -12.03 -34.13 -11.62
N CYS F 88 -11.89 -33.61 -10.40
CA CYS F 88 -12.90 -32.74 -9.81
C CYS F 88 -12.37 -31.31 -9.76
N GLN F 89 -13.24 -30.36 -10.10
CA GLN F 89 -12.89 -28.95 -10.16
C GLN F 89 -13.89 -28.14 -9.36
N GLN F 90 -13.40 -27.09 -8.71
CA GLN F 90 -14.24 -26.18 -7.93
C GLN F 90 -14.48 -24.89 -8.70
N SER F 91 -15.72 -24.40 -8.62
CA SER F 91 -16.12 -23.19 -9.33
C SER F 91 -16.59 -22.09 -8.40
N TYR F 92 -16.38 -22.23 -7.09
CA TYR F 92 -16.89 -21.24 -6.15
C TYR F 92 -16.03 -19.97 -6.13
N VAL F 93 -14.72 -20.11 -6.30
CA VAL F 93 -13.81 -18.97 -6.28
C VAL F 93 -13.30 -18.72 -7.70
N SER F 94 -13.47 -17.50 -8.17
CA SER F 94 -13.13 -17.12 -9.54
C SER F 94 -12.25 -15.87 -9.51
N PRO F 95 -11.42 -15.67 -10.55
CA PRO F 95 -11.24 -16.49 -11.75
C PRO F 95 -10.24 -17.63 -11.59
N THR F 96 -9.75 -17.83 -10.37
CA THR F 96 -8.73 -18.85 -10.11
C THR F 96 -9.41 -20.18 -9.84
N TYR F 97 -9.62 -20.95 -10.91
CA TYR F 97 -10.21 -22.27 -10.81
C TYR F 97 -9.13 -23.32 -10.58
N THR F 98 -9.38 -24.26 -9.69
CA THR F 98 -8.42 -25.27 -9.31
C THR F 98 -8.98 -26.66 -9.59
N PHE F 99 -8.09 -27.57 -9.98
CA PHE F 99 -8.43 -28.95 -10.29
C PHE F 99 -7.90 -29.89 -9.23
N GLY F 100 -8.40 -31.12 -9.23
CA GLY F 100 -7.93 -32.15 -8.35
C GLY F 100 -6.79 -32.96 -8.96
N PRO F 101 -6.07 -33.72 -8.12
CA PRO F 101 -4.96 -34.52 -8.65
C PRO F 101 -5.37 -35.55 -9.69
N GLY F 102 -6.54 -36.15 -9.54
CA GLY F 102 -7.01 -37.12 -10.52
C GLY F 102 -7.02 -38.54 -9.98
N THR F 103 -8.02 -39.31 -10.38
CA THR F 103 -8.16 -40.70 -10.00
C THR F 103 -8.19 -41.55 -11.27
N LYS F 104 -7.35 -42.59 -11.30
CA LYS F 104 -7.23 -43.45 -12.46
C LYS F 104 -7.95 -44.77 -12.22
N VAL F 105 -8.76 -45.17 -13.19
CA VAL F 105 -9.54 -46.40 -13.11
C VAL F 105 -8.94 -47.41 -14.07
N ASP F 106 -8.47 -48.53 -13.54
CA ASP F 106 -7.85 -49.59 -14.32
C ASP F 106 -8.84 -50.74 -14.52
N ILE F 107 -8.37 -51.83 -15.13
CA ILE F 107 -9.20 -53.00 -15.41
C ILE F 107 -8.54 -54.22 -14.78
N LYS F 108 -9.33 -55.03 -14.08
CA LYS F 108 -8.84 -56.27 -13.52
C LYS F 108 -9.69 -57.44 -13.99
N THR G 15 -32.91 3.57 -16.53
CA THR G 15 -32.45 4.77 -17.25
C THR G 15 -31.80 5.75 -16.29
N ASN G 16 -31.23 5.24 -15.21
CA ASN G 16 -30.61 6.07 -14.18
C ASN G 16 -29.12 5.87 -14.01
N LEU G 17 -28.60 4.67 -14.28
CA LEU G 17 -27.19 4.33 -14.16
C LEU G 17 -26.76 4.29 -12.70
N CYS G 18 -26.05 3.23 -12.32
CA CYS G 18 -25.69 3.04 -10.92
C CYS G 18 -24.47 3.91 -10.56
N PRO G 19 -24.41 4.40 -9.32
CA PRO G 19 -23.32 5.29 -8.91
C PRO G 19 -22.08 4.54 -8.42
N PHE G 20 -21.48 3.77 -9.32
CA PHE G 20 -20.27 3.03 -8.96
C PHE G 20 -19.08 3.94 -8.76
N HIS G 21 -19.00 5.04 -9.51
CA HIS G 21 -17.84 5.91 -9.42
C HIS G 21 -17.80 6.69 -8.11
N GLU G 22 -18.93 6.81 -7.41
CA GLU G 22 -18.91 7.48 -6.12
C GLU G 22 -18.29 6.61 -5.03
N VAL G 23 -18.46 5.30 -5.12
CA VAL G 23 -17.85 4.39 -4.16
C VAL G 23 -16.35 4.31 -4.37
N PHE G 24 -15.90 4.23 -5.62
CA PHE G 24 -14.50 4.01 -5.94
C PHE G 24 -13.68 5.30 -5.93
N ASN G 25 -14.22 6.38 -6.50
CA ASN G 25 -13.51 7.64 -6.60
C ASN G 25 -13.87 8.60 -5.47
N ALA G 26 -14.17 8.08 -4.29
CA ALA G 26 -14.48 8.91 -3.13
C ALA G 26 -13.19 9.46 -2.52
N THR G 27 -13.30 10.65 -1.94
CA THR G 27 -12.13 11.29 -1.35
C THR G 27 -11.67 10.58 -0.09
N THR G 28 -12.61 10.28 0.81
CA THR G 28 -12.29 9.71 2.12
C THR G 28 -12.94 8.34 2.26
N PHE G 29 -12.16 7.38 2.74
CA PHE G 29 -12.65 6.04 3.04
C PHE G 29 -12.72 5.85 4.55
N ALA G 30 -13.68 5.03 4.99
CA ALA G 30 -13.93 4.85 6.40
C ALA G 30 -12.95 3.85 7.00
N SER G 31 -12.96 3.76 8.33
CA SER G 31 -12.12 2.83 9.06
C SER G 31 -12.71 1.42 9.00
N VAL G 32 -11.91 0.44 9.45
CA VAL G 32 -12.33 -0.96 9.35
C VAL G 32 -13.50 -1.23 10.28
N TYR G 33 -13.45 -0.72 11.51
CA TYR G 33 -14.48 -1.03 12.49
C TYR G 33 -15.77 -0.23 12.26
N ALA G 34 -15.79 0.69 11.31
CA ALA G 34 -17.00 1.37 10.85
C ALA G 34 -16.89 1.45 9.32
N TRP G 35 -17.46 0.46 8.63
CA TRP G 35 -17.06 0.16 7.26
C TRP G 35 -18.04 0.66 6.20
N ASN G 36 -18.98 1.54 6.55
CA ASN G 36 -19.66 2.42 5.59
C ASN G 36 -20.39 1.63 4.48
N ARG G 37 -21.45 0.95 4.88
CA ARG G 37 -22.31 0.28 3.91
C ARG G 37 -23.15 1.30 3.14
N LYS G 38 -23.28 1.07 1.83
CA LYS G 38 -24.16 1.84 0.96
C LYS G 38 -25.08 0.91 0.18
N ARG G 39 -26.28 1.41 -0.14
CA ARG G 39 -27.30 0.65 -0.85
C ARG G 39 -27.49 1.22 -2.25
N ILE G 40 -27.57 0.33 -3.23
CA ILE G 40 -27.74 0.70 -4.63
C ILE G 40 -28.91 -0.09 -5.20
N SER G 41 -29.88 0.61 -5.78
CA SER G 41 -31.05 -0.05 -6.34
C SER G 41 -31.69 0.83 -7.40
N ASN G 42 -32.47 0.20 -8.28
CA ASN G 42 -33.22 0.86 -9.34
C ASN G 42 -32.29 1.62 -10.30
N CYS G 43 -31.38 0.87 -10.91
CA CYS G 43 -30.44 1.47 -11.85
C CYS G 43 -29.92 0.40 -12.80
N VAL G 44 -29.30 0.86 -13.88
CA VAL G 44 -28.64 -0.02 -14.84
C VAL G 44 -27.17 -0.08 -14.47
N ALA G 45 -26.65 -1.30 -14.27
CA ALA G 45 -25.30 -1.51 -13.78
C ALA G 45 -24.38 -1.80 -14.96
N ASP G 46 -23.40 -0.92 -15.17
CA ASP G 46 -22.39 -1.09 -16.21
C ASP G 46 -21.06 -1.36 -15.53
N TYR G 47 -20.56 -2.59 -15.66
CA TYR G 47 -19.34 -3.01 -15.01
C TYR G 47 -18.11 -2.82 -15.88
N SER G 48 -18.25 -2.23 -17.05
CA SER G 48 -17.10 -1.97 -17.91
C SER G 48 -16.11 -1.03 -17.24
N VAL G 49 -16.59 -0.15 -16.38
CA VAL G 49 -15.69 0.77 -15.68
C VAL G 49 -14.79 0.01 -14.72
N ILE G 50 -15.32 -1.02 -14.08
CA ILE G 50 -14.51 -1.84 -13.19
C ILE G 50 -13.48 -2.63 -13.98
N TYR G 51 -13.87 -3.14 -15.15
CA TYR G 51 -12.94 -3.88 -16.01
C TYR G 51 -11.77 -3.01 -16.44
N ASN G 52 -12.07 -1.80 -16.92
CA ASN G 52 -11.06 -0.92 -17.51
C ASN G 52 -10.10 -0.35 -16.49
N PHE G 53 -10.35 -0.51 -15.20
CA PHE G 53 -9.49 0.08 -14.19
C PHE G 53 -8.11 -0.58 -14.22
N ALA G 54 -7.13 0.14 -13.68
CA ALA G 54 -5.75 -0.30 -13.73
C ALA G 54 -5.58 -1.63 -13.00
N PRO G 55 -4.57 -2.42 -13.40
CA PRO G 55 -4.38 -3.75 -12.79
C PRO G 55 -4.46 -3.73 -11.26
N PHE G 56 -5.46 -4.40 -10.73
CA PHE G 56 -5.76 -4.38 -9.31
C PHE G 56 -4.88 -5.36 -8.55
N PHE G 57 -4.59 -5.01 -7.29
CA PHE G 57 -3.87 -5.93 -6.42
C PHE G 57 -4.70 -7.18 -6.14
N ALA G 58 -6.02 -7.08 -6.22
CA ALA G 58 -6.89 -8.22 -6.01
C ALA G 58 -8.25 -7.95 -6.65
N PHE G 59 -8.77 -8.94 -7.35
CA PHE G 59 -10.13 -8.91 -7.87
C PHE G 59 -10.62 -10.36 -7.92
N LYS G 60 -11.36 -10.74 -6.89
CA LYS G 60 -11.89 -12.10 -6.77
C LYS G 60 -13.39 -12.05 -6.53
N CYS G 61 -14.12 -12.92 -7.23
CA CYS G 61 -15.56 -13.04 -7.07
C CYS G 61 -15.90 -14.43 -6.55
N TYR G 62 -16.98 -14.52 -5.78
CA TYR G 62 -17.39 -15.75 -5.13
C TYR G 62 -18.82 -16.07 -5.53
N GLY G 63 -19.03 -17.26 -6.10
CA GLY G 63 -20.35 -17.71 -6.50
C GLY G 63 -20.83 -17.18 -7.83
N VAL G 64 -20.15 -16.19 -8.41
CA VAL G 64 -20.52 -15.61 -9.69
C VAL G 64 -19.25 -15.38 -10.48
N SER G 65 -19.27 -15.72 -11.77
CA SER G 65 -18.13 -15.46 -12.62
C SER G 65 -18.03 -13.95 -12.91
N PRO G 66 -16.82 -13.38 -12.88
CA PRO G 66 -16.69 -11.97 -13.24
C PRO G 66 -17.14 -11.66 -14.66
N THR G 67 -16.95 -12.60 -15.59
CA THR G 67 -17.31 -12.37 -16.98
C THR G 67 -18.82 -12.40 -17.19
N LYS G 68 -19.57 -13.01 -16.27
CA LYS G 68 -21.01 -13.14 -16.44
C LYS G 68 -21.79 -12.01 -15.79
N LEU G 69 -21.12 -11.03 -15.21
CA LEU G 69 -21.80 -9.78 -14.89
C LEU G 69 -22.18 -9.07 -16.17
N ASN G 70 -23.12 -8.12 -16.05
CA ASN G 70 -23.81 -7.43 -17.14
C ASN G 70 -24.87 -8.32 -17.77
N ASP G 71 -25.00 -9.56 -17.33
CA ASP G 71 -26.04 -10.46 -17.82
C ASP G 71 -26.85 -11.05 -16.67
N LEU G 72 -26.80 -10.42 -15.50
CA LEU G 72 -27.48 -10.91 -14.31
C LEU G 72 -28.27 -9.77 -13.68
N CYS G 73 -29.41 -10.12 -13.09
CA CYS G 73 -30.30 -9.18 -12.44
C CYS G 73 -30.38 -9.49 -10.95
N PHE G 74 -30.37 -8.44 -10.14
CA PHE G 74 -30.42 -8.58 -8.69
C PHE G 74 -31.41 -7.59 -8.11
N THR G 75 -31.84 -7.87 -6.88
CA THR G 75 -32.78 -6.98 -6.20
C THR G 75 -32.05 -5.78 -5.59
N ASN G 76 -31.01 -6.04 -4.81
CA ASN G 76 -30.22 -4.98 -4.20
C ASN G 76 -28.74 -5.30 -4.38
N VAL G 77 -27.91 -4.25 -4.38
CA VAL G 77 -26.47 -4.38 -4.40
C VAL G 77 -25.90 -3.49 -3.30
N TYR G 78 -25.21 -4.10 -2.35
CA TYR G 78 -24.59 -3.37 -1.25
C TYR G 78 -23.12 -3.15 -1.53
N ALA G 79 -22.62 -1.98 -1.14
CA ALA G 79 -21.21 -1.64 -1.30
C ALA G 79 -20.65 -1.22 0.05
N ASP G 80 -19.60 -1.92 0.50
CA ASP G 80 -18.94 -1.63 1.75
C ASP G 80 -17.49 -1.28 1.46
N SER G 81 -17.02 -0.16 2.00
CA SER G 81 -15.70 0.35 1.72
C SER G 81 -14.96 0.67 3.01
N PHE G 82 -13.69 0.32 3.07
CA PHE G 82 -12.84 0.58 4.23
C PHE G 82 -11.39 0.48 3.79
N VAL G 83 -10.49 0.82 4.71
CA VAL G 83 -9.05 0.81 4.45
C VAL G 83 -8.38 -0.10 5.46
N ILE G 84 -7.59 -1.06 4.96
CA ILE G 84 -6.79 -1.95 5.78
C ILE G 84 -5.34 -1.90 5.28
N ARG G 85 -4.47 -2.65 5.94
CA ARG G 85 -3.08 -2.70 5.53
C ARG G 85 -2.85 -3.87 4.57
N GLY G 86 -1.62 -3.94 4.05
CA GLY G 86 -1.36 -4.81 2.91
C GLY G 86 -1.54 -6.28 3.20
N ASN G 87 -0.98 -6.76 4.32
CA ASN G 87 -1.00 -8.18 4.63
C ASN G 87 -2.27 -8.63 5.33
N GLU G 88 -3.33 -7.82 5.29
CA GLU G 88 -4.63 -8.19 5.82
C GLU G 88 -5.69 -8.34 4.73
N VAL G 89 -5.32 -8.16 3.47
CA VAL G 89 -6.29 -8.27 2.38
C VAL G 89 -6.79 -9.70 2.25
N SER G 90 -5.93 -10.68 2.52
CA SER G 90 -6.32 -12.09 2.38
C SER G 90 -7.40 -12.49 3.37
N GLN G 91 -7.64 -11.70 4.41
CA GLN G 91 -8.70 -12.01 5.37
C GLN G 91 -10.08 -11.60 4.88
N ILE G 92 -10.18 -10.84 3.81
CA ILE G 92 -11.49 -10.43 3.27
C ILE G 92 -11.88 -11.51 2.27
N ALA G 93 -12.44 -12.60 2.80
CA ALA G 93 -12.81 -13.78 2.03
C ALA G 93 -13.65 -14.71 2.89
N PRO G 94 -14.57 -15.47 2.30
CA PRO G 94 -15.36 -16.41 3.09
C PRO G 94 -14.50 -17.46 3.79
N GLY G 95 -14.90 -17.81 5.00
CA GLY G 95 -14.21 -18.85 5.76
C GLY G 95 -12.79 -18.49 6.13
N GLN G 96 -12.56 -17.25 6.55
CA GLN G 96 -11.23 -16.79 6.91
C GLN G 96 -11.18 -16.42 8.39
N THR G 97 -9.99 -16.50 8.96
CA THR G 97 -9.79 -16.29 10.40
C THR G 97 -8.63 -15.34 10.61
N GLY G 98 -8.82 -14.37 11.49
CA GLY G 98 -7.78 -13.39 11.78
C GLY G 98 -8.36 -12.24 12.57
N ASN G 99 -7.48 -11.28 12.87
CA ASN G 99 -7.91 -10.14 13.68
C ASN G 99 -8.97 -9.31 12.97
N ILE G 100 -8.81 -9.10 11.66
CA ILE G 100 -9.81 -8.35 10.90
C ILE G 100 -11.09 -9.15 10.75
N ALA G 101 -10.97 -10.45 10.47
CA ALA G 101 -12.16 -11.27 10.23
C ALA G 101 -12.95 -11.51 11.51
N ASP G 102 -12.28 -11.54 12.66
CA ASP G 102 -12.95 -11.87 13.92
C ASP G 102 -13.53 -10.65 14.62
N TYR G 103 -12.88 -9.48 14.51
CA TYR G 103 -13.26 -8.33 15.30
C TYR G 103 -13.76 -7.13 14.47
N ASN G 104 -13.48 -7.09 13.17
CA ASN G 104 -13.81 -5.91 12.37
C ASN G 104 -14.84 -6.21 11.28
N TYR G 105 -14.59 -7.17 10.40
CA TYR G 105 -15.46 -7.39 9.25
C TYR G 105 -15.48 -8.87 8.92
N LYS G 106 -16.67 -9.48 8.94
CA LYS G 106 -16.84 -10.91 8.71
C LYS G 106 -17.76 -11.12 7.51
N LEU G 107 -17.34 -12.00 6.60
CA LEU G 107 -18.15 -12.41 5.46
C LEU G 107 -18.74 -13.79 5.69
N PRO G 108 -19.96 -14.05 5.23
CA PRO G 108 -20.56 -15.37 5.40
C PRO G 108 -19.86 -16.42 4.55
N ASP G 109 -20.01 -17.67 4.98
CA ASP G 109 -19.38 -18.78 4.26
C ASP G 109 -20.03 -19.02 2.91
N ASP G 110 -21.31 -18.67 2.76
CA ASP G 110 -22.04 -18.80 1.50
C ASP G 110 -22.13 -17.47 0.77
N PHE G 111 -21.08 -16.67 0.85
CA PHE G 111 -21.10 -15.32 0.29
C PHE G 111 -21.18 -15.35 -1.23
N THR G 112 -21.93 -14.40 -1.79
CA THR G 112 -22.05 -14.22 -3.24
C THR G 112 -21.72 -12.77 -3.55
N GLY G 113 -20.57 -12.54 -4.17
CA GLY G 113 -20.15 -11.20 -4.49
C GLY G 113 -18.71 -11.16 -4.93
N CYS G 114 -18.16 -9.94 -4.98
CA CYS G 114 -16.81 -9.70 -5.45
C CYS G 114 -16.07 -8.79 -4.48
N VAL G 115 -14.75 -8.95 -4.43
CA VAL G 115 -13.87 -8.15 -3.57
C VAL G 115 -12.82 -7.49 -4.45
N ILE G 116 -12.68 -6.18 -4.32
CA ILE G 116 -11.73 -5.39 -5.10
C ILE G 116 -10.84 -4.62 -4.13
N ALA G 117 -9.52 -4.66 -4.36
CA ALA G 117 -8.57 -3.95 -3.52
C ALA G 117 -7.46 -3.37 -4.38
N TRP G 118 -7.02 -2.16 -4.06
CA TRP G 118 -5.93 -1.52 -4.76
C TRP G 118 -5.13 -0.66 -3.79
N ASN G 119 -3.84 -0.50 -4.08
CA ASN G 119 -2.94 0.27 -3.23
C ASN G 119 -3.30 1.75 -3.28
N SER G 120 -3.19 2.41 -2.12
CA SER G 120 -3.51 3.83 -2.00
C SER G 120 -2.44 4.54 -1.19
N ASN G 121 -1.17 4.20 -1.43
CA ASN G 121 -0.08 4.79 -0.67
C ASN G 121 0.05 6.29 -0.93
N LYS G 122 -0.22 6.73 -2.16
CA LYS G 122 -0.08 8.14 -2.51
C LYS G 122 -1.17 9.01 -1.90
N LEU G 123 -2.23 8.41 -1.35
CA LEU G 123 -3.39 9.15 -0.86
C LEU G 123 -3.55 9.12 0.65
N ASP G 124 -3.26 7.98 1.29
CA ASP G 124 -3.54 7.78 2.71
C ASP G 124 -2.28 7.66 3.56
N SER G 125 -1.17 8.19 3.10
CA SER G 125 0.09 8.10 3.81
C SER G 125 0.70 9.49 3.98
N LYS G 126 1.26 9.74 5.16
CA LYS G 126 1.90 11.01 5.47
C LYS G 126 3.31 10.77 6.00
N PRO G 127 4.24 11.67 5.72
CA PRO G 127 5.62 11.46 6.19
C PRO G 127 5.76 11.37 7.70
N SER G 128 4.98 12.16 8.44
CA SER G 128 5.00 12.05 9.89
C SER G 128 4.22 10.85 10.39
N GLY G 129 3.15 10.48 9.69
CA GLY G 129 2.31 9.37 10.10
C GLY G 129 0.83 9.73 10.11
N ASN G 130 0.01 8.90 9.47
CA ASN G 130 -1.43 9.13 9.41
C ASN G 130 -2.10 8.26 10.47
N TYR G 131 -2.68 8.91 11.48
CA TYR G 131 -3.30 8.21 12.59
C TYR G 131 -4.83 8.32 12.56
N ASN G 132 -5.40 8.59 11.39
CA ASN G 132 -6.84 8.70 11.27
C ASN G 132 -7.55 7.37 11.08
N TYR G 133 -6.81 6.30 10.80
CA TYR G 133 -7.40 4.98 10.55
C TYR G 133 -7.15 4.07 11.73
N LEU G 134 -8.22 3.44 12.22
CA LEU G 134 -8.17 2.61 13.41
C LEU G 134 -8.76 1.24 13.12
N TYR G 135 -8.40 0.27 13.97
CA TYR G 135 -8.98 -1.06 13.92
C TYR G 135 -9.11 -1.60 15.34
N ARG G 136 -10.03 -2.54 15.51
CA ARG G 136 -10.28 -3.15 16.81
C ARG G 136 -9.37 -4.36 17.00
N LEU G 137 -8.77 -4.47 18.17
CA LEU G 137 -7.82 -5.54 18.48
C LEU G 137 -8.19 -6.32 19.74
N PHE G 138 -9.44 -6.18 20.20
CA PHE G 138 -9.87 -6.83 21.43
C PHE G 138 -11.38 -6.96 21.41
N ARG G 139 -11.88 -8.16 21.66
CA ARG G 139 -13.31 -8.40 21.77
C ARG G 139 -13.53 -9.71 22.51
N LYS G 140 -14.66 -9.82 23.20
CA LYS G 140 -14.96 -11.02 23.96
C LYS G 140 -15.37 -12.18 23.08
N SER G 141 -16.10 -11.91 21.99
CA SER G 141 -16.57 -12.96 21.09
C SER G 141 -16.43 -12.48 19.65
N LYS G 142 -16.43 -13.44 18.74
CA LYS G 142 -16.28 -13.14 17.32
C LYS G 142 -17.56 -12.58 16.74
N LEU G 143 -17.41 -11.76 15.71
CA LEU G 143 -18.55 -11.11 15.07
C LEU G 143 -19.32 -12.07 14.21
N LYS G 144 -20.63 -11.87 14.16
CA LYS G 144 -21.48 -12.53 13.19
C LYS G 144 -21.32 -11.85 11.84
N PRO G 145 -21.66 -12.52 10.74
CA PRO G 145 -21.51 -11.91 9.42
C PRO G 145 -22.30 -10.61 9.30
N PHE G 146 -21.66 -9.61 8.68
CA PHE G 146 -22.25 -8.30 8.46
C PHE G 146 -22.72 -7.66 9.76
N GLU G 147 -21.81 -7.58 10.73
CA GLU G 147 -22.08 -6.98 12.03
C GLU G 147 -21.03 -5.93 12.34
N ARG G 148 -21.48 -4.81 12.91
CA ARG G 148 -20.59 -3.71 13.24
C ARG G 148 -20.56 -3.48 14.75
N ASP G 149 -19.43 -2.98 15.23
CA ASP G 149 -19.24 -2.68 16.65
C ASP G 149 -18.40 -1.42 16.75
N ILE G 150 -19.04 -0.30 17.10
CA ILE G 150 -18.36 0.99 17.21
C ILE G 150 -18.19 1.41 18.66
N SER G 151 -18.40 0.51 19.62
CA SER G 151 -18.25 0.84 21.02
C SER G 151 -16.78 1.07 21.37
N THR G 152 -16.55 1.93 22.36
CA THR G 152 -15.20 2.29 22.78
C THR G 152 -15.02 2.06 24.29
N GLU G 153 -15.70 1.05 24.84
CA GLU G 153 -15.54 0.73 26.25
C GLU G 153 -14.18 0.11 26.51
N ILE G 154 -13.70 0.28 27.75
CA ILE G 154 -12.40 -0.27 28.14
C ILE G 154 -12.52 -1.78 28.30
N TYR G 155 -11.54 -2.50 27.75
CA TYR G 155 -11.57 -3.96 27.72
C TYR G 155 -10.88 -4.51 28.97
N GLN G 156 -11.57 -5.41 29.66
CA GLN G 156 -11.07 -6.01 30.90
C GLN G 156 -10.44 -7.36 30.58
N ALA G 157 -9.20 -7.54 31.04
CA ALA G 157 -8.47 -8.79 30.85
C ALA G 157 -8.04 -9.41 32.18
N GLY G 158 -8.50 -8.88 33.31
CA GLY G 158 -8.12 -9.40 34.60
C GLY G 158 -9.30 -9.68 35.50
N ASN G 159 -9.04 -9.90 36.78
CA ASN G 159 -10.08 -10.17 37.77
C ASN G 159 -10.65 -8.93 38.41
N LYS G 160 -10.07 -7.76 38.17
CA LYS G 160 -10.51 -6.53 38.79
C LYS G 160 -11.03 -5.56 37.74
N PRO G 161 -12.25 -5.04 37.89
CA PRO G 161 -12.77 -4.07 36.92
C PRO G 161 -12.03 -2.74 37.04
N CYS G 162 -12.11 -1.96 35.97
CA CYS G 162 -11.44 -0.67 35.94
C CYS G 162 -12.37 0.53 35.91
N ASN G 163 -13.68 0.33 35.74
CA ASN G 163 -14.67 1.41 35.80
C ASN G 163 -14.35 2.52 34.81
N GLY G 164 -13.96 2.14 33.59
CA GLY G 164 -13.71 3.10 32.54
C GLY G 164 -12.40 3.84 32.65
N VAL G 165 -11.42 3.30 33.36
CA VAL G 165 -10.11 3.91 33.51
C VAL G 165 -9.06 2.95 32.98
N ALA G 166 -8.23 3.41 32.05
CA ALA G 166 -7.18 2.56 31.50
C ALA G 166 -6.08 2.32 32.52
N GLY G 167 -5.40 1.19 32.38
CA GLY G 167 -4.34 0.82 33.28
C GLY G 167 -3.91 -0.62 33.09
N PRO G 168 -3.34 -1.22 34.13
CA PRO G 168 -2.93 -2.63 34.04
C PRO G 168 -4.14 -3.53 33.80
N ASN G 169 -3.99 -4.45 32.84
CA ASN G 169 -5.03 -5.40 32.45
C ASN G 169 -6.32 -4.73 32.01
N CYS G 170 -6.23 -3.46 31.60
CA CYS G 170 -7.38 -2.72 31.08
C CYS G 170 -6.90 -1.88 29.92
N TYR G 171 -7.36 -2.19 28.71
CA TYR G 171 -6.81 -1.61 27.50
C TYR G 171 -7.91 -1.02 26.63
N SER G 172 -7.56 0.03 25.90
CA SER G 172 -8.44 0.54 24.87
C SER G 172 -8.54 -0.47 23.73
N PRO G 173 -9.73 -0.71 23.19
CA PRO G 173 -9.90 -1.73 22.16
C PRO G 173 -9.58 -1.29 20.74
N LEU G 174 -9.00 -0.11 20.55
CA LEU G 174 -8.72 0.39 19.20
C LEU G 174 -7.26 0.79 19.09
N GLN G 175 -6.69 0.57 17.90
CA GLN G 175 -5.31 0.88 17.62
C GLN G 175 -5.22 1.54 16.25
N SER G 176 -4.26 2.46 16.11
CA SER G 176 -4.04 3.18 14.86
C SER G 176 -3.02 2.45 13.99
N TYR G 177 -3.03 2.78 12.70
CA TYR G 177 -2.12 2.18 11.73
C TYR G 177 -0.81 2.97 11.62
N GLY G 178 -0.89 4.29 11.53
CA GLY G 178 0.30 5.10 11.38
C GLY G 178 1.02 4.90 10.07
N PHE G 179 0.30 4.99 8.96
CA PHE G 179 0.88 4.77 7.65
C PHE G 179 1.95 5.79 7.33
N ARG G 180 3.09 5.33 6.83
CA ARG G 180 4.19 6.16 6.40
C ARG G 180 4.65 5.73 5.01
N PRO G 181 5.11 6.68 4.19
CA PRO G 181 5.44 6.34 2.78
C PRO G 181 6.61 5.39 2.63
N THR G 182 7.47 5.26 3.63
CA THR G 182 8.68 4.46 3.52
C THR G 182 8.46 3.00 3.91
N TYR G 183 7.25 2.63 4.31
CA TYR G 183 6.97 1.24 4.69
C TYR G 183 6.97 0.35 3.46
N GLY G 184 7.08 -0.95 3.70
CA GLY G 184 6.98 -1.92 2.63
C GLY G 184 5.55 -2.13 2.18
N VAL G 185 5.41 -2.93 1.13
CA VAL G 185 4.10 -3.15 0.51
C VAL G 185 3.14 -3.80 1.50
N GLY G 186 3.64 -4.62 2.42
CA GLY G 186 2.80 -5.29 3.38
C GLY G 186 2.26 -4.42 4.50
N HIS G 187 2.76 -3.18 4.63
CA HIS G 187 2.28 -2.26 5.66
C HIS G 187 1.70 -0.98 5.07
N GLN G 188 1.49 -0.92 3.76
CA GLN G 188 0.97 0.26 3.09
C GLN G 188 -0.56 0.21 3.04
N PRO G 189 -1.21 1.37 2.93
CA PRO G 189 -2.67 1.39 2.90
C PRO G 189 -3.23 0.71 1.66
N TYR G 190 -4.41 0.12 1.83
CA TYR G 190 -5.16 -0.46 0.71
C TYR G 190 -6.62 -0.09 0.86
N ARG G 191 -7.25 0.25 -0.25
CA ARG G 191 -8.67 0.57 -0.27
C ARG G 191 -9.44 -0.63 -0.81
N VAL G 192 -10.45 -1.07 -0.06
CA VAL G 192 -11.16 -2.31 -0.32
C VAL G 192 -12.64 -1.99 -0.52
N VAL G 193 -13.21 -2.50 -1.60
CA VAL G 193 -14.65 -2.40 -1.87
C VAL G 193 -15.17 -3.82 -2.04
N VAL G 194 -16.18 -4.18 -1.25
CA VAL G 194 -16.83 -5.48 -1.33
C VAL G 194 -18.26 -5.28 -1.78
N LEU G 195 -18.66 -5.98 -2.83
CA LEU G 195 -20.00 -5.91 -3.39
C LEU G 195 -20.77 -7.18 -3.04
N SER G 196 -21.93 -7.02 -2.44
CA SER G 196 -22.78 -8.13 -2.06
C SER G 196 -24.02 -8.12 -2.94
N PHE G 197 -24.25 -9.23 -3.64
CA PHE G 197 -25.39 -9.36 -4.55
C PHE G 197 -26.49 -10.14 -3.85
N GLU G 198 -27.67 -9.53 -3.77
CA GLU G 198 -28.81 -10.12 -3.09
C GLU G 198 -29.94 -10.31 -4.09
N LEU G 199 -30.47 -11.53 -4.16
CA LEU G 199 -31.64 -11.82 -4.98
C LEU G 199 -32.70 -12.47 -4.10
N LEU G 200 -33.93 -11.95 -4.18
CA LEU G 200 -35.02 -12.45 -3.35
C LEU G 200 -36.27 -12.66 -4.20
N HIS G 201 -37.40 -12.95 -3.54
CA HIS G 201 -38.66 -13.13 -4.25
C HIS G 201 -39.20 -11.84 -4.85
N ALA G 202 -38.68 -10.69 -4.44
CA ALA G 202 -39.12 -9.42 -4.98
C ALA G 202 -38.63 -9.27 -6.42
N PRO G 203 -39.29 -8.41 -7.20
CA PRO G 203 -38.82 -8.16 -8.57
C PRO G 203 -37.42 -7.54 -8.58
N ALA G 204 -36.65 -7.90 -9.60
CA ALA G 204 -35.29 -7.39 -9.73
C ALA G 204 -35.30 -5.90 -10.04
N THR G 205 -34.33 -5.18 -9.46
CA THR G 205 -34.19 -3.75 -9.66
C THR G 205 -32.87 -3.35 -10.30
N VAL G 206 -31.81 -4.12 -10.10
CA VAL G 206 -30.50 -3.83 -10.66
C VAL G 206 -30.21 -4.85 -11.75
N CYS G 207 -29.98 -4.36 -12.97
CA CYS G 207 -29.69 -5.23 -14.10
C CYS G 207 -28.62 -4.58 -14.97
N GLY G 208 -27.93 -5.42 -15.74
CA GLY G 208 -26.93 -4.96 -16.65
C GLY G 208 -27.53 -4.48 -17.95
N PRO G 209 -26.71 -3.90 -18.83
CA PRO G 209 -27.16 -3.40 -20.13
C PRO G 209 -27.70 -4.51 -21.03
C1 NAG H . -12.59 7.22 -11.40
C2 NAG H . -13.34 6.22 -12.28
C3 NAG H . -12.45 5.78 -13.44
C4 NAG H . -11.91 6.99 -14.20
C5 NAG H . -11.26 7.98 -13.24
C6 NAG H . -10.88 9.28 -13.92
C7 NAG H . -14.92 4.41 -11.79
C8 NAG H . -15.22 3.25 -10.90
N2 NAG H . -13.78 5.07 -11.52
O3 NAG H . -13.19 4.94 -14.32
O4 NAG H . -10.93 6.56 -15.14
O5 NAG H . -12.16 8.32 -12.19
O6 NAG H . -12.05 10.01 -14.30
O7 NAG H . -15.66 4.76 -12.70
C1 NAG H . -11.36 6.81 -16.49
C2 NAG H . -10.14 6.69 -17.41
C3 NAG H . -10.55 6.90 -18.86
C4 NAG H . -11.68 5.95 -19.24
C5 NAG H . -12.84 6.10 -18.25
C6 NAG H . -13.95 5.10 -18.49
C7 NAG H . -8.12 7.34 -16.19
C8 NAG H . -7.14 8.44 -15.92
N2 NAG H . -9.11 7.64 -17.03
O3 NAG H . -9.43 6.66 -19.70
O4 NAG H . -12.15 6.23 -20.55
O5 NAG H . -12.37 5.89 -16.91
O6 NAG H . -13.51 3.77 -18.28
O7 NAG H . -8.02 6.25 -15.67
C1 FUC H . -11.70 11.02 -15.25
C2 FUC H . -12.88 11.18 -16.22
C3 FUC H . -14.10 11.73 -15.50
C4 FUC H . -13.75 13.04 -14.78
C5 FUC H . -12.55 12.81 -13.87
C6 FUC H . -12.04 14.09 -13.24
O2 FUC H . -13.19 9.97 -16.89
O3 FUC H . -15.13 12.03 -16.44
O4 FUC H . -13.46 14.04 -15.72
O5 FUC H . -11.44 12.24 -14.59
#